data_3A22
#
_entry.id   3A22
#
_cell.length_a   68.341
_cell.length_b   99.283
_cell.length_c   182.026
_cell.angle_alpha   90.00
_cell.angle_beta   90.00
_cell.angle_gamma   90.00
#
_symmetry.space_group_name_H-M   'P 21 21 21'
#
loop_
_entity.id
_entity.type
_entity.pdbx_description
1 polymer 'Putative secreted alpha-galactosidase'
2 non-polymer alpha-L-arabinopyranose
3 non-polymer GLYCEROL
4 non-polymer 2-(2-{2-[2-(2-METHOXY-ETHOXY)-ETHOXY]-ETHOXY}-ETHOXY)-ETHANOL
5 non-polymer 'SULFATE ION'
6 non-polymer '4-(2-HYDROXYETHYL)-1-PIPERAZINE ETHANESULFONIC ACID'
7 water water
#
_entity_poly.entity_id   1
_entity_poly.type   'polypeptide(L)'
_entity_poly.pdbx_seq_one_letter_code
;AVTTRQITVPSAPMGWASWNSFAAKIDYSVIKKQVDAFVAAGLPAAGYTYINIDEGWWQGTRDSAGNITVDTAEWPGGMS
AITAYIHSKGLKAGIYTDAGKDGCGYYYPTGRPAAPGSGSEGHYDQDMLQFSTWGFDFVKVDWCGGDAEGLDAATTYKSI
SDAVGRAAATTGRPLTLSICNWGYQNPWNWAAGQAPLWRTSTDIIYYGNQPSMTSLLSNFDQTLHPTAQHTGYYNDPDML
MVGMDGFTAAQNRTHMNLWAISGAPLLAGNDLTTMTSETAGILKNPEVIAVDQDSRGLQGVKVAEDTTGLQAYGKVLSGT
GNRAVVLLNRTSAAHDITVRWSDLGLTNASATVRDLWARQNVGTSATGYTASVPAGGSVMLTVTGGTEAAGGAYAATSTG
RYTGVTAASTGLNVVDVAYTNNTSSARTATLQVNGQTATTVSFPPTGASAGTVSVEVSLSKGSANTLALSGGPATEGITV
RPLPGTNGALVTGKQSGRCADIYNNTITNGTQAELWDCNGGPNQSWTYTSRKELVLYGNKCLDAYNLGTTNGTKVVIWDC
NGQANQKWNINSDGTITNVNAGLCLDAYNAATANGTSLVLWSCGTGDNQKWTVT
;
_entity_poly.pdbx_strand_id   A,B
#
loop_
_chem_comp.id
_chem_comp.type
_chem_comp.name
_chem_comp.formula
1PG non-polymer 2-(2-{2-[2-(2-METHOXY-ETHOXY)-ETHOXY]-ETHOXY}-ETHOXY)-ETHANOL 'C11 H24 O6'
ARA L-saccharide, alpha linking alpha-L-arabinopyranose 'C5 H10 O5'
EPE non-polymer '4-(2-HYDROXYETHYL)-1-PIPERAZINE ETHANESULFONIC ACID' 'C8 H18 N2 O4 S'
GOL non-polymer GLYCEROL 'C3 H8 O3'
SO4 non-polymer 'SULFATE ION' 'O4 S -2'
#
# COMPACT_ATOMS: atom_id res chain seq x y z
N ALA A 1 12.05 44.04 -21.02
CA ALA A 1 12.67 44.26 -19.68
C ALA A 1 11.65 44.13 -18.54
N VAL A 2 12.12 44.33 -17.30
CA VAL A 2 11.28 44.57 -16.13
C VAL A 2 10.67 45.97 -16.29
N THR A 3 9.36 46.05 -16.52
CA THR A 3 8.69 47.33 -16.83
C THR A 3 7.59 47.72 -15.84
N THR A 4 7.01 46.74 -15.12
CA THR A 4 6.06 47.01 -14.02
C THR A 4 6.64 46.37 -12.77
N ARG A 5 6.72 47.11 -11.67
CA ARG A 5 7.38 46.55 -10.50
C ARG A 5 6.58 45.44 -9.82
N GLN A 6 7.31 44.43 -9.30
CA GLN A 6 6.71 43.39 -8.49
C GLN A 6 6.49 43.90 -7.05
N ILE A 7 5.26 43.75 -6.57
CA ILE A 7 4.89 44.14 -5.21
C ILE A 7 5.17 42.99 -4.24
N THR A 8 5.89 43.31 -3.16
CA THR A 8 6.27 42.30 -2.17
C THR A 8 5.03 41.85 -1.43
N VAL A 9 4.88 40.53 -1.27
CA VAL A 9 3.78 39.99 -0.48
C VAL A 9 4.27 39.46 0.88
N PRO A 10 3.36 39.34 1.85
CA PRO A 10 3.80 38.89 3.18
C PRO A 10 4.44 37.50 3.13
N SER A 11 5.51 37.30 3.93
CA SER A 11 6.21 36.00 4.07
C SER A 11 5.52 35.07 5.07
N ALA A 12 5.89 33.77 5.05
CA ALA A 12 5.43 32.84 6.09
C ALA A 12 6.06 33.19 7.46
N PRO A 13 5.34 32.89 8.55
CA PRO A 13 5.88 33.12 9.88
C PRO A 13 7.21 32.42 10.11
N MET A 14 8.09 33.10 10.84
CA MET A 14 9.31 32.49 11.35
C MET A 14 9.28 32.64 12.85
N GLY A 15 9.79 31.64 13.56
CA GLY A 15 9.80 31.72 15.00
C GLY A 15 10.11 30.38 15.64
N TRP A 16 9.55 30.17 16.83
CA TRP A 16 9.74 28.93 17.61
C TRP A 16 8.41 28.56 18.24
N ALA A 17 8.14 27.26 18.39
CA ALA A 17 6.93 26.78 19.05
C ALA A 17 7.21 25.60 20.00
N SER A 18 6.40 25.51 21.04
CA SER A 18 6.70 24.68 22.20
C SER A 18 6.40 23.17 22.06
N TRP A 19 5.61 22.81 21.05
CA TRP A 19 5.08 21.45 20.93
C TRP A 19 6.13 20.34 20.76
N ASN A 20 6.97 20.44 19.74
CA ASN A 20 7.84 19.31 19.34
C ASN A 20 8.75 18.81 20.48
N SER A 21 9.27 19.72 21.29
CA SER A 21 10.23 19.34 22.34
C SER A 21 9.61 19.16 23.73
N PHE A 22 8.46 19.77 23.97
CA PHE A 22 7.89 19.75 25.33
C PHE A 22 6.51 19.11 25.47
N ALA A 23 5.84 18.90 24.33
CA ALA A 23 4.45 18.44 24.35
C ALA A 23 3.66 19.39 25.27
N ALA A 24 2.73 18.86 26.07
CA ALA A 24 1.93 19.75 26.94
C ALA A 24 2.64 20.19 28.23
N LYS A 25 3.88 19.73 28.41
CA LYS A 25 4.68 20.06 29.60
C LYS A 25 5.32 21.44 29.53
N ILE A 26 4.44 22.45 29.53
CA ILE A 26 4.84 23.86 29.45
C ILE A 26 4.24 24.67 30.58
N ASP A 27 4.94 25.74 30.92
CA ASP A 27 4.50 26.75 31.87
C ASP A 27 5.36 28.00 31.61
N TYR A 28 5.10 29.06 32.36
CA TYR A 28 5.84 30.30 32.18
C TYR A 28 7.36 30.11 32.13
N SER A 29 7.93 29.33 33.04
CA SER A 29 9.38 29.19 33.13
C SER A 29 9.96 28.47 31.90
N VAL A 30 9.23 27.47 31.39
CA VAL A 30 9.64 26.79 30.16
C VAL A 30 9.73 27.79 29.00
N ILE A 31 8.70 28.61 28.83
CA ILE A 31 8.67 29.54 27.71
C ILE A 31 9.79 30.61 27.89
N LYS A 32 9.94 31.15 29.10
CA LYS A 32 10.96 32.17 29.37
C LYS A 32 12.38 31.67 29.04
N LYS A 33 12.73 30.45 29.43
CA LYS A 33 14.06 29.91 29.14
C LYS A 33 14.28 29.79 27.64
N GLN A 34 13.21 29.43 26.91
CA GLN A 34 13.32 29.29 25.46
C GLN A 34 13.49 30.64 24.79
N VAL A 35 12.77 31.64 25.29
CA VAL A 35 12.91 33.00 24.79
C VAL A 35 14.34 33.51 24.96
N ASP A 36 14.92 33.25 26.14
CA ASP A 36 16.29 33.72 26.42
C ASP A 36 17.33 33.06 25.52
N ALA A 37 17.18 31.76 25.28
CA ALA A 37 18.05 31.01 24.38
C ALA A 37 17.93 31.44 22.90
N PHE A 38 16.68 31.65 22.46
CA PHE A 38 16.29 32.24 21.16
C PHE A 38 17.04 33.56 20.93
N VAL A 39 16.90 34.48 21.89
CA VAL A 39 17.64 35.75 21.86
C VAL A 39 19.17 35.52 21.89
N ALA A 40 19.66 34.68 22.80
CA ALA A 40 21.11 34.52 22.93
C ALA A 40 21.72 33.94 21.67
N ALA A 41 20.96 33.12 20.95
CA ALA A 41 21.44 32.48 19.71
C ALA A 41 21.41 33.40 18.50
N GLY A 42 20.89 34.60 18.66
CA GLY A 42 20.80 35.59 17.57
C GLY A 42 19.71 35.29 16.56
N LEU A 43 18.73 34.49 16.97
CA LEU A 43 17.63 34.14 16.07
C LEU A 43 16.85 35.36 15.58
N PRO A 44 16.60 36.36 16.47
CA PRO A 44 15.79 37.50 16.01
C PRO A 44 16.37 38.25 14.80
N ALA A 45 17.69 38.48 14.79
CA ALA A 45 18.35 39.17 13.68
C ALA A 45 18.28 38.39 12.36
N ALA A 46 18.18 37.06 12.43
CA ALA A 46 17.97 36.22 11.24
C ALA A 46 16.54 36.31 10.67
N GLY A 47 15.61 36.85 11.45
CA GLY A 47 14.22 36.98 11.01
C GLY A 47 13.20 36.25 11.85
N TYR A 48 13.67 35.39 12.75
CA TYR A 48 12.78 34.66 13.68
C TYR A 48 12.08 35.63 14.65
N THR A 49 10.75 35.57 14.71
CA THR A 49 9.93 36.60 15.36
C THR A 49 8.91 36.08 16.40
N TYR A 50 8.22 35.00 16.08
CA TYR A 50 7.16 34.47 16.94
C TYR A 50 7.67 33.51 18.00
N ILE A 51 7.15 33.65 19.22
CA ILE A 51 7.34 32.66 20.27
C ILE A 51 5.96 32.10 20.55
N ASN A 52 5.71 30.87 20.11
CA ASN A 52 4.34 30.31 20.11
C ASN A 52 4.12 29.27 21.21
N ILE A 53 3.15 29.55 22.07
CA ILE A 53 2.79 28.67 23.17
C ILE A 53 1.71 27.75 22.62
N ASP A 54 2.03 26.46 22.60
CA ASP A 54 1.17 25.48 21.98
C ASP A 54 0.31 24.82 23.06
N GLU A 55 -0.20 23.61 22.81
CA GLU A 55 -1.07 22.89 23.75
C GLU A 55 -0.43 22.74 25.12
N GLY A 56 -1.22 22.93 26.17
CA GLY A 56 -0.72 22.68 27.52
C GLY A 56 -0.82 23.84 28.48
N TRP A 57 -1.06 25.05 27.97
CA TRP A 57 -1.19 26.26 28.79
C TRP A 57 -2.55 26.39 29.52
N TRP A 58 -3.57 25.72 28.99
CA TRP A 58 -4.98 25.87 29.45
C TRP A 58 -5.65 24.52 29.67
N GLN A 59 -6.18 24.32 30.87
CA GLN A 59 -6.83 23.05 31.20
C GLN A 59 -8.35 23.03 30.99
N GLY A 60 -8.88 24.03 30.30
CA GLY A 60 -10.30 24.04 29.90
C GLY A 60 -11.26 24.78 30.82
N THR A 61 -10.70 25.42 31.86
CA THR A 61 -11.48 26.21 32.82
C THR A 61 -11.96 27.55 32.30
N ARG A 62 -13.18 27.93 32.71
CA ARG A 62 -13.74 29.25 32.42
C ARG A 62 -14.42 29.79 33.66
N ASP A 63 -14.42 31.10 33.82
CA ASP A 63 -15.17 31.73 34.90
C ASP A 63 -16.67 31.80 34.53
N SER A 64 -17.51 32.34 35.41
CA SER A 64 -18.97 32.34 35.22
C SER A 64 -19.44 33.15 34.04
N ALA A 65 -18.60 34.08 33.59
CA ALA A 65 -18.92 34.87 32.41
C ALA A 65 -18.32 34.25 31.15
N GLY A 66 -17.78 33.04 31.28
CA GLY A 66 -17.25 32.31 30.14
C GLY A 66 -15.84 32.71 29.73
N ASN A 67 -15.18 33.56 30.53
CA ASN A 67 -13.78 33.92 30.26
C ASN A 67 -12.84 32.77 30.56
N ILE A 68 -11.89 32.52 29.67
CA ILE A 68 -10.84 31.54 29.91
C ILE A 68 -10.02 31.90 31.16
N THR A 69 -9.84 30.93 32.05
CA THR A 69 -9.05 31.16 33.24
C THR A 69 -7.88 30.21 33.21
N VAL A 70 -6.73 30.66 33.69
CA VAL A 70 -5.53 29.80 33.74
C VAL A 70 -5.06 29.54 35.17
N ASP A 71 -4.21 28.54 35.33
CA ASP A 71 -3.61 28.25 36.62
C ASP A 71 -2.38 29.15 36.81
N THR A 72 -2.50 30.17 37.67
CA THR A 72 -1.38 31.11 37.86
C THR A 72 -0.17 30.50 38.60
N ALA A 73 -0.32 29.32 39.20
CA ALA A 73 0.85 28.58 39.70
C ALA A 73 1.77 28.25 38.54
N GLU A 74 1.19 28.03 37.37
CA GLU A 74 2.00 27.71 36.18
C GLU A 74 2.25 28.93 35.33
N TRP A 75 1.31 29.87 35.38
CA TRP A 75 1.34 31.14 34.63
C TRP A 75 1.20 32.34 35.58
N PRO A 76 2.26 32.62 36.38
CA PRO A 76 2.17 33.73 37.31
C PRO A 76 1.95 35.06 36.59
N GLY A 77 1.05 35.87 37.11
CA GLY A 77 0.63 37.12 36.47
C GLY A 77 -0.44 36.92 35.39
N GLY A 78 -0.84 35.68 35.15
CA GLY A 78 -1.74 35.37 34.04
C GLY A 78 -1.02 35.46 32.70
N MET A 79 -1.75 35.27 31.60
CA MET A 79 -1.11 35.15 30.29
C MET A 79 -0.52 36.48 29.79
N SER A 80 -1.03 37.61 30.27
CA SER A 80 -0.45 38.87 29.82
C SER A 80 0.97 39.06 30.34
N ALA A 81 1.37 38.29 31.36
CA ALA A 81 2.76 38.35 31.86
C ALA A 81 3.75 37.71 30.88
N ILE A 82 3.36 36.59 30.27
CA ILE A 82 4.26 35.94 29.30
C ILE A 82 4.30 36.69 27.95
N THR A 83 3.18 37.28 27.53
CA THR A 83 3.21 38.14 26.33
C THR A 83 4.05 39.40 26.56
N ALA A 84 4.01 39.96 27.76
CA ALA A 84 4.86 41.11 28.08
C ALA A 84 6.35 40.77 28.00
N TYR A 85 6.71 39.59 28.50
CA TYR A 85 8.11 39.14 28.47
C TYR A 85 8.62 38.96 27.05
N ILE A 86 7.85 38.25 26.23
CA ILE A 86 8.14 38.06 24.80
C ILE A 86 8.26 39.41 24.07
N HIS A 87 7.30 40.31 24.29
CA HIS A 87 7.31 41.65 23.69
C HIS A 87 8.51 42.50 24.14
N SER A 88 8.97 42.29 25.38
CA SER A 88 10.12 43.02 25.91
C SER A 88 11.38 42.68 25.13
N LYS A 89 11.34 41.58 24.39
CA LYS A 89 12.48 41.17 23.56
C LYS A 89 12.34 41.57 22.09
N GLY A 90 11.32 42.37 21.80
CA GLY A 90 11.06 42.79 20.43
C GLY A 90 10.41 41.69 19.61
N LEU A 91 9.88 40.66 20.28
CA LEU A 91 9.32 39.49 19.59
C LEU A 91 7.80 39.47 19.63
N LYS A 92 7.22 38.52 18.89
CA LYS A 92 5.76 38.34 18.86
C LYS A 92 5.36 37.06 19.60
N ALA A 93 4.15 37.05 20.16
CA ALA A 93 3.74 35.95 21.03
C ALA A 93 2.55 35.19 20.43
N GLY A 94 2.59 33.86 20.50
CA GLY A 94 1.51 33.04 19.95
C GLY A 94 0.80 32.19 20.99
N ILE A 95 -0.49 31.95 20.76
CA ILE A 95 -1.31 31.10 21.64
C ILE A 95 -2.04 30.01 20.81
N TYR A 96 -2.80 29.17 21.49
CA TYR A 96 -3.29 27.91 20.93
C TYR A 96 -4.65 27.54 21.53
N THR A 97 -5.59 27.17 20.67
CA THR A 97 -6.94 26.71 21.08
C THR A 97 -7.48 25.72 20.05
N ASP A 98 -8.74 25.30 20.20
CA ASP A 98 -9.39 24.35 19.29
C ASP A 98 -10.64 24.98 18.72
N ALA A 99 -11.02 24.54 17.52
CA ALA A 99 -12.27 24.94 16.87
C ALA A 99 -13.52 24.38 17.58
N GLY A 100 -13.37 23.24 18.25
CA GLY A 100 -14.51 22.60 18.93
C GLY A 100 -14.64 22.96 20.41
N LYS A 101 -15.49 22.24 21.12
CA LYS A 101 -15.78 22.51 22.54
C LYS A 101 -14.66 22.02 23.49
N ASP A 102 -13.89 21.05 23.03
CA ASP A 102 -12.80 20.48 23.82
C ASP A 102 -11.61 20.35 22.89
N GLY A 103 -10.40 20.41 23.44
CA GLY A 103 -9.22 20.49 22.60
C GLY A 103 -8.41 19.21 22.54
N CYS A 104 -7.28 19.28 21.88
CA CYS A 104 -6.43 18.09 21.76
C CYS A 104 -5.90 17.63 23.12
N GLY A 105 -5.77 18.56 24.07
CA GLY A 105 -5.39 18.24 25.47
C GLY A 105 -6.47 17.43 26.19
N TYR A 106 -7.66 17.42 25.61
CA TYR A 106 -8.71 16.50 26.06
C TYR A 106 -8.68 15.19 25.26
N TYR A 107 -8.79 15.28 23.94
CA TYR A 107 -8.93 14.09 23.11
C TYR A 107 -7.68 13.21 23.04
N TYR A 108 -6.51 13.83 23.11
CA TYR A 108 -5.23 13.12 22.99
C TYR A 108 -4.24 13.64 24.04
N PRO A 109 -4.51 13.38 25.33
CA PRO A 109 -3.61 13.90 26.37
C PRO A 109 -2.18 13.39 26.17
N THR A 110 -1.21 14.30 26.24
CA THR A 110 0.18 13.99 25.94
C THR A 110 1.07 14.77 26.89
N GLY A 111 1.30 14.21 28.07
CA GLY A 111 2.10 14.85 29.10
C GLY A 111 1.33 15.46 30.26
N ARG A 112 0.00 15.48 30.14
CA ARG A 112 -0.90 16.01 31.17
C ARG A 112 -2.20 15.20 31.19
N PRO A 113 -2.93 15.19 32.34
CA PRO A 113 -4.29 14.60 32.32
C PRO A 113 -5.20 15.32 31.36
N ALA A 114 -6.24 14.63 30.90
CA ALA A 114 -7.20 15.21 29.96
C ALA A 114 -7.71 16.56 30.46
N ALA A 115 -7.97 17.47 29.51
CA ALA A 115 -8.44 18.82 29.83
C ALA A 115 -9.80 19.09 29.16
N PRO A 116 -10.90 18.58 29.75
CA PRO A 116 -12.22 18.88 29.16
C PRO A 116 -12.47 20.38 29.10
N GLY A 117 -13.11 20.85 28.04
CA GLY A 117 -13.49 22.25 27.91
C GLY A 117 -12.48 23.11 27.18
N SER A 118 -11.37 22.50 26.79
CA SER A 118 -10.22 23.21 26.19
C SER A 118 -10.36 23.56 24.69
N GLY A 119 -11.52 24.06 24.31
CA GLY A 119 -11.79 24.53 22.95
C GLY A 119 -12.59 25.82 22.96
N SER A 120 -12.61 26.55 21.84
CA SER A 120 -13.27 27.84 21.75
C SER A 120 -14.69 27.89 21.15
N GLU A 121 -15.27 26.75 20.77
CA GLU A 121 -16.60 26.74 20.14
C GLU A 121 -17.62 27.37 21.11
N GLY A 122 -18.48 28.23 20.57
CA GLY A 122 -19.42 28.98 21.40
C GLY A 122 -18.83 30.23 21.98
N HIS A 123 -17.50 30.40 21.81
CA HIS A 123 -16.79 31.55 22.37
C HIS A 123 -15.75 32.12 21.37
N TYR A 124 -15.98 32.00 20.06
CA TYR A 124 -14.95 32.43 19.11
C TYR A 124 -14.59 33.90 19.27
N ASP A 125 -15.59 34.76 19.32
CA ASP A 125 -15.31 36.19 19.48
C ASP A 125 -14.77 36.51 20.85
N GLN A 126 -15.40 35.95 21.89
CA GLN A 126 -14.91 36.16 23.26
C GLN A 126 -13.43 35.74 23.42
N ASP A 127 -13.10 34.52 22.98
CA ASP A 127 -11.73 34.00 23.11
C ASP A 127 -10.71 34.75 22.24
N MET A 128 -11.09 35.10 21.01
CA MET A 128 -10.18 35.83 20.13
C MET A 128 -9.90 37.23 20.69
N LEU A 129 -10.94 37.90 21.17
CA LEU A 129 -10.76 39.18 21.85
C LEU A 129 -9.86 39.03 23.06
N GLN A 130 -10.04 37.96 23.84
CA GLN A 130 -9.22 37.71 25.03
C GLN A 130 -7.74 37.55 24.68
N PHE A 131 -7.45 36.76 23.64
CA PHE A 131 -6.08 36.50 23.22
C PHE A 131 -5.44 37.82 22.81
N SER A 132 -6.18 38.60 22.04
CA SER A 132 -5.68 39.85 21.55
C SER A 132 -5.42 40.83 22.71
N THR A 133 -6.34 40.87 23.67
CA THR A 133 -6.24 41.76 24.83
C THR A 133 -5.05 41.39 25.73
N TRP A 134 -4.82 40.07 25.90
CA TRP A 134 -3.63 39.59 26.60
C TRP A 134 -2.32 39.98 25.92
N GLY A 135 -2.35 40.25 24.62
CA GLY A 135 -1.15 40.64 23.89
C GLY A 135 -0.64 39.66 22.83
N PHE A 136 -1.40 38.60 22.56
CA PHE A 136 -0.98 37.65 21.53
C PHE A 136 -1.13 38.20 20.12
N ASP A 137 -0.13 37.86 19.30
CA ASP A 137 0.02 38.30 17.93
C ASP A 137 -0.28 37.17 16.95
N PHE A 138 -0.50 35.98 17.49
CA PHE A 138 -0.62 34.76 16.67
C PHE A 138 -1.51 33.81 17.42
N VAL A 139 -2.35 33.07 16.70
CA VAL A 139 -3.13 32.00 17.33
C VAL A 139 -3.22 30.78 16.41
N LYS A 140 -2.91 29.62 16.96
CA LYS A 140 -2.99 28.36 16.23
C LYS A 140 -4.30 27.70 16.65
N VAL A 141 -5.15 27.39 15.68
CA VAL A 141 -6.47 26.87 16.01
C VAL A 141 -6.61 25.44 15.51
N ASP A 142 -6.58 24.50 16.44
CA ASP A 142 -6.57 23.07 16.15
C ASP A 142 -7.98 22.50 15.90
N TRP A 143 -8.04 21.18 15.65
CA TRP A 143 -9.24 20.55 15.06
C TRP A 143 -9.75 19.31 15.82
N CYS A 144 -9.16 19.02 16.99
CA CYS A 144 -9.59 17.80 17.71
C CYS A 144 -11.09 17.80 18.04
N GLY A 145 -11.61 18.93 18.49
CA GLY A 145 -13.05 19.04 18.71
C GLY A 145 -13.82 19.08 17.41
N GLY A 146 -13.21 19.65 16.37
CA GLY A 146 -13.88 19.69 15.07
C GLY A 146 -14.04 18.26 14.53
N ASP A 147 -12.97 17.48 14.61
CA ASP A 147 -12.98 16.10 14.10
C ASP A 147 -13.94 15.24 14.91
N ALA A 148 -13.90 15.39 16.23
CA ALA A 148 -14.75 14.62 17.15
C ALA A 148 -16.23 14.92 16.96
N GLU A 149 -16.57 16.20 16.78
CA GLU A 149 -17.97 16.63 16.70
C GLU A 149 -18.63 16.48 15.33
N GLY A 150 -17.83 16.39 14.27
CA GLY A 150 -18.33 16.21 12.92
C GLY A 150 -18.46 17.53 12.17
N LEU A 151 -17.74 18.54 12.63
CA LEU A 151 -17.84 19.90 12.06
C LEU A 151 -17.32 19.97 10.62
N ASP A 152 -17.90 20.89 9.84
CA ASP A 152 -17.37 21.19 8.50
C ASP A 152 -16.22 22.17 8.65
N ALA A 153 -15.05 21.79 8.14
CA ALA A 153 -13.84 22.60 8.35
C ALA A 153 -13.89 23.97 7.64
N ALA A 154 -14.29 23.99 6.38
CA ALA A 154 -14.36 25.25 5.61
C ALA A 154 -15.23 26.34 6.26
N THR A 155 -16.48 26.00 6.60
CA THR A 155 -17.38 26.99 7.19
C THR A 155 -16.95 27.35 8.62
N THR A 156 -16.43 26.37 9.35
CA THR A 156 -16.01 26.60 10.75
C THR A 156 -14.83 27.56 10.84
N TYR A 157 -13.80 27.33 10.03
CA TYR A 157 -12.64 28.19 10.07
C TYR A 157 -12.92 29.58 9.50
N LYS A 158 -13.95 29.68 8.67
CA LYS A 158 -14.38 31.00 8.16
C LYS A 158 -14.96 31.86 9.31
N SER A 159 -15.85 31.26 10.09
CA SER A 159 -16.38 31.87 11.32
C SER A 159 -15.24 32.27 12.27
N ILE A 160 -14.26 31.38 12.44
CA ILE A 160 -13.08 31.63 13.27
C ILE A 160 -12.24 32.79 12.71
N SER A 161 -11.99 32.77 11.40
CA SER A 161 -11.29 33.87 10.71
C SER A 161 -11.99 35.23 10.93
N ASP A 162 -13.32 35.23 10.83
CA ASP A 162 -14.09 36.46 11.03
C ASP A 162 -13.87 36.97 12.46
N ALA A 163 -13.89 36.07 13.44
CA ALA A 163 -13.69 36.46 14.84
C ALA A 163 -12.26 36.97 15.09
N VAL A 164 -11.28 36.34 14.42
CA VAL A 164 -9.87 36.80 14.46
C VAL A 164 -9.74 38.25 13.93
N GLY A 165 -10.33 38.52 12.78
CA GLY A 165 -10.36 39.88 12.22
C GLY A 165 -11.03 40.91 13.12
N ARG A 166 -12.13 40.53 13.77
CA ARG A 166 -12.84 41.47 14.68
C ARG A 166 -12.03 41.76 15.93
N ALA A 167 -11.43 40.71 16.49
CA ALA A 167 -10.57 40.86 17.66
C ALA A 167 -9.43 41.83 17.35
N ALA A 168 -8.71 41.62 16.26
CA ALA A 168 -7.59 42.48 15.87
C ALA A 168 -8.02 43.93 15.59
N ALA A 169 -9.19 44.12 14.98
CA ALA A 169 -9.73 45.45 14.74
C ALA A 169 -10.08 46.18 16.03
N THR A 170 -10.60 45.45 17.02
CA THR A 170 -10.97 46.04 18.30
C THR A 170 -9.75 46.50 19.10
N THR A 171 -8.72 45.65 19.17
CA THR A 171 -7.54 45.97 19.97
C THR A 171 -6.52 46.86 19.24
N GLY A 172 -6.54 46.82 17.92
CA GLY A 172 -5.48 47.43 17.11
C GLY A 172 -4.24 46.56 16.94
N ARG A 173 -4.25 45.35 17.52
CA ARG A 173 -3.12 44.41 17.44
C ARG A 173 -3.39 43.30 16.42
N PRO A 174 -2.64 43.28 15.30
CA PRO A 174 -2.83 42.25 14.27
C PRO A 174 -2.71 40.85 14.87
N LEU A 175 -3.57 39.94 14.38
CA LEU A 175 -3.60 38.57 14.87
C LEU A 175 -3.43 37.57 13.72
N THR A 176 -2.31 36.86 13.73
CA THR A 176 -1.99 35.89 12.67
C THR A 176 -2.63 34.57 12.99
N LEU A 177 -3.53 34.12 12.11
CA LEU A 177 -4.21 32.84 12.29
C LEU A 177 -3.46 31.70 11.61
N SER A 178 -3.14 30.68 12.40
CA SER A 178 -2.65 29.39 11.89
C SER A 178 -3.79 28.38 11.98
N ILE A 179 -4.28 27.95 10.84
CA ILE A 179 -5.29 26.90 10.78
C ILE A 179 -4.57 25.54 10.93
N CYS A 180 -5.02 24.73 11.89
CA CYS A 180 -4.38 23.44 12.17
C CYS A 180 -5.40 22.31 12.13
N ASN A 181 -5.68 21.82 10.93
CA ASN A 181 -6.68 20.76 10.74
C ASN A 181 -6.14 19.58 9.92
N TRP A 182 -4.80 19.56 9.79
CA TRP A 182 -4.06 18.35 9.43
C TRP A 182 -4.30 17.86 8.00
N GLY A 183 -4.77 18.74 7.14
CA GLY A 183 -5.12 18.36 5.77
C GLY A 183 -6.47 17.69 5.62
N TYR A 184 -7.25 17.62 6.70
CA TYR A 184 -8.57 16.98 6.61
C TYR A 184 -9.49 17.90 5.81
N GLN A 185 -10.36 17.32 4.99
CA GLN A 185 -11.26 18.11 4.14
C GLN A 185 -10.52 19.13 3.24
N ASN A 186 -9.28 18.80 2.87
CA ASN A 186 -8.56 19.50 1.80
C ASN A 186 -8.47 21.04 2.01
N PRO A 187 -7.77 21.48 3.07
CA PRO A 187 -7.71 22.91 3.36
C PRO A 187 -7.12 23.77 2.25
N TRP A 188 -6.29 23.19 1.39
CA TRP A 188 -5.75 23.93 0.26
C TRP A 188 -6.84 24.54 -0.64
N ASN A 189 -8.03 23.94 -0.65
CA ASN A 189 -9.13 24.46 -1.48
C ASN A 189 -9.78 25.76 -0.95
N TRP A 190 -9.67 26.01 0.36
CA TRP A 190 -10.51 27.05 0.96
C TRP A 190 -9.82 27.95 1.98
N ALA A 191 -8.60 27.62 2.38
CA ALA A 191 -7.97 28.34 3.47
C ALA A 191 -7.33 29.70 3.09
N ALA A 192 -6.81 29.82 1.87
CA ALA A 192 -6.28 31.12 1.41
C ALA A 192 -7.42 32.15 1.48
N GLY A 193 -7.12 33.32 2.06
CA GLY A 193 -8.16 34.32 2.29
C GLY A 193 -8.72 34.24 3.70
N GLN A 194 -8.78 33.04 4.30
CA GLN A 194 -9.21 32.88 5.70
C GLN A 194 -8.05 33.05 6.67
N ALA A 195 -6.86 32.57 6.27
CA ALA A 195 -5.67 32.55 7.13
C ALA A 195 -4.37 32.59 6.33
N PRO A 196 -3.30 33.11 6.92
CA PRO A 196 -2.01 33.11 6.24
C PRO A 196 -1.32 31.74 6.18
N LEU A 197 -1.75 30.79 7.00
CA LEU A 197 -1.18 29.45 6.97
C LEU A 197 -2.19 28.37 7.40
N TRP A 198 -2.07 27.18 6.80
CA TRP A 198 -2.95 26.04 7.10
C TRP A 198 -2.14 24.76 7.02
N ARG A 199 -2.25 23.94 8.06
CA ARG A 199 -1.62 22.64 8.09
C ARG A 199 -2.14 21.71 6.97
N THR A 200 -1.22 21.07 6.25
CA THR A 200 -1.56 20.22 5.09
C THR A 200 -1.57 18.71 5.37
N SER A 201 -1.14 18.30 6.57
CA SER A 201 -1.01 16.87 6.94
C SER A 201 -1.01 16.68 8.45
N THR A 202 -0.95 15.42 8.88
CA THR A 202 -0.83 15.10 10.29
C THR A 202 0.58 15.44 10.77
N ASP A 203 0.83 15.22 12.06
CA ASP A 203 2.02 15.76 12.73
C ASP A 203 3.34 15.19 12.23
N ILE A 204 4.32 16.07 12.09
CA ILE A 204 5.65 15.65 11.61
C ILE A 204 6.31 14.70 12.62
N ILE A 205 6.04 14.90 13.90
CA ILE A 205 6.57 14.02 14.96
C ILE A 205 5.57 13.85 16.11
N TYR A 206 5.51 12.64 16.67
CA TYR A 206 4.69 12.31 17.84
C TYR A 206 5.58 12.12 19.06
N TYR A 207 5.13 12.69 20.18
CA TYR A 207 5.91 12.75 21.41
C TYR A 207 6.36 11.36 21.81
N GLY A 208 7.66 11.20 22.01
CA GLY A 208 8.19 9.89 22.34
C GLY A 208 8.87 9.20 21.18
N ASN A 209 8.60 9.64 19.95
CA ASN A 209 9.28 9.10 18.79
C ASN A 209 10.56 9.90 18.43
N GLN A 210 11.47 9.26 17.69
CA GLN A 210 12.67 9.96 17.17
C GLN A 210 12.30 10.66 15.86
N PRO A 211 12.91 11.84 15.58
CA PRO A 211 12.72 12.54 14.30
C PRO A 211 13.01 11.59 13.14
N SER A 212 12.13 11.58 12.13
CA SER A 212 12.30 10.68 11.01
C SER A 212 12.32 11.42 9.67
N MET A 213 13.33 11.14 8.85
CA MET A 213 13.37 11.71 7.50
C MET A 213 12.19 11.23 6.65
N THR A 214 11.71 10.01 6.90
CA THR A 214 10.51 9.50 6.22
C THR A 214 9.28 10.36 6.49
N SER A 215 9.05 10.67 7.78
CA SER A 215 7.94 11.54 8.17
C SER A 215 8.09 12.93 7.57
N LEU A 216 9.30 13.49 7.67
CA LEU A 216 9.62 14.78 7.06
C LEU A 216 9.23 14.81 5.59
N LEU A 217 9.71 13.83 4.83
CA LEU A 217 9.39 13.76 3.40
C LEU A 217 7.90 13.60 3.10
N SER A 218 7.19 12.83 3.92
CA SER A 218 5.75 12.67 3.72
C SER A 218 5.01 14.01 3.93
N ASN A 219 5.41 14.75 4.97
CA ASN A 219 4.86 16.07 5.22
C ASN A 219 5.16 17.05 4.09
N PHE A 220 6.40 17.02 3.61
CA PHE A 220 6.77 17.85 2.47
C PHE A 220 5.93 17.51 1.24
N ASP A 221 5.80 16.23 0.90
CA ASP A 221 5.01 15.84 -0.29
C ASP A 221 3.57 16.30 -0.19
N GLN A 222 3.02 16.23 1.01
CA GLN A 222 1.60 16.55 1.23
C GLN A 222 1.29 18.05 1.23
N THR A 223 2.34 18.87 1.28
CA THR A 223 2.18 20.33 1.38
C THR A 223 2.20 21.00 0.01
N LEU A 224 2.55 20.23 -1.01
CA LEU A 224 2.74 20.80 -2.35
C LEU A 224 1.41 20.99 -3.05
N HIS A 225 0.87 22.21 -2.96
CA HIS A 225 -0.41 22.62 -3.59
C HIS A 225 -0.22 24.04 -4.11
N PRO A 226 0.47 24.17 -5.26
CA PRO A 226 1.00 25.48 -5.68
C PRO A 226 -0.06 26.50 -6.11
N THR A 227 -1.26 26.05 -6.48
CA THR A 227 -2.35 26.99 -6.84
C THR A 227 -2.99 27.61 -5.59
N ALA A 228 -2.82 26.94 -4.45
CA ALA A 228 -3.41 27.34 -3.18
C ALA A 228 -2.57 28.37 -2.43
N GLN A 229 -1.27 28.41 -2.72
CA GLN A 229 -0.34 29.31 -2.03
C GLN A 229 0.02 30.51 -2.91
N HIS A 230 -0.15 31.73 -2.37
CA HIS A 230 0.25 32.96 -3.06
C HIS A 230 -0.11 34.13 -2.17
N THR A 231 0.50 35.28 -2.44
CA THR A 231 0.15 36.57 -1.84
C THR A 231 -0.10 36.54 -0.33
N GLY A 232 0.82 35.89 0.39
CA GLY A 232 0.78 35.89 1.86
C GLY A 232 0.10 34.68 2.49
N TYR A 233 -0.41 33.78 1.66
CA TYR A 233 -1.14 32.59 2.12
C TYR A 233 -0.29 31.35 1.83
N TYR A 234 -0.01 30.54 2.87
CA TYR A 234 0.96 29.43 2.75
C TYR A 234 0.45 28.09 3.19
N ASN A 235 0.80 27.05 2.41
CA ASN A 235 0.72 25.66 2.84
C ASN A 235 1.73 25.46 3.99
N ASP A 236 1.31 24.73 5.02
CA ASP A 236 2.13 24.53 6.22
C ASP A 236 2.46 23.04 6.46
N PRO A 237 3.69 22.60 6.12
CA PRO A 237 4.14 21.20 6.31
C PRO A 237 4.55 20.86 7.75
N ASP A 238 4.37 21.82 8.67
CA ASP A 238 4.48 21.63 10.14
C ASP A 238 5.78 22.20 10.73
N MET A 239 5.83 22.22 12.06
CA MET A 239 6.94 22.75 12.84
C MET A 239 8.23 21.98 12.57
N LEU A 240 9.35 22.70 12.57
CA LEU A 240 10.66 22.12 12.24
C LEU A 240 11.15 21.13 13.28
N MET A 241 11.78 20.07 12.81
CA MET A 241 12.50 19.14 13.68
C MET A 241 14.01 19.42 13.66
N VAL A 242 14.38 20.49 12.96
CA VAL A 242 15.77 20.94 12.91
C VAL A 242 16.32 20.98 14.33
N GLY A 243 17.46 20.32 14.52
CA GLY A 243 18.19 20.37 15.80
C GLY A 243 17.73 19.40 16.86
N MET A 244 16.70 18.61 16.55
CA MET A 244 16.21 17.62 17.50
C MET A 244 17.12 16.40 17.53
N ASP A 245 17.13 15.72 18.67
CA ASP A 245 18.08 14.63 18.87
C ASP A 245 17.89 13.53 17.83
N GLY A 246 18.98 13.14 17.17
CA GLY A 246 18.93 12.10 16.15
C GLY A 246 19.13 12.60 14.73
N PHE A 247 18.74 13.85 14.47
CA PHE A 247 18.98 14.47 13.15
C PHE A 247 20.43 14.96 13.04
N THR A 248 21.09 14.59 11.94
CA THR A 248 22.47 15.03 11.67
C THR A 248 22.44 16.43 11.09
N ALA A 249 23.61 17.07 11.00
CA ALA A 249 23.72 18.37 10.34
C ALA A 249 23.17 18.32 8.91
N ALA A 250 23.52 17.26 8.18
CA ALA A 250 23.06 17.11 6.79
C ALA A 250 21.52 17.00 6.73
N GLN A 251 20.94 16.23 7.65
CA GLN A 251 19.46 16.12 7.73
C GLN A 251 18.79 17.44 8.10
N ASN A 252 19.41 18.19 9.01
CA ASN A 252 18.97 19.53 9.37
C ASN A 252 18.97 20.50 8.18
N ARG A 253 20.06 20.53 7.40
CA ARG A 253 20.09 21.36 6.19
C ARG A 253 19.02 20.92 5.17
N THR A 254 18.90 19.62 4.94
CA THR A 254 17.87 19.09 4.04
C THR A 254 16.47 19.53 4.51
N HIS A 255 16.21 19.46 5.81
CA HIS A 255 14.96 19.98 6.40
C HIS A 255 14.74 21.44 6.02
N MET A 256 15.78 22.27 6.18
CA MET A 256 15.70 23.69 5.83
C MET A 256 15.45 23.88 4.33
N ASN A 257 16.14 23.07 3.52
CA ASN A 257 16.11 23.24 2.07
C ASN A 257 14.69 23.03 1.54
N LEU A 258 14.08 21.96 2.01
CA LEU A 258 12.75 21.57 1.54
C LEU A 258 11.66 22.51 2.04
N TRP A 259 11.76 22.96 3.30
CA TRP A 259 10.86 24.00 3.81
C TRP A 259 11.01 25.31 3.02
N ALA A 260 12.27 25.70 2.78
CA ALA A 260 12.59 26.90 1.98
C ALA A 260 12.06 26.82 0.54
N ILE A 261 12.21 25.67 -0.12
CA ILE A 261 11.72 25.56 -1.50
C ILE A 261 10.19 25.66 -1.55
N SER A 262 9.53 25.22 -0.49
CA SER A 262 8.07 25.38 -0.39
C SER A 262 7.69 26.83 -0.05
N GLY A 263 8.58 27.53 0.66
CA GLY A 263 8.26 28.83 1.25
C GLY A 263 7.46 28.63 2.52
N ALA A 264 7.71 27.51 3.17
CA ALA A 264 6.98 27.11 4.37
C ALA A 264 7.31 27.97 5.58
N PRO A 265 6.41 28.03 6.59
CA PRO A 265 6.78 28.69 7.84
C PRO A 265 8.03 28.04 8.40
N LEU A 266 8.86 28.84 9.07
CA LEU A 266 10.04 28.28 9.74
C LEU A 266 9.81 28.46 11.23
N LEU A 267 9.11 27.49 11.81
CA LEU A 267 8.79 27.54 13.23
C LEU A 267 9.60 26.44 13.89
N ALA A 268 10.73 26.85 14.48
CA ALA A 268 11.64 25.92 15.15
C ALA A 268 10.92 25.18 16.27
N GLY A 269 11.31 23.93 16.50
CA GLY A 269 10.66 23.12 17.53
C GLY A 269 11.66 22.37 18.41
N ASN A 270 12.96 22.64 18.21
CA ASN A 270 14.00 22.05 19.08
C ASN A 270 14.07 22.74 20.45
N ASP A 271 14.85 22.17 21.36
CA ASP A 271 15.09 22.79 22.66
C ASP A 271 16.23 23.79 22.47
N LEU A 272 15.92 25.08 22.57
CA LEU A 272 16.88 26.13 22.21
C LEU A 272 18.02 26.25 23.21
N THR A 273 17.79 25.76 24.43
CA THR A 273 18.76 25.88 25.51
C THR A 273 19.94 24.92 25.35
N THR A 274 19.76 23.82 24.62
CA THR A 274 20.86 22.88 24.36
C THR A 274 21.25 22.84 22.88
N MET A 275 20.82 23.84 22.12
CA MET A 275 21.09 23.87 20.69
C MET A 275 22.59 24.09 20.40
N THR A 276 23.14 23.29 19.49
CA THR A 276 24.56 23.44 19.14
C THR A 276 24.84 24.66 18.28
N SER A 277 26.12 25.00 18.18
CA SER A 277 26.51 26.13 17.36
C SER A 277 26.20 25.85 15.88
N GLU A 278 26.44 24.62 15.44
CA GLU A 278 26.16 24.23 14.07
C GLU A 278 24.66 24.31 13.74
N THR A 279 23.81 23.82 14.65
CA THR A 279 22.35 23.89 14.45
C THR A 279 21.88 25.35 14.33
N ALA A 280 22.35 26.20 15.26
CA ALA A 280 22.04 27.62 15.21
C ALA A 280 22.39 28.24 13.85
N GLY A 281 23.57 27.89 13.33
CA GLY A 281 24.02 28.40 12.05
C GLY A 281 23.19 27.89 10.89
N ILE A 282 22.64 26.68 11.04
CA ILE A 282 21.78 26.09 9.99
C ILE A 282 20.42 26.81 9.96
N LEU A 283 19.83 27.04 11.13
CA LEU A 283 18.59 27.85 11.25
C LEU A 283 18.77 29.26 10.71
N LYS A 284 19.98 29.80 10.85
CA LYS A 284 20.24 31.21 10.56
C LYS A 284 20.82 31.50 9.18
N ASN A 285 21.01 30.47 8.33
CA ASN A 285 21.64 30.69 7.01
C ASN A 285 20.80 31.72 6.25
N PRO A 286 21.39 32.90 5.97
CA PRO A 286 20.56 33.99 5.46
C PRO A 286 20.14 33.78 4.00
N GLU A 287 20.92 33.00 3.26
CA GLU A 287 20.63 32.79 1.84
C GLU A 287 19.46 31.82 1.71
N VAL A 288 19.46 30.81 2.58
CA VAL A 288 18.36 29.84 2.63
C VAL A 288 17.10 30.52 3.17
N ILE A 289 17.24 31.33 4.22
CA ILE A 289 16.11 32.07 4.74
C ILE A 289 15.48 33.01 3.67
N ALA A 290 16.35 33.70 2.91
CA ALA A 290 15.92 34.58 1.82
C ALA A 290 15.12 33.85 0.74
N VAL A 291 15.49 32.60 0.42
CA VAL A 291 14.66 31.76 -0.47
C VAL A 291 13.31 31.43 0.18
N ASP A 292 13.32 30.99 1.44
CA ASP A 292 12.06 30.66 2.13
C ASP A 292 11.10 31.85 2.17
N GLN A 293 11.64 33.03 2.47
CA GLN A 293 10.89 34.27 2.65
C GLN A 293 10.81 35.12 1.39
N ASP A 294 11.05 34.50 0.22
CA ASP A 294 11.02 35.24 -1.04
C ASP A 294 9.83 36.19 -1.19
N SER A 295 10.11 37.41 -1.66
CA SER A 295 9.11 38.48 -1.79
C SER A 295 7.91 38.16 -2.70
N ARG A 296 8.12 37.20 -3.60
CA ARG A 296 7.10 36.86 -4.60
C ARG A 296 6.01 35.92 -4.06
N GLY A 297 6.31 35.23 -2.95
CA GLY A 297 5.30 34.43 -2.21
C GLY A 297 4.94 33.08 -2.84
N LEU A 298 5.66 32.68 -3.91
CA LEU A 298 5.29 31.48 -4.68
C LEU A 298 5.77 30.16 -4.05
N GLN A 299 5.08 29.06 -4.33
CA GLN A 299 5.53 27.75 -3.84
C GLN A 299 6.37 27.02 -4.89
N GLY A 300 7.50 26.47 -4.44
CA GLY A 300 8.34 25.60 -5.27
C GLY A 300 7.59 24.35 -5.71
N VAL A 301 8.05 23.75 -6.81
CA VAL A 301 7.37 22.59 -7.41
C VAL A 301 8.41 21.61 -7.95
N LYS A 302 8.02 20.36 -8.12
CA LYS A 302 8.91 19.41 -8.76
C LYS A 302 8.99 19.74 -10.25
N VAL A 303 10.20 19.83 -10.77
CA VAL A 303 10.41 20.12 -12.20
C VAL A 303 11.08 18.96 -12.98
N ALA A 304 11.64 17.98 -12.26
CA ALA A 304 12.17 16.78 -12.92
C ALA A 304 12.33 15.60 -11.97
N GLU A 305 12.13 14.41 -12.52
CA GLU A 305 12.50 13.15 -11.86
C GLU A 305 12.81 12.13 -12.96
N ASP A 306 13.96 12.32 -13.61
CA ASP A 306 14.30 11.44 -14.75
C ASP A 306 14.61 10.02 -14.29
N THR A 307 15.19 9.91 -13.10
CA THR A 307 15.42 8.62 -12.46
C THR A 307 14.66 8.60 -11.13
N THR A 308 13.91 7.54 -10.84
CA THR A 308 13.12 7.47 -9.60
C THR A 308 13.97 7.81 -8.39
N GLY A 309 13.43 8.67 -7.52
CA GLY A 309 14.12 9.10 -6.31
C GLY A 309 15.20 10.15 -6.47
N LEU A 310 15.51 10.55 -7.72
CA LEU A 310 16.48 11.62 -7.97
C LEU A 310 15.72 12.80 -8.53
N GLN A 311 15.51 13.80 -7.68
CA GLN A 311 14.52 14.83 -8.00
C GLN A 311 15.09 16.23 -8.02
N ALA A 312 14.51 17.08 -8.87
CA ALA A 312 14.82 18.49 -8.87
C ALA A 312 13.56 19.31 -8.62
N TYR A 313 13.63 20.16 -7.60
CA TYR A 313 12.55 21.10 -7.25
C TYR A 313 12.97 22.50 -7.62
N GLY A 314 12.07 23.25 -8.25
CA GLY A 314 12.36 24.62 -8.63
C GLY A 314 11.37 25.60 -8.02
N LYS A 315 11.85 26.78 -7.66
CA LYS A 315 11.01 27.85 -7.14
C LYS A 315 11.27 29.14 -7.90
N VAL A 316 10.19 29.77 -8.38
CA VAL A 316 10.25 31.06 -9.06
C VAL A 316 10.40 32.16 -8.02
N LEU A 317 11.53 32.86 -8.07
CA LEU A 317 11.86 33.90 -7.11
C LEU A 317 11.46 35.27 -7.64
N SER A 318 11.52 36.26 -6.75
CA SER A 318 11.27 37.65 -7.10
C SER A 318 12.27 38.12 -8.15
N GLY A 319 11.84 39.13 -8.92
CA GLY A 319 12.60 39.59 -10.08
C GLY A 319 12.37 38.66 -11.25
N THR A 320 13.27 38.70 -12.23
CA THR A 320 13.05 37.96 -13.46
C THR A 320 14.31 37.16 -13.75
N GLY A 321 14.15 35.94 -14.23
CA GLY A 321 15.29 35.04 -14.51
C GLY A 321 16.00 34.49 -13.27
N ASN A 322 15.25 34.37 -12.17
CA ASN A 322 15.78 33.89 -10.89
C ASN A 322 14.99 32.72 -10.37
N ARG A 323 15.73 31.71 -9.90
CA ARG A 323 15.16 30.45 -9.45
C ARG A 323 15.94 29.95 -8.25
N ALA A 324 15.25 29.28 -7.33
CA ALA A 324 15.94 28.45 -6.36
C ALA A 324 15.70 27.01 -6.79
N VAL A 325 16.65 26.14 -6.47
CA VAL A 325 16.56 24.72 -6.84
C VAL A 325 17.01 23.86 -5.65
N VAL A 326 16.22 22.83 -5.35
CA VAL A 326 16.69 21.74 -4.50
C VAL A 326 16.85 20.44 -5.30
N LEU A 327 18.04 19.84 -5.21
CA LEU A 327 18.30 18.53 -5.78
C LEU A 327 18.24 17.57 -4.62
N LEU A 328 17.34 16.60 -4.70
CA LEU A 328 17.03 15.72 -3.59
C LEU A 328 17.20 14.27 -4.01
N ASN A 329 17.92 13.50 -3.19
CA ASN A 329 18.21 12.09 -3.46
C ASN A 329 17.53 11.16 -2.46
N ARG A 330 16.41 10.55 -2.85
CA ARG A 330 15.67 9.66 -1.97
C ARG A 330 16.12 8.20 -2.07
N THR A 331 17.18 7.94 -2.86
CA THR A 331 17.69 6.58 -3.04
C THR A 331 18.72 6.23 -1.95
N SER A 332 19.15 4.98 -1.96
CA SER A 332 20.12 4.49 -0.99
C SER A 332 21.59 4.65 -1.43
N ALA A 333 21.83 5.29 -2.57
CA ALA A 333 23.19 5.50 -3.07
C ALA A 333 23.39 6.94 -3.55
N ALA A 334 24.61 7.46 -3.42
CA ALA A 334 24.96 8.76 -4.01
C ALA A 334 24.79 8.77 -5.55
N HIS A 335 24.24 9.84 -6.10
CA HIS A 335 24.03 9.92 -7.55
C HIS A 335 24.13 11.36 -8.03
N ASP A 336 24.47 11.53 -9.31
CA ASP A 336 24.34 12.85 -9.94
C ASP A 336 22.86 13.18 -10.16
N ILE A 337 22.51 14.46 -9.95
CA ILE A 337 21.19 14.96 -10.26
C ILE A 337 21.34 16.24 -11.07
N THR A 338 20.56 16.37 -12.13
CA THR A 338 20.65 17.49 -13.06
C THR A 338 19.36 18.31 -12.98
N VAL A 339 19.49 19.62 -13.09
CA VAL A 339 18.34 20.48 -13.34
C VAL A 339 18.54 21.18 -14.68
N ARG A 340 17.50 21.19 -15.51
CA ARG A 340 17.60 21.82 -16.84
C ARG A 340 16.94 23.19 -16.85
N TRP A 341 17.51 24.15 -17.55
CA TRP A 341 16.86 25.47 -17.66
C TRP A 341 15.43 25.36 -18.25
N SER A 342 15.25 24.48 -19.23
CA SER A 342 13.95 24.38 -19.91
C SER A 342 12.86 24.01 -18.88
N ASP A 343 13.20 23.13 -17.93
CA ASP A 343 12.25 22.68 -16.92
C ASP A 343 11.85 23.80 -15.94
N LEU A 344 12.80 24.72 -15.72
CA LEU A 344 12.64 25.85 -14.81
C LEU A 344 11.89 27.01 -15.47
N GLY A 345 11.60 26.88 -16.76
CA GLY A 345 10.88 27.93 -17.48
C GLY A 345 11.79 29.06 -17.92
N LEU A 346 13.07 28.73 -18.09
CA LEU A 346 14.08 29.64 -18.61
C LEU A 346 14.46 29.21 -20.01
N THR A 347 15.02 30.14 -20.80
CA THR A 347 15.51 29.79 -22.12
C THR A 347 16.92 29.24 -21.97
N ASN A 348 17.43 28.66 -23.04
CA ASN A 348 18.80 28.20 -23.05
C ASN A 348 19.81 29.35 -23.21
N ALA A 349 19.86 30.23 -22.20
CA ALA A 349 20.79 31.34 -22.14
C ALA A 349 21.59 31.24 -20.84
N SER A 350 22.76 31.87 -20.80
CA SER A 350 23.65 31.80 -19.63
C SER A 350 22.97 32.23 -18.32
N ALA A 351 23.21 31.47 -17.26
CA ALA A 351 22.77 31.79 -15.92
C ALA A 351 23.84 31.33 -14.93
N THR A 352 23.86 31.93 -13.75
CA THR A 352 24.87 31.64 -12.75
C THR A 352 24.28 30.79 -11.63
N VAL A 353 25.00 29.72 -11.32
CA VAL A 353 24.61 28.78 -10.28
C VAL A 353 25.37 29.08 -8.99
N ARG A 354 24.62 29.12 -7.89
CA ARG A 354 25.19 29.36 -6.56
C ARG A 354 24.73 28.28 -5.58
N ASP A 355 25.65 27.77 -4.79
CA ASP A 355 25.40 26.81 -3.71
C ASP A 355 25.19 27.56 -2.39
N LEU A 356 24.00 27.42 -1.81
CA LEU A 356 23.61 28.25 -0.67
C LEU A 356 24.18 27.78 0.67
N TRP A 357 24.73 26.57 0.70
CA TRP A 357 25.44 26.07 1.88
C TRP A 357 26.96 26.32 1.80
N ALA A 358 27.56 26.15 0.63
CA ALA A 358 28.93 26.64 0.38
C ALA A 358 29.02 28.16 0.42
N ARG A 359 27.88 28.83 0.20
CA ARG A 359 27.78 30.28 0.03
C ARG A 359 28.75 30.80 -1.04
N GLN A 360 28.75 30.14 -2.20
CA GLN A 360 29.66 30.51 -3.28
C GLN A 360 29.05 30.17 -4.64
N ASN A 361 29.38 31.00 -5.63
CA ASN A 361 29.02 30.69 -7.00
C ASN A 361 29.85 29.47 -7.45
N VAL A 362 29.21 28.55 -8.18
CA VAL A 362 29.83 27.28 -8.55
C VAL A 362 29.80 26.97 -10.04
N GLY A 363 29.41 27.93 -10.87
CA GLY A 363 29.43 27.75 -12.31
C GLY A 363 28.41 28.57 -13.09
N THR A 364 28.58 28.61 -14.42
CA THR A 364 27.54 29.15 -15.30
C THR A 364 27.19 28.11 -16.33
N SER A 365 25.96 28.18 -16.84
CA SER A 365 25.55 27.33 -17.96
C SER A 365 24.45 28.01 -18.75
N ALA A 366 24.37 27.66 -20.03
CA ALA A 366 23.24 28.08 -20.83
C ALA A 366 22.21 26.94 -20.96
N THR A 367 22.43 25.82 -20.26
CA THR A 367 21.49 24.67 -20.35
C THR A 367 21.07 24.01 -19.03
N GLY A 368 21.95 23.97 -18.05
CA GLY A 368 21.60 23.31 -16.81
C GLY A 368 22.77 23.06 -15.89
N TYR A 369 22.53 22.29 -14.84
CA TYR A 369 23.56 22.05 -13.83
C TYR A 369 23.39 20.67 -13.20
N THR A 370 24.51 20.03 -12.91
CA THR A 370 24.54 18.69 -12.32
C THR A 370 25.43 18.71 -11.09
N ALA A 371 24.93 18.14 -10.00
CA ALA A 371 25.73 17.99 -8.79
C ALA A 371 25.61 16.55 -8.27
N SER A 372 26.66 16.07 -7.61
CA SER A 372 26.60 14.82 -6.90
C SER A 372 25.81 15.04 -5.60
N VAL A 373 24.83 14.17 -5.33
CA VAL A 373 24.00 14.30 -4.15
C VAL A 373 24.09 12.99 -3.38
N PRO A 374 24.43 13.06 -2.08
CA PRO A 374 24.49 11.87 -1.23
C PRO A 374 23.13 11.17 -1.07
N ALA A 375 23.16 9.86 -0.83
CA ALA A 375 21.97 9.10 -0.48
C ALA A 375 21.22 9.80 0.66
N GLY A 376 19.93 10.06 0.45
CA GLY A 376 19.10 10.74 1.48
C GLY A 376 19.42 12.21 1.65
N GLY A 377 20.39 12.72 0.88
CA GLY A 377 20.87 14.11 1.00
C GLY A 377 20.25 15.05 -0.03
N SER A 378 20.70 16.30 -0.02
CA SER A 378 20.14 17.34 -0.89
C SER A 378 21.14 18.44 -1.11
N VAL A 379 20.98 19.18 -2.21
CA VAL A 379 21.80 20.34 -2.54
C VAL A 379 20.85 21.49 -2.82
N MET A 380 21.21 22.66 -2.30
CA MET A 380 20.39 23.86 -2.38
C MET A 380 21.10 24.92 -3.22
N LEU A 381 20.48 25.30 -4.34
CA LEU A 381 21.07 26.24 -5.30
C LEU A 381 20.16 27.42 -5.59
N THR A 382 20.74 28.49 -6.12
CA THR A 382 19.96 29.44 -6.91
C THR A 382 20.54 29.44 -8.31
N VAL A 383 19.67 29.77 -9.26
CA VAL A 383 20.04 29.96 -10.65
C VAL A 383 19.53 31.35 -10.94
N THR A 384 20.46 32.27 -11.22
CA THR A 384 20.07 33.68 -11.40
C THR A 384 20.69 34.28 -12.64
N GLY A 385 20.19 35.44 -13.06
CA GLY A 385 20.69 36.09 -14.27
C GLY A 385 20.22 35.40 -15.55
N GLY A 386 19.27 34.48 -15.42
CA GLY A 386 18.73 33.78 -16.61
C GLY A 386 17.78 34.63 -17.44
N THR A 387 17.34 34.06 -18.56
CA THR A 387 16.34 34.66 -19.44
C THR A 387 15.05 33.87 -19.31
N GLU A 388 13.96 34.58 -19.00
CA GLU A 388 12.64 33.97 -18.85
C GLU A 388 12.11 33.46 -20.20
N ALA A 389 11.40 32.35 -20.18
CA ALA A 389 10.68 31.90 -21.37
C ALA A 389 9.71 33.01 -21.80
N ALA A 390 9.36 33.05 -23.09
CA ALA A 390 8.47 34.06 -23.62
C ALA A 390 7.12 33.98 -22.93
N GLY A 391 6.57 35.13 -22.54
CA GLY A 391 5.28 35.08 -21.88
C GLY A 391 4.16 35.31 -22.87
N GLY A 392 2.93 35.13 -22.44
CA GLY A 392 1.81 35.74 -23.13
C GLY A 392 1.44 36.94 -22.29
N ALA A 393 0.95 37.99 -22.92
CA ALA A 393 0.35 39.12 -22.21
C ALA A 393 -1.08 39.30 -22.69
N TYR A 394 -1.99 39.57 -21.75
CA TYR A 394 -3.41 39.65 -22.08
C TYR A 394 -4.05 40.87 -21.45
N ALA A 395 -5.04 41.44 -22.15
CA ALA A 395 -5.89 42.50 -21.61
C ALA A 395 -7.28 41.93 -21.40
N ALA A 396 -7.94 42.34 -20.31
CA ALA A 396 -9.28 41.86 -19.99
C ALA A 396 -10.23 42.06 -21.17
N THR A 397 -10.99 41.02 -21.51
CA THR A 397 -11.98 41.12 -22.60
C THR A 397 -13.37 41.53 -22.05
N SER A 398 -13.56 41.37 -20.75
CA SER A 398 -14.67 41.99 -20.02
C SER A 398 -14.23 42.30 -18.59
N THR A 399 -15.11 42.93 -17.79
CA THR A 399 -14.75 43.33 -16.44
C THR A 399 -14.19 42.15 -15.62
N GLY A 400 -12.89 42.22 -15.34
CA GLY A 400 -12.21 41.25 -14.48
C GLY A 400 -12.05 39.86 -15.08
N ARG A 401 -12.20 39.77 -16.41
CA ARG A 401 -12.15 38.49 -17.11
C ARG A 401 -11.12 38.48 -18.24
N TYR A 402 -10.17 37.55 -18.16
CA TYR A 402 -9.17 37.36 -19.19
C TYR A 402 -9.51 36.07 -19.92
N THR A 403 -9.67 36.15 -21.24
CA THR A 403 -10.05 34.98 -22.04
C THR A 403 -9.03 34.72 -23.14
N GLY A 404 -9.13 33.55 -23.77
CA GLY A 404 -8.18 33.17 -24.81
C GLY A 404 -6.76 32.93 -24.31
N VAL A 405 -6.61 32.60 -23.04
CA VAL A 405 -5.28 32.43 -22.45
C VAL A 405 -4.66 31.09 -22.89
N THR A 406 -3.41 31.13 -23.36
CA THR A 406 -2.81 30.01 -24.08
C THR A 406 -1.72 29.28 -23.27
N ALA A 407 -1.70 27.95 -23.36
CA ALA A 407 -0.64 27.12 -22.80
C ALA A 407 -0.20 26.10 -23.86
N ALA A 408 1.11 26.02 -24.10
CA ALA A 408 1.67 25.02 -25.05
C ALA A 408 1.45 23.60 -24.57
N SER A 409 1.28 23.46 -23.27
CA SER A 409 1.02 22.17 -22.63
C SER A 409 0.11 22.40 -21.43
N THR A 410 -0.70 21.40 -21.08
CA THR A 410 -1.37 21.39 -19.78
C THR A 410 -0.30 21.43 -18.67
N GLY A 411 -0.51 22.26 -17.65
CA GLY A 411 0.43 22.30 -16.53
C GLY A 411 0.48 23.64 -15.84
N LEU A 412 1.49 23.82 -15.01
CA LEU A 412 1.56 24.97 -14.12
C LEU A 412 2.22 26.18 -14.80
N ASN A 413 1.65 27.35 -14.52
CA ASN A 413 2.08 28.62 -15.10
C ASN A 413 2.15 29.70 -14.02
N VAL A 414 3.05 30.66 -14.19
CA VAL A 414 3.12 31.81 -13.30
C VAL A 414 2.39 32.95 -13.98
N VAL A 415 1.41 33.53 -13.28
CA VAL A 415 0.64 34.68 -13.77
C VAL A 415 0.98 35.90 -12.94
N ASP A 416 1.46 36.97 -13.58
CA ASP A 416 1.67 38.23 -12.90
C ASP A 416 0.48 39.13 -13.21
N VAL A 417 -0.23 39.55 -12.17
CA VAL A 417 -1.45 40.36 -12.37
C VAL A 417 -1.13 41.81 -12.05
N ALA A 418 -1.30 42.70 -13.04
CA ALA A 418 -1.04 44.15 -12.88
C ALA A 418 -2.24 44.89 -12.27
N TYR A 419 -1.97 45.83 -11.37
CA TYR A 419 -3.03 46.55 -10.67
C TYR A 419 -2.46 47.78 -9.97
N THR A 420 -3.36 48.65 -9.50
CA THR A 420 -3.00 49.78 -8.66
C THR A 420 -3.86 49.71 -7.43
N ASN A 421 -3.22 49.86 -6.28
CA ASN A 421 -3.90 49.98 -5.02
C ASN A 421 -3.25 51.12 -4.25
N ASN A 422 -3.70 52.33 -4.55
CA ASN A 422 -3.15 53.55 -3.98
C ASN A 422 -3.83 53.88 -2.65
N THR A 423 -3.92 52.89 -1.76
CA THR A 423 -4.43 53.09 -0.41
C THR A 423 -3.47 52.46 0.61
N SER A 424 -3.82 52.54 1.89
CA SER A 424 -2.95 52.02 2.95
C SER A 424 -3.24 50.56 3.35
N SER A 425 -4.22 49.92 2.72
CA SER A 425 -4.61 48.56 3.08
C SER A 425 -4.70 47.66 1.86
N ALA A 426 -4.29 46.40 2.04
CA ALA A 426 -4.41 45.38 1.01
C ALA A 426 -5.87 45.20 0.67
N ARG A 427 -6.16 44.80 -0.57
CA ARG A 427 -7.51 44.42 -0.96
C ARG A 427 -7.49 42.97 -1.46
N THR A 428 -8.62 42.29 -1.39
CA THR A 428 -8.68 40.92 -1.91
C THR A 428 -9.64 40.78 -3.08
N ALA A 429 -9.38 39.80 -3.93
CA ALA A 429 -10.34 39.36 -4.95
C ALA A 429 -10.40 37.85 -4.96
N THR A 430 -11.46 37.32 -5.56
CA THR A 430 -11.62 35.88 -5.79
C THR A 430 -11.14 35.62 -7.20
N LEU A 431 -10.23 34.66 -7.37
CA LEU A 431 -9.76 34.26 -8.71
C LEU A 431 -10.28 32.87 -9.05
N GLN A 432 -10.85 32.74 -10.24
CA GLN A 432 -11.19 31.41 -10.74
C GLN A 432 -10.62 31.17 -12.13
N VAL A 433 -9.86 30.07 -12.23
CA VAL A 433 -9.31 29.63 -13.50
C VAL A 433 -10.22 28.55 -14.11
N ASN A 434 -10.67 28.76 -15.34
CA ASN A 434 -11.60 27.83 -15.98
C ASN A 434 -12.73 27.49 -15.02
N GLY A 435 -13.08 26.20 -14.91
CA GLY A 435 -14.09 25.76 -13.94
C GLY A 435 -13.47 25.19 -12.66
N GLN A 436 -12.25 25.59 -12.34
CA GLN A 436 -11.57 25.04 -11.17
C GLN A 436 -12.11 25.67 -9.89
N THR A 437 -11.72 25.08 -8.75
CA THR A 437 -11.97 25.68 -7.45
C THR A 437 -11.36 27.07 -7.41
N ALA A 438 -12.14 28.02 -6.92
CA ALA A 438 -11.67 29.42 -6.81
C ALA A 438 -10.68 29.59 -5.66
N THR A 439 -9.95 30.70 -5.68
CA THR A 439 -8.97 30.98 -4.66
C THR A 439 -9.03 32.48 -4.36
N THR A 440 -8.43 32.89 -3.26
CA THR A 440 -8.40 34.31 -2.91
C THR A 440 -6.98 34.83 -3.15
N VAL A 441 -6.93 36.03 -3.71
CA VAL A 441 -5.69 36.74 -3.97
C VAL A 441 -5.71 38.09 -3.23
N SER A 442 -4.60 38.41 -2.59
CA SER A 442 -4.43 39.67 -1.86
C SER A 442 -3.60 40.63 -2.68
N PHE A 443 -3.96 41.91 -2.64
CA PHE A 443 -3.27 42.94 -3.43
C PHE A 443 -2.75 44.00 -2.48
N PRO A 444 -1.44 43.95 -2.13
CA PRO A 444 -0.93 44.96 -1.21
C PRO A 444 -0.89 46.37 -1.83
N PRO A 445 -0.77 47.42 -0.99
CA PRO A 445 -0.62 48.81 -1.46
C PRO A 445 0.49 48.94 -2.51
N THR A 446 0.27 49.75 -3.54
CA THR A 446 1.25 49.95 -4.63
C THR A 446 1.84 51.36 -4.70
N GLY A 447 1.21 52.30 -4.00
CA GLY A 447 1.43 53.72 -4.29
C GLY A 447 0.64 54.08 -5.54
N ALA A 448 1.02 55.21 -6.18
CA ALA A 448 0.26 55.76 -7.31
C ALA A 448 0.48 54.99 -8.61
N SER A 449 1.64 54.34 -8.73
CA SER A 449 1.98 53.54 -9.91
C SER A 449 1.57 52.09 -9.72
N ALA A 450 1.28 51.43 -10.85
CA ALA A 450 0.90 50.02 -10.87
C ALA A 450 2.03 49.10 -10.44
N GLY A 451 1.65 47.92 -9.95
CA GLY A 451 2.58 46.86 -9.63
C GLY A 451 1.94 45.53 -9.99
N THR A 452 2.67 44.43 -9.80
CA THR A 452 2.09 43.11 -9.98
C THR A 452 2.19 42.31 -8.69
N VAL A 453 1.23 41.40 -8.52
CA VAL A 453 1.43 40.24 -7.64
C VAL A 453 1.35 39.01 -8.52
N SER A 454 1.96 37.92 -8.04
CA SER A 454 2.05 36.69 -8.84
C SER A 454 1.22 35.57 -8.22
N VAL A 455 0.69 34.70 -9.08
CA VAL A 455 0.02 33.46 -8.64
C VAL A 455 0.48 32.31 -9.54
N GLU A 456 0.48 31.10 -9.00
CA GLU A 456 0.66 29.91 -9.85
C GLU A 456 -0.70 29.32 -10.15
N VAL A 457 -0.90 28.99 -11.42
CA VAL A 457 -2.15 28.41 -11.86
C VAL A 457 -1.88 27.22 -12.76
N SER A 458 -2.86 26.33 -12.81
CA SER A 458 -2.80 25.14 -13.68
C SER A 458 -3.73 25.44 -14.87
N LEU A 459 -3.21 25.30 -16.10
CA LEU A 459 -3.98 25.58 -17.31
C LEU A 459 -4.05 24.35 -18.20
N SER A 460 -5.07 24.33 -19.06
CA SER A 460 -5.20 23.32 -20.11
C SER A 460 -4.48 23.72 -21.38
N LYS A 461 -3.90 22.71 -22.03
CA LYS A 461 -3.31 22.88 -23.36
C LYS A 461 -4.32 23.57 -24.29
N GLY A 462 -3.86 24.59 -25.01
CA GLY A 462 -4.66 25.34 -25.96
C GLY A 462 -4.90 26.77 -25.55
N SER A 463 -5.89 27.42 -26.19
CA SER A 463 -6.14 28.86 -25.99
C SER A 463 -7.54 29.14 -25.46
N ALA A 464 -8.13 28.17 -24.76
CA ALA A 464 -9.48 28.32 -24.24
C ALA A 464 -9.52 28.60 -22.73
N ASN A 465 -8.36 28.87 -22.12
CA ASN A 465 -8.30 29.17 -20.69
C ASN A 465 -8.84 30.56 -20.34
N THR A 466 -9.50 30.64 -19.19
CA THR A 466 -10.05 31.90 -18.68
C THR A 466 -9.57 32.10 -17.24
N LEU A 467 -9.27 33.35 -16.90
CA LEU A 467 -9.02 33.75 -15.51
C LEU A 467 -9.99 34.87 -15.17
N ALA A 468 -10.82 34.64 -14.15
CA ALA A 468 -11.87 35.61 -13.76
C ALA A 468 -11.69 36.09 -12.33
N LEU A 469 -11.62 37.40 -12.15
CA LEU A 469 -11.53 38.02 -10.83
C LEU A 469 -12.85 38.66 -10.42
N SER A 470 -13.20 38.48 -9.14
CA SER A 470 -14.36 39.13 -8.54
C SER A 470 -13.91 39.89 -7.31
N GLY A 471 -14.34 41.15 -7.23
CA GLY A 471 -13.99 42.01 -6.12
C GLY A 471 -12.57 42.54 -6.26
N GLY A 472 -12.17 43.40 -5.35
CA GLY A 472 -10.79 43.90 -5.34
C GLY A 472 -10.49 44.94 -6.40
N PRO A 473 -9.23 45.34 -6.55
CA PRO A 473 -8.86 46.43 -7.46
C PRO A 473 -9.05 46.06 -8.93
N ALA A 474 -9.38 47.04 -9.77
CA ALA A 474 -9.41 46.80 -11.21
C ALA A 474 -7.99 46.44 -11.63
N THR A 475 -7.86 45.40 -12.44
CA THR A 475 -6.54 44.97 -12.85
C THR A 475 -6.22 45.56 -14.21
N GLU A 476 -4.95 45.57 -14.58
CA GLU A 476 -4.52 46.31 -15.77
C GLU A 476 -3.75 45.44 -16.75
N GLY A 477 -4.06 44.14 -16.76
CA GLY A 477 -3.37 43.21 -17.63
C GLY A 477 -2.75 42.08 -16.84
N ILE A 478 -2.53 40.94 -17.50
CA ILE A 478 -1.83 39.81 -16.90
C ILE A 478 -0.75 39.33 -17.85
N THR A 479 0.31 38.77 -17.26
CA THR A 479 1.39 38.10 -17.97
C THR A 479 1.39 36.63 -17.55
N VAL A 480 1.59 35.72 -18.50
CA VAL A 480 1.50 34.28 -18.24
C VAL A 480 2.76 33.59 -18.79
N ARG A 481 3.48 32.86 -17.93
CA ARG A 481 4.67 32.07 -18.34
C ARG A 481 4.59 30.65 -17.81
N PRO A 482 4.95 29.65 -18.65
CA PRO A 482 4.85 28.26 -18.21
C PRO A 482 6.04 27.80 -17.41
N LEU A 483 5.83 26.75 -16.61
CA LEU A 483 6.92 26.01 -15.97
C LEU A 483 6.90 24.60 -16.59
N PRO A 484 7.70 24.41 -17.66
CA PRO A 484 7.62 23.17 -18.44
C PRO A 484 7.93 21.90 -17.65
N GLY A 485 8.71 22.02 -16.58
CA GLY A 485 9.00 20.86 -15.73
C GLY A 485 7.74 20.26 -15.11
N THR A 486 6.69 21.06 -15.01
CA THR A 486 5.40 20.64 -14.43
C THR A 486 4.42 20.12 -15.50
N ASN A 487 4.85 20.12 -16.76
CA ASN A 487 3.99 19.68 -17.87
C ASN A 487 3.33 18.32 -17.63
N GLY A 488 2.05 18.26 -17.97
CA GLY A 488 1.28 17.04 -17.94
C GLY A 488 0.31 17.08 -19.11
N ALA A 489 -0.72 16.23 -19.03
CA ALA A 489 -1.75 16.16 -20.05
C ALA A 489 -3.08 15.79 -19.43
N LEU A 490 -4.13 16.37 -19.98
CA LEU A 490 -5.48 15.92 -19.65
C LEU A 490 -5.63 14.54 -20.25
N VAL A 491 -6.27 13.65 -19.52
CA VAL A 491 -6.59 12.33 -20.08
C VAL A 491 -8.09 12.38 -20.41
N THR A 492 -8.42 12.61 -21.69
CA THR A 492 -9.82 12.91 -22.08
C THR A 492 -10.47 11.73 -22.75
N GLY A 493 -11.64 11.33 -22.22
CA GLY A 493 -12.39 10.19 -22.76
C GLY A 493 -13.01 10.52 -24.11
N LYS A 494 -12.83 9.64 -25.09
CA LYS A 494 -13.40 9.86 -26.42
C LYS A 494 -14.93 9.96 -26.38
N GLN A 495 -15.58 8.99 -25.74
CA GLN A 495 -17.06 8.98 -25.69
C GLN A 495 -17.65 10.16 -24.92
N SER A 496 -17.08 10.50 -23.76
CA SER A 496 -17.69 11.48 -22.86
C SER A 496 -17.23 12.90 -23.11
N GLY A 497 -16.02 13.05 -23.62
CA GLY A 497 -15.38 14.38 -23.70
C GLY A 497 -14.99 14.93 -22.33
N ARG A 498 -15.04 14.06 -21.33
CA ARG A 498 -14.65 14.43 -19.95
C ARG A 498 -13.25 13.91 -19.60
N CYS A 499 -12.69 14.41 -18.49
CA CYS A 499 -11.29 14.20 -18.14
C CYS A 499 -11.15 13.29 -16.93
N ALA A 500 -10.10 12.47 -16.94
CA ALA A 500 -9.73 11.69 -15.75
C ALA A 500 -9.38 12.63 -14.62
N ASP A 501 -10.05 12.45 -13.48
CA ASP A 501 -10.14 13.49 -12.44
C ASP A 501 -10.08 12.86 -11.05
N ILE A 502 -9.34 13.48 -10.13
CA ILE A 502 -9.38 13.04 -8.74
C ILE A 502 -10.17 14.07 -7.94
N TYR A 503 -11.27 13.61 -7.33
CA TYR A 503 -12.29 14.52 -6.80
C TYR A 503 -11.75 15.62 -5.88
N ASN A 504 -12.04 16.87 -6.25
CA ASN A 504 -11.86 18.03 -5.35
C ASN A 504 -10.44 18.21 -4.81
N ASN A 505 -9.45 17.81 -5.63
CA ASN A 505 -8.02 17.96 -5.28
C ASN A 505 -7.57 17.14 -4.07
N THR A 506 -8.23 16.01 -3.89
CA THR A 506 -7.91 15.04 -2.86
C THR A 506 -6.60 14.34 -3.19
N ILE A 507 -5.77 14.12 -2.17
CA ILE A 507 -4.48 13.45 -2.38
C ILE A 507 -4.39 12.05 -1.72
N THR A 508 -5.44 11.65 -1.00
CA THR A 508 -5.42 10.40 -0.22
C THR A 508 -5.24 9.14 -1.08
N ASN A 509 -4.26 8.31 -0.71
CA ASN A 509 -4.09 6.98 -1.29
C ASN A 509 -5.44 6.27 -1.40
N GLY A 510 -5.74 5.72 -2.57
CA GLY A 510 -6.96 4.92 -2.75
C GLY A 510 -8.17 5.67 -3.28
N THR A 511 -8.05 6.98 -3.48
CA THR A 511 -9.13 7.75 -4.10
C THR A 511 -9.28 7.31 -5.54
N GLN A 512 -10.49 6.96 -5.96
CA GLN A 512 -10.71 6.44 -7.30
C GLN A 512 -10.86 7.56 -8.36
N ALA A 513 -10.18 7.39 -9.50
CA ALA A 513 -10.35 8.28 -10.64
C ALA A 513 -11.78 8.25 -11.19
N GLU A 514 -12.27 9.40 -11.63
CA GLU A 514 -13.59 9.52 -12.23
C GLU A 514 -13.55 10.41 -13.44
N LEU A 515 -14.59 10.36 -14.29
CA LEU A 515 -14.72 11.37 -15.34
C LEU A 515 -15.19 12.65 -14.70
N TRP A 516 -14.68 13.77 -15.17
CA TRP A 516 -15.22 15.08 -14.78
C TRP A 516 -15.06 16.09 -15.90
N ASP A 517 -15.95 17.09 -15.94
CA ASP A 517 -15.80 18.22 -16.85
C ASP A 517 -14.35 18.69 -16.81
N CYS A 518 -13.73 18.83 -17.97
CA CYS A 518 -12.33 19.23 -18.06
C CYS A 518 -12.16 20.67 -17.59
N ASN A 519 -11.19 20.90 -16.72
CA ASN A 519 -10.97 22.28 -16.24
C ASN A 519 -9.49 22.64 -16.14
N GLY A 520 -8.61 21.65 -16.34
CA GLY A 520 -7.18 21.93 -16.32
C GLY A 520 -6.55 22.05 -14.95
N GLY A 521 -7.28 21.67 -13.90
CA GLY A 521 -6.73 21.73 -12.53
C GLY A 521 -5.61 20.74 -12.29
N PRO A 522 -4.86 20.89 -11.18
CA PRO A 522 -3.82 19.91 -10.84
C PRO A 522 -4.33 18.48 -10.70
N ASN A 523 -5.62 18.34 -10.34
CA ASN A 523 -6.25 17.03 -10.16
C ASN A 523 -6.63 16.38 -11.49
N GLN A 524 -6.26 17.00 -12.60
CA GLN A 524 -6.54 16.48 -13.95
C GLN A 524 -5.29 16.47 -14.84
N SER A 525 -4.16 16.94 -14.32
CA SER A 525 -2.95 17.07 -15.16
C SER A 525 -2.03 15.88 -14.90
N TRP A 526 -2.03 14.91 -15.82
CA TRP A 526 -1.27 13.65 -15.70
C TRP A 526 0.06 13.69 -16.48
N THR A 527 1.17 13.43 -15.79
CA THR A 527 2.50 13.39 -16.40
C THR A 527 2.87 11.95 -16.67
N TYR A 528 3.08 11.61 -17.94
CA TYR A 528 3.48 10.26 -18.33
C TYR A 528 4.99 10.19 -18.30
N THR A 529 5.54 9.28 -17.51
CA THR A 529 6.99 9.22 -17.30
C THR A 529 7.66 8.13 -18.16
N SER A 530 9.00 8.15 -18.19
CA SER A 530 9.82 7.16 -18.90
C SER A 530 9.61 5.76 -18.30
N ARG A 531 9.01 5.72 -17.12
CA ARG A 531 8.73 4.44 -16.44
C ARG A 531 7.28 3.97 -16.65
N LYS A 532 6.60 4.66 -17.56
CA LYS A 532 5.20 4.38 -17.96
C LYS A 532 4.18 4.67 -16.85
N GLU A 533 4.56 5.53 -15.91
CA GLU A 533 3.64 5.99 -14.88
C GLU A 533 2.79 7.16 -15.37
N LEU A 534 1.60 7.27 -14.81
CA LEU A 534 0.78 8.44 -15.02
C LEU A 534 0.63 9.16 -13.67
N VAL A 535 1.35 10.28 -13.54
CA VAL A 535 1.64 10.88 -12.23
C VAL A 535 0.82 12.14 -12.00
N LEU A 536 0.19 12.22 -10.84
CA LEU A 536 -0.63 13.39 -10.47
C LEU A 536 0.01 14.12 -9.28
N TYR A 537 -0.07 15.45 -9.30
CA TYR A 537 0.47 16.31 -8.24
C TYR A 537 1.99 16.19 -8.11
N GLY A 538 2.63 15.59 -9.12
CA GLY A 538 4.05 15.31 -9.06
C GLY A 538 4.45 14.10 -8.21
N ASN A 539 3.49 13.46 -7.53
CA ASN A 539 3.84 12.45 -6.52
C ASN A 539 2.80 11.34 -6.20
N LYS A 540 1.78 11.20 -7.05
CA LYS A 540 0.74 10.16 -6.89
C LYS A 540 0.62 9.41 -8.21
N CYS A 541 0.62 8.08 -8.17
CA CYS A 541 0.60 7.28 -9.40
C CYS A 541 -0.78 6.69 -9.68
N LEU A 542 -1.26 6.82 -10.93
CA LEU A 542 -2.46 6.09 -11.34
C LEU A 542 -2.15 4.57 -11.18
N ASP A 543 -3.08 3.87 -10.53
CA ASP A 543 -2.78 2.58 -9.90
C ASP A 543 -4.01 1.66 -10.00
N ALA A 544 -3.79 0.44 -10.51
CA ALA A 544 -4.84 -0.57 -10.51
C ALA A 544 -4.86 -1.16 -9.10
N TYR A 545 -5.92 -0.87 -8.36
CA TYR A 545 -5.96 -1.12 -6.91
C TYR A 545 -5.61 -2.55 -6.55
N ASN A 546 -4.58 -2.68 -5.72
CA ASN A 546 -4.13 -3.97 -5.16
C ASN A 546 -3.74 -4.99 -6.23
N LEU A 547 -3.26 -4.48 -7.37
CA LEU A 547 -2.81 -5.28 -8.50
C LEU A 547 -3.95 -6.14 -9.08
N GLY A 548 -5.17 -5.63 -9.02
CA GLY A 548 -6.33 -6.37 -9.52
C GLY A 548 -6.15 -6.69 -11.00
N THR A 549 -6.58 -7.88 -11.40
CA THR A 549 -6.40 -8.33 -12.77
C THR A 549 -7.72 -8.64 -13.48
N THR A 550 -8.86 -8.31 -12.87
CA THR A 550 -10.14 -8.65 -13.50
C THR A 550 -11.05 -7.45 -13.73
N ASN A 551 -12.08 -7.66 -14.56
CA ASN A 551 -13.07 -6.63 -14.87
C ASN A 551 -13.66 -5.96 -13.63
N GLY A 552 -13.57 -4.64 -13.58
CA GLY A 552 -14.10 -3.91 -12.46
C GLY A 552 -13.07 -3.48 -11.44
N THR A 553 -11.81 -3.89 -11.64
CA THR A 553 -10.73 -3.45 -10.75
C THR A 553 -10.71 -1.91 -10.70
N LYS A 554 -10.74 -1.33 -9.49
CA LYS A 554 -10.74 0.12 -9.30
C LYS A 554 -9.41 0.75 -9.72
N VAL A 555 -9.49 1.88 -10.43
CA VAL A 555 -8.27 2.63 -10.79
C VAL A 555 -8.23 3.85 -9.89
N VAL A 556 -7.14 3.95 -9.12
CA VAL A 556 -7.02 4.91 -8.02
C VAL A 556 -5.69 5.68 -8.14
N ILE A 557 -5.49 6.66 -7.26
CA ILE A 557 -4.15 7.20 -7.07
C ILE A 557 -3.50 6.53 -5.86
N TRP A 558 -2.19 6.38 -5.90
CA TRP A 558 -1.44 5.75 -4.82
C TRP A 558 0.00 6.26 -4.88
N ASP A 559 0.67 6.31 -3.74
CA ASP A 559 2.10 6.64 -3.75
C ASP A 559 2.81 5.75 -4.76
N CYS A 560 3.67 6.37 -5.57
CA CYS A 560 4.38 5.66 -6.62
C CYS A 560 5.31 4.63 -6.00
N ASN A 561 5.31 3.42 -6.55
CA ASN A 561 6.06 2.32 -5.92
C ASN A 561 6.80 1.42 -6.93
N GLY A 562 6.84 1.85 -8.18
CA GLY A 562 7.54 1.12 -9.24
C GLY A 562 6.94 -0.20 -9.70
N GLN A 563 5.78 -0.59 -9.15
CA GLN A 563 5.15 -1.86 -9.54
C GLN A 563 4.43 -1.83 -10.91
N ALA A 564 4.22 -3.02 -11.49
CA ALA A 564 3.56 -3.15 -12.81
C ALA A 564 2.12 -2.65 -12.89
N ASN A 565 1.42 -2.62 -11.75
CA ASN A 565 0.05 -2.12 -11.70
C ASN A 565 -0.02 -0.58 -11.75
N GLN A 566 1.15 0.08 -11.69
CA GLN A 566 1.23 1.54 -11.89
C GLN A 566 1.80 1.90 -13.27
N LYS A 567 2.00 0.90 -14.11
CA LYS A 567 2.54 1.14 -15.44
C LYS A 567 1.47 1.03 -16.51
N TRP A 568 1.54 1.91 -17.50
CA TRP A 568 0.48 2.08 -18.50
C TRP A 568 1.03 2.23 -19.91
N ASN A 569 0.42 1.52 -20.87
CA ASN A 569 0.78 1.64 -22.27
C ASN A 569 -0.23 2.52 -22.96
N ILE A 570 0.26 3.54 -23.65
CA ILE A 570 -0.62 4.43 -24.38
C ILE A 570 -0.60 3.96 -25.82
N ASN A 571 -1.63 3.23 -26.20
CA ASN A 571 -1.63 2.49 -27.44
C ASN A 571 -2.10 3.32 -28.64
N SER A 572 -1.67 2.91 -29.82
CA SER A 572 -1.99 3.63 -31.04
C SER A 572 -3.50 3.62 -31.38
N ASP A 573 -4.26 2.66 -30.85
CA ASP A 573 -5.70 2.59 -31.09
C ASP A 573 -6.54 3.43 -30.12
N GLY A 574 -5.86 4.24 -29.30
CA GLY A 574 -6.53 5.13 -28.36
C GLY A 574 -6.81 4.52 -26.99
N THR A 575 -6.48 3.24 -26.81
CA THR A 575 -6.64 2.60 -25.49
C THR A 575 -5.44 2.90 -24.59
N ILE A 576 -5.66 2.81 -23.29
CA ILE A 576 -4.60 2.91 -22.29
C ILE A 576 -4.64 1.62 -21.45
N THR A 577 -3.62 0.79 -21.58
CA THR A 577 -3.65 -0.51 -20.91
C THR A 577 -2.71 -0.58 -19.70
N ASN A 578 -3.21 -1.21 -18.65
CA ASN A 578 -2.43 -1.49 -17.45
C ASN A 578 -1.47 -2.63 -17.75
N VAL A 579 -0.18 -2.41 -17.51
CA VAL A 579 0.85 -3.41 -17.86
C VAL A 579 0.70 -4.72 -17.09
N ASN A 580 0.43 -4.62 -15.79
CA ASN A 580 0.32 -5.80 -14.95
C ASN A 580 -0.74 -6.77 -15.47
N ALA A 581 -1.86 -6.18 -15.86
CA ALA A 581 -3.11 -6.85 -16.13
C ALA A 581 -3.41 -7.04 -17.63
N GLY A 582 -2.94 -6.14 -18.48
CA GLY A 582 -3.33 -6.12 -19.90
C GLY A 582 -4.76 -5.62 -20.11
N LEU A 583 -5.38 -5.13 -19.04
CA LEU A 583 -6.75 -4.59 -19.15
C LEU A 583 -6.74 -3.10 -19.47
N CYS A 584 -7.86 -2.61 -20.02
CA CYS A 584 -8.02 -1.24 -20.52
C CYS A 584 -8.61 -0.31 -19.46
N LEU A 585 -8.11 0.92 -19.43
CA LEU A 585 -8.69 1.98 -18.62
C LEU A 585 -10.08 2.24 -19.21
N ASP A 586 -11.09 2.23 -18.35
CA ASP A 586 -12.47 2.06 -18.81
C ASP A 586 -13.42 2.93 -17.98
N ALA A 587 -14.22 3.73 -18.67
CA ALA A 587 -15.25 4.51 -17.98
C ALA A 587 -16.46 3.59 -17.78
N TYR A 588 -16.67 3.20 -16.52
CA TYR A 588 -17.59 2.10 -16.14
C TYR A 588 -19.02 2.22 -16.68
N ASN A 589 -19.47 1.15 -17.33
CA ASN A 589 -20.83 1.03 -17.88
C ASN A 589 -21.05 1.96 -19.07
N ALA A 590 -19.94 2.44 -19.63
CA ALA A 590 -19.94 3.44 -20.71
C ALA A 590 -20.81 4.66 -20.36
N ALA A 591 -20.89 4.99 -19.07
CA ALA A 591 -21.46 6.28 -18.62
C ALA A 591 -20.53 7.44 -19.01
N THR A 592 -21.09 8.63 -19.17
CA THR A 592 -20.34 9.78 -19.66
C THR A 592 -20.39 11.00 -18.70
N ALA A 593 -21.22 10.92 -17.66
CA ALA A 593 -21.42 12.02 -16.71
C ALA A 593 -20.29 12.22 -15.70
N ASN A 594 -20.24 13.42 -15.11
CA ASN A 594 -19.40 13.67 -13.94
C ASN A 594 -19.59 12.56 -12.90
N GLY A 595 -18.49 12.06 -12.35
CA GLY A 595 -18.54 11.08 -11.27
C GLY A 595 -18.57 9.63 -11.75
N THR A 596 -18.51 9.42 -13.06
CA THR A 596 -18.39 8.07 -13.61
C THR A 596 -17.05 7.48 -13.15
N SER A 597 -17.09 6.30 -12.51
CA SER A 597 -15.86 5.68 -11.99
C SER A 597 -15.02 5.09 -13.14
N LEU A 598 -13.70 5.19 -13.01
CA LEU A 598 -12.77 4.54 -13.93
C LEU A 598 -12.29 3.22 -13.34
N VAL A 599 -12.32 2.17 -14.17
CA VAL A 599 -11.95 0.84 -13.76
C VAL A 599 -11.06 0.23 -14.84
N LEU A 600 -10.55 -0.96 -14.58
CA LEU A 600 -9.97 -1.77 -15.64
C LEU A 600 -11.07 -2.68 -16.21
N TRP A 601 -10.98 -2.94 -17.51
CA TRP A 601 -11.90 -3.85 -18.18
C TRP A 601 -11.21 -4.43 -19.40
N SER A 602 -11.55 -5.67 -19.73
CA SER A 602 -11.11 -6.29 -20.97
C SER A 602 -11.28 -5.35 -22.14
N CYS A 603 -10.21 -5.23 -22.95
CA CYS A 603 -10.18 -4.27 -24.04
C CYS A 603 -11.09 -4.65 -25.19
N GLY A 604 -11.76 -3.65 -25.74
N GLY A 604 -11.72 -3.65 -25.81
CA GLY A 604 -12.59 -3.82 -26.92
CA GLY A 604 -12.45 -3.85 -27.06
C GLY A 604 -12.47 -2.56 -27.75
C GLY A 604 -13.95 -3.66 -26.98
N THR A 605 -13.49 -2.31 -28.55
N THR A 605 -14.41 -2.92 -25.97
CA THR A 605 -13.43 -1.23 -29.52
CA THR A 605 -15.85 -2.79 -25.76
C THR A 605 -14.26 -0.05 -29.05
C THR A 605 -16.46 -1.47 -26.26
N GLY A 606 -14.94 -0.22 -27.93
N GLY A 606 -15.63 -0.49 -26.62
CA GLY A 606 -15.85 0.79 -27.39
CA GLY A 606 -16.17 0.79 -27.10
C GLY A 606 -15.15 2.10 -27.08
C GLY A 606 -15.40 2.05 -26.71
N ASP A 607 -15.88 3.20 -27.19
CA ASP A 607 -15.28 4.53 -27.00
C ASP A 607 -15.12 4.99 -25.54
N ASN A 608 -15.81 4.33 -24.60
CA ASN A 608 -15.52 4.53 -23.16
C ASN A 608 -14.16 3.91 -22.75
N GLN A 609 -13.45 3.32 -23.71
CA GLN A 609 -12.10 2.81 -23.46
C GLN A 609 -11.07 3.56 -24.31
N LYS A 610 -11.50 4.64 -24.96
CA LYS A 610 -10.63 5.41 -25.82
C LYS A 610 -10.34 6.78 -25.22
N TRP A 611 -9.09 7.22 -25.33
CA TRP A 611 -8.61 8.40 -24.62
C TRP A 611 -7.66 9.20 -25.50
N THR A 612 -7.51 10.48 -25.19
CA THR A 612 -6.42 11.31 -25.72
C THR A 612 -5.56 11.74 -24.53
N VAL A 613 -4.23 11.71 -24.69
CA VAL A 613 -3.28 12.05 -23.61
C VAL A 613 -2.16 12.95 -24.15
N THR A 614 -2.52 14.08 -24.73
CA THR A 614 -1.54 15.00 -25.28
C THR A 614 -1.64 16.37 -24.59
N THR B 3 6.15 -46.43 16.58
CA THR B 3 4.78 -45.91 16.19
C THR B 3 4.26 -46.46 14.85
N THR B 4 2.97 -46.24 14.63
CA THR B 4 2.22 -46.77 13.50
C THR B 4 2.80 -46.32 12.15
N ARG B 5 2.69 -47.18 11.15
CA ARG B 5 3.12 -46.88 9.79
C ARG B 5 2.30 -45.73 9.20
N GLN B 6 2.95 -44.93 8.36
CA GLN B 6 2.29 -43.81 7.68
C GLN B 6 1.70 -44.27 6.37
N ILE B 7 0.44 -43.90 6.08
CA ILE B 7 -0.23 -44.27 4.82
C ILE B 7 0.05 -43.20 3.76
N THR B 8 0.54 -43.63 2.60
CA THR B 8 0.85 -42.69 1.50
C THR B 8 -0.43 -42.06 0.97
N VAL B 9 -0.38 -40.75 0.72
CA VAL B 9 -1.52 -40.02 0.18
C VAL B 9 -1.17 -39.50 -1.23
N PRO B 10 -2.16 -39.22 -2.09
CA PRO B 10 -1.87 -38.77 -3.45
C PRO B 10 -1.04 -37.50 -3.49
N SER B 11 -0.12 -37.43 -4.46
CA SER B 11 0.71 -36.25 -4.73
C SER B 11 -0.02 -35.24 -5.64
N ALA B 12 0.50 -34.01 -5.73
CA ALA B 12 -0.03 -33.01 -6.65
C ALA B 12 0.36 -33.37 -8.09
N PRO B 13 -0.47 -32.97 -9.09
CA PRO B 13 -0.19 -33.35 -10.49
C PRO B 13 1.16 -32.81 -10.96
N MET B 14 1.83 -33.59 -11.81
CA MET B 14 3.01 -33.10 -12.54
C MET B 14 2.78 -33.25 -14.05
N GLY B 15 3.23 -32.24 -14.80
CA GLY B 15 3.07 -32.27 -16.24
C GLY B 15 3.47 -30.97 -16.92
N TRP B 16 2.73 -30.63 -17.97
CA TRP B 16 2.95 -29.40 -18.74
C TRP B 16 1.59 -28.86 -19.20
N ALA B 17 1.45 -27.54 -19.25
CA ALA B 17 0.18 -26.94 -19.72
C ALA B 17 0.44 -25.84 -20.73
N SER B 18 -0.52 -25.61 -21.62
CA SER B 18 -0.27 -24.79 -22.81
C SER B 18 -0.34 -23.26 -22.64
N TRP B 19 -0.86 -22.79 -21.50
CA TRP B 19 -1.14 -21.38 -21.34
C TRP B 19 0.05 -20.43 -21.32
N ASN B 20 1.04 -20.68 -20.45
CA ASN B 20 2.10 -19.69 -20.22
C ASN B 20 2.88 -19.33 -21.50
N SER B 21 3.11 -20.30 -22.38
CA SER B 21 3.90 -20.03 -23.60
C SER B 21 3.08 -19.77 -24.87
N PHE B 22 1.83 -20.20 -24.90
CA PHE B 22 1.05 -20.06 -26.14
C PHE B 22 -0.23 -19.22 -26.05
N ALA B 23 -0.66 -18.89 -24.83
CA ALA B 23 -1.99 -18.31 -24.60
C ALA B 23 -3.01 -19.14 -25.42
N ALA B 24 -4.01 -18.51 -26.08
CA ALA B 24 -5.04 -19.29 -26.82
C ALA B 24 -4.59 -19.75 -28.20
N LYS B 25 -3.33 -19.50 -28.55
CA LYS B 25 -2.79 -19.87 -29.86
C LYS B 25 -2.38 -21.35 -29.92
N ILE B 26 -3.35 -22.22 -29.73
CA ILE B 26 -3.11 -23.66 -29.72
C ILE B 26 -3.98 -24.41 -30.74
N ASP B 27 -3.45 -25.52 -31.24
CA ASP B 27 -4.18 -26.45 -32.10
C ASP B 27 -3.51 -27.80 -31.94
N TYR B 28 -3.93 -28.79 -32.73
CA TYR B 28 -3.38 -30.13 -32.65
C TYR B 28 -1.86 -30.13 -32.87
N SER B 29 -1.39 -29.39 -33.87
CA SER B 29 0.05 -29.38 -34.16
C SER B 29 0.91 -28.82 -33.03
N VAL B 30 0.44 -27.76 -32.38
CA VAL B 30 1.16 -27.14 -31.25
C VAL B 30 1.30 -28.15 -30.13
N ILE B 31 0.21 -28.80 -29.77
CA ILE B 31 0.23 -29.77 -28.67
C ILE B 31 1.10 -30.97 -29.00
N LYS B 32 0.98 -31.48 -30.24
CA LYS B 32 1.79 -32.61 -30.66
C LYS B 32 3.29 -32.33 -30.49
N LYS B 33 3.72 -31.14 -30.91
CA LYS B 33 5.13 -30.78 -30.86
C LYS B 33 5.63 -30.71 -29.40
N GLN B 34 4.78 -30.16 -28.52
CA GLN B 34 5.10 -30.09 -27.11
C GLN B 34 5.19 -31.48 -26.49
N VAL B 35 4.27 -32.38 -26.85
CA VAL B 35 4.32 -33.78 -26.41
C VAL B 35 5.64 -34.45 -26.84
N ASP B 36 6.00 -34.26 -28.11
CA ASP B 36 7.26 -34.84 -28.58
C ASP B 36 8.48 -34.32 -27.81
N ALA B 37 8.52 -33.00 -27.56
CA ALA B 37 9.61 -32.37 -26.79
C ALA B 37 9.64 -32.83 -25.33
N PHE B 38 8.46 -32.97 -24.73
CA PHE B 38 8.27 -33.50 -23.36
C PHE B 38 8.94 -34.88 -23.24
N VAL B 39 8.62 -35.76 -24.18
CA VAL B 39 9.13 -37.11 -24.23
C VAL B 39 10.65 -37.09 -24.49
N ALA B 40 11.08 -36.34 -25.50
CA ALA B 40 12.50 -36.19 -25.84
C ALA B 40 13.35 -35.62 -24.68
N ALA B 41 12.73 -34.76 -23.87
CA ALA B 41 13.42 -34.15 -22.73
C ALA B 41 13.63 -35.09 -21.53
N GLY B 42 13.00 -36.27 -21.57
CA GLY B 42 13.09 -37.23 -20.48
C GLY B 42 12.22 -36.84 -19.29
N LEU B 43 11.31 -35.89 -19.49
CA LEU B 43 10.37 -35.49 -18.42
C LEU B 43 9.59 -36.66 -17.79
N PRO B 44 9.12 -37.63 -18.60
CA PRO B 44 8.32 -38.74 -18.02
C PRO B 44 9.01 -39.48 -16.89
N ALA B 45 10.31 -39.75 -17.05
CA ALA B 45 11.10 -40.52 -16.06
C ALA B 45 11.25 -39.75 -14.77
N ALA B 46 11.16 -38.43 -14.85
CA ALA B 46 11.18 -37.58 -13.65
C ALA B 46 9.83 -37.51 -12.91
N GLY B 47 8.77 -37.98 -13.56
CA GLY B 47 7.43 -38.07 -12.95
C GLY B 47 6.36 -37.20 -13.62
N TYR B 48 6.77 -36.40 -14.61
CA TYR B 48 5.88 -35.53 -15.39
C TYR B 48 4.93 -36.38 -16.26
N THR B 49 3.63 -36.19 -16.05
CA THR B 49 2.60 -37.11 -16.56
C THR B 49 1.53 -36.45 -17.43
N TYR B 50 1.10 -35.24 -17.07
CA TYR B 50 -0.04 -34.61 -17.74
C TYR B 50 0.40 -33.70 -18.89
N ILE B 51 -0.31 -33.82 -19.99
CA ILE B 51 -0.26 -32.85 -21.07
C ILE B 51 -1.62 -32.15 -21.07
N ASN B 52 -1.63 -30.91 -20.61
CA ASN B 52 -2.88 -30.18 -20.37
C ASN B 52 -3.17 -29.09 -21.42
N ILE B 53 -4.25 -29.29 -22.15
CA ILE B 53 -4.68 -28.34 -23.15
C ILE B 53 -5.50 -27.28 -22.45
N ASP B 54 -4.97 -26.06 -22.46
CA ASP B 54 -5.62 -24.92 -21.75
C ASP B 54 -6.57 -24.15 -22.68
N GLU B 55 -6.85 -22.88 -22.35
CA GLU B 55 -7.77 -22.06 -23.14
C GLU B 55 -7.35 -21.98 -24.61
N GLY B 56 -8.34 -21.97 -25.50
CA GLY B 56 -8.11 -21.84 -26.95
C GLY B 56 -8.60 -22.96 -27.85
N TRP B 57 -8.84 -24.15 -27.29
CA TRP B 57 -9.19 -25.32 -28.08
C TRP B 57 -10.67 -25.27 -28.53
N TRP B 58 -11.48 -24.50 -27.81
CA TRP B 58 -12.94 -24.47 -28.04
C TRP B 58 -13.49 -23.06 -28.17
N GLN B 59 -14.19 -22.78 -29.28
CA GLN B 59 -14.72 -21.43 -29.52
C GLN B 59 -16.19 -21.20 -29.12
N GLY B 60 -16.74 -22.11 -28.31
CA GLY B 60 -18.09 -21.91 -27.74
C GLY B 60 -19.24 -22.58 -28.46
N THR B 61 -18.93 -23.28 -29.55
CA THR B 61 -19.95 -23.91 -30.38
C THR B 61 -20.46 -25.22 -29.80
N ARG B 62 -21.76 -25.48 -30.00
CA ARG B 62 -22.36 -26.76 -29.66
C ARG B 62 -23.30 -27.17 -30.79
N ASP B 63 -23.56 -28.47 -30.91
CA ASP B 63 -24.56 -28.96 -31.88
C ASP B 63 -25.95 -28.85 -31.25
N SER B 64 -26.98 -29.22 -32.01
CA SER B 64 -28.35 -29.03 -31.54
C SER B 64 -28.68 -29.82 -30.28
N ALA B 65 -27.96 -30.93 -30.03
CA ALA B 65 -28.13 -31.71 -28.81
C ALA B 65 -27.30 -31.16 -27.62
N GLY B 66 -26.59 -30.06 -27.85
CA GLY B 66 -25.78 -29.44 -26.78
C GLY B 66 -24.36 -29.97 -26.60
N ASN B 67 -23.94 -30.90 -27.46
CA ASN B 67 -22.58 -31.44 -27.44
C ASN B 67 -21.55 -30.43 -27.96
N ILE B 68 -20.45 -30.30 -27.24
CA ILE B 68 -19.35 -29.43 -27.68
C ILE B 68 -18.90 -29.84 -29.08
N THR B 69 -18.76 -28.87 -29.99
CA THR B 69 -18.23 -29.13 -31.31
C THR B 69 -16.93 -28.34 -31.44
N VAL B 70 -15.90 -28.97 -32.02
CA VAL B 70 -14.63 -28.27 -32.24
C VAL B 70 -14.39 -28.07 -33.73
N ASP B 71 -13.43 -27.20 -34.06
CA ASP B 71 -13.07 -26.94 -35.44
C ASP B 71 -12.02 -27.98 -35.84
N THR B 72 -12.41 -28.97 -36.66
CA THR B 72 -11.48 -30.06 -37.02
C THR B 72 -10.34 -29.62 -37.96
N ALA B 73 -10.39 -28.41 -38.50
CA ALA B 73 -9.22 -27.87 -39.19
C ALA B 73 -8.08 -27.70 -38.20
N GLU B 74 -8.40 -27.23 -37.00
CA GLU B 74 -7.39 -27.07 -35.94
C GLU B 74 -7.21 -28.36 -35.12
N TRP B 75 -8.28 -29.16 -35.05
CA TRP B 75 -8.29 -30.43 -34.29
C TRP B 75 -8.71 -31.62 -35.17
N PRO B 76 -7.82 -32.05 -36.10
CA PRO B 76 -8.18 -33.14 -37.01
C PRO B 76 -8.42 -34.42 -36.23
N GLY B 77 -9.55 -35.07 -36.54
CA GLY B 77 -9.99 -36.29 -35.87
C GLY B 77 -10.75 -36.00 -34.59
N GLY B 78 -11.01 -34.72 -34.33
CA GLY B 78 -11.64 -34.29 -33.10
C GLY B 78 -10.72 -34.38 -31.89
N MET B 79 -11.25 -34.09 -30.71
CA MET B 79 -10.45 -34.06 -29.50
C MET B 79 -9.94 -35.45 -29.12
N SER B 80 -10.65 -36.51 -29.50
CA SER B 80 -10.19 -37.87 -29.16
C SER B 80 -8.91 -38.26 -29.91
N ALA B 81 -8.58 -37.54 -30.98
CA ALA B 81 -7.34 -37.79 -31.70
C ALA B 81 -6.11 -37.28 -30.94
N ILE B 82 -6.25 -36.12 -30.26
CA ILE B 82 -5.12 -35.61 -29.48
C ILE B 82 -4.94 -36.40 -28.17
N THR B 83 -6.04 -36.85 -27.55
CA THR B 83 -5.90 -37.70 -26.36
C THR B 83 -5.26 -39.03 -26.76
N ALA B 84 -5.64 -39.56 -27.92
CA ALA B 84 -5.02 -40.78 -28.45
C ALA B 84 -3.50 -40.61 -28.58
N TYR B 85 -3.07 -39.50 -29.16
CA TYR B 85 -1.65 -39.21 -29.33
C TYR B 85 -0.90 -39.11 -27.99
N ILE B 86 -1.45 -38.32 -27.07
CA ILE B 86 -0.89 -38.16 -25.74
C ILE B 86 -0.74 -39.54 -25.05
N HIS B 87 -1.82 -40.30 -25.01
CA HIS B 87 -1.78 -41.64 -24.41
C HIS B 87 -0.78 -42.55 -25.11
N SER B 88 -0.68 -42.44 -26.44
CA SER B 88 0.25 -43.29 -27.21
C SER B 88 1.70 -43.04 -26.81
N LYS B 89 1.99 -41.83 -26.31
CA LYS B 89 3.35 -41.48 -25.84
C LYS B 89 3.54 -41.71 -24.34
N GLY B 90 2.61 -42.41 -23.71
CA GLY B 90 2.76 -42.85 -22.32
C GLY B 90 2.23 -41.85 -21.30
N LEU B 91 1.47 -40.87 -21.77
CA LEU B 91 1.09 -39.75 -20.90
C LEU B 91 -0.42 -39.62 -20.67
N LYS B 92 -0.82 -38.69 -19.80
CA LYS B 92 -2.24 -38.40 -19.53
C LYS B 92 -2.62 -37.04 -20.13
N ALA B 93 -3.89 -36.88 -20.49
CA ALA B 93 -4.36 -35.72 -21.24
C ALA B 93 -5.28 -34.83 -20.38
N GLY B 94 -5.09 -33.52 -20.46
CA GLY B 94 -5.94 -32.59 -19.71
C GLY B 94 -6.67 -31.62 -20.62
N ILE B 95 -7.83 -31.18 -20.19
CA ILE B 95 -8.65 -30.27 -20.98
C ILE B 95 -9.13 -29.11 -20.06
N TYR B 96 -9.88 -28.16 -20.64
CA TYR B 96 -10.15 -26.87 -19.98
C TYR B 96 -11.52 -26.32 -20.35
N THR B 97 -12.27 -25.87 -19.35
CA THR B 97 -13.59 -25.23 -19.57
C THR B 97 -13.87 -24.18 -18.49
N ASP B 98 -15.07 -23.58 -18.49
CA ASP B 98 -15.46 -22.58 -17.49
C ASP B 98 -16.68 -23.04 -16.67
N ALA B 99 -16.70 -22.63 -15.41
CA ALA B 99 -17.87 -22.80 -14.54
C ALA B 99 -19.13 -22.07 -15.05
N GLY B 100 -18.95 -20.94 -15.75
CA GLY B 100 -20.11 -20.17 -16.23
C GLY B 100 -20.56 -20.51 -17.63
N LYS B 101 -21.41 -19.65 -18.19
CA LYS B 101 -21.99 -19.88 -19.51
C LYS B 101 -21.02 -19.54 -20.62
N ASP B 102 -20.05 -18.68 -20.31
CA ASP B 102 -19.01 -18.25 -21.26
C ASP B 102 -17.67 -18.24 -20.54
N GLY B 103 -16.60 -18.51 -21.29
CA GLY B 103 -15.27 -18.72 -20.71
C GLY B 103 -14.36 -17.51 -20.81
N CYS B 104 -13.14 -17.68 -20.33
CA CYS B 104 -12.14 -16.62 -20.36
C CYS B 104 -11.77 -16.26 -21.79
N GLY B 105 -11.93 -17.22 -22.71
CA GLY B 105 -11.82 -16.95 -24.14
C GLY B 105 -12.87 -16.00 -24.68
N TYR B 106 -13.94 -15.79 -23.92
CA TYR B 106 -14.92 -14.76 -24.23
C TYR B 106 -14.61 -13.45 -23.49
N TYR B 107 -14.44 -13.54 -22.16
CA TYR B 107 -14.35 -12.34 -21.33
C TYR B 107 -12.99 -11.65 -21.49
N TYR B 108 -11.95 -12.43 -21.77
CA TYR B 108 -10.58 -11.92 -21.84
C TYR B 108 -9.82 -12.52 -23.03
N PRO B 109 -10.28 -12.24 -24.27
CA PRO B 109 -9.64 -12.83 -25.44
C PRO B 109 -8.15 -12.53 -25.48
N THR B 110 -7.34 -13.57 -25.66
CA THR B 110 -5.89 -13.45 -25.58
C THR B 110 -5.27 -14.29 -26.67
N GLY B 111 -5.19 -13.71 -27.87
CA GLY B 111 -4.59 -14.38 -29.03
C GLY B 111 -5.61 -14.91 -30.05
N ARG B 112 -6.89 -14.85 -29.71
CA ARG B 112 -8.01 -15.24 -30.60
C ARG B 112 -9.16 -14.27 -30.46
N PRO B 113 -10.07 -14.24 -31.46
CA PRO B 113 -11.29 -13.44 -31.26
C PRO B 113 -12.12 -14.02 -30.11
N ALA B 114 -13.05 -13.21 -29.59
CA ALA B 114 -13.92 -13.66 -28.49
C ALA B 114 -14.68 -14.91 -28.87
N ALA B 115 -14.87 -15.78 -27.88
CA ALA B 115 -15.52 -17.07 -28.05
C ALA B 115 -16.76 -17.16 -27.17
N PRO B 116 -17.88 -16.56 -27.60
CA PRO B 116 -19.14 -16.70 -26.83
C PRO B 116 -19.56 -18.17 -26.67
N GLY B 117 -20.05 -18.52 -25.48
CA GLY B 117 -20.58 -19.85 -25.23
C GLY B 117 -19.56 -20.84 -24.71
N SER B 118 -18.34 -20.37 -24.51
CA SER B 118 -17.22 -21.25 -24.14
C SER B 118 -17.19 -21.59 -22.64
N GLY B 119 -18.35 -21.90 -22.08
CA GLY B 119 -18.44 -22.40 -20.70
C GLY B 119 -19.38 -23.58 -20.56
N SER B 120 -19.31 -24.26 -19.42
CA SER B 120 -20.04 -25.51 -19.20
C SER B 120 -21.33 -25.37 -18.37
N GLU B 121 -21.63 -24.17 -17.87
CA GLU B 121 -22.84 -23.98 -17.08
C GLU B 121 -24.05 -24.50 -17.83
N GLY B 122 -24.86 -25.29 -17.14
CA GLY B 122 -26.03 -25.91 -17.74
C GLY B 122 -25.70 -27.18 -18.48
N HIS B 123 -24.41 -27.53 -18.54
CA HIS B 123 -23.97 -28.71 -19.24
C HIS B 123 -22.90 -29.44 -18.43
N TYR B 124 -22.90 -29.30 -17.10
CA TYR B 124 -21.81 -29.89 -16.32
C TYR B 124 -21.72 -31.41 -16.56
N ASP B 125 -22.82 -32.14 -16.35
CA ASP B 125 -22.81 -33.60 -16.54
C ASP B 125 -22.43 -33.95 -17.98
N GLN B 126 -23.07 -33.27 -18.92
CA GLN B 126 -22.87 -33.51 -20.34
C GLN B 126 -21.40 -33.28 -20.76
N ASP B 127 -20.85 -32.13 -20.38
CA ASP B 127 -19.47 -31.80 -20.77
C ASP B 127 -18.42 -32.69 -20.09
N MET B 128 -18.57 -32.93 -18.78
CA MET B 128 -17.60 -33.77 -18.07
C MET B 128 -17.61 -35.19 -18.66
N LEU B 129 -18.80 -35.69 -19.00
CA LEU B 129 -18.92 -37.01 -19.62
C LEU B 129 -18.24 -37.02 -21.00
N GLN B 130 -18.46 -35.96 -21.77
CA GLN B 130 -17.80 -35.81 -23.06
C GLN B 130 -16.27 -35.79 -22.92
N PHE B 131 -15.77 -35.04 -21.94
CA PHE B 131 -14.32 -34.97 -21.73
C PHE B 131 -13.78 -36.37 -21.45
N SER B 132 -14.44 -37.06 -20.52
CA SER B 132 -14.04 -38.43 -20.18
C SER B 132 -14.13 -39.40 -21.37
N THR B 133 -15.22 -39.31 -22.13
CA THR B 133 -15.43 -40.16 -23.30
C THR B 133 -14.34 -39.95 -24.36
N TRP B 134 -13.95 -38.69 -24.57
CA TRP B 134 -12.86 -38.32 -25.48
C TRP B 134 -11.51 -38.87 -25.02
N GLY B 135 -11.42 -39.21 -23.74
CA GLY B 135 -10.18 -39.74 -23.17
C GLY B 135 -9.40 -38.82 -22.24
N PHE B 136 -9.97 -37.67 -21.88
CA PHE B 136 -9.25 -36.78 -20.98
C PHE B 136 -9.21 -37.33 -19.56
N ASP B 137 -8.05 -37.14 -18.93
CA ASP B 137 -7.76 -37.65 -17.58
C ASP B 137 -7.77 -36.53 -16.52
N PHE B 138 -7.93 -35.28 -16.98
CA PHE B 138 -7.70 -34.10 -16.15
C PHE B 138 -8.56 -33.00 -16.74
N VAL B 139 -9.20 -32.22 -15.88
CA VAL B 139 -9.98 -31.05 -16.36
C VAL B 139 -9.77 -29.84 -15.44
N LYS B 140 -9.44 -28.70 -16.05
CA LYS B 140 -9.24 -27.42 -15.36
C LYS B 140 -10.50 -26.61 -15.59
N VAL B 141 -11.16 -26.20 -14.51
CA VAL B 141 -12.41 -25.46 -14.62
C VAL B 141 -12.26 -24.00 -14.10
N ASP B 142 -12.30 -23.07 -15.05
CA ASP B 142 -12.06 -21.66 -14.77
C ASP B 142 -13.35 -20.95 -14.34
N TRP B 143 -13.22 -19.65 -14.08
CA TRP B 143 -14.21 -18.92 -13.31
C TRP B 143 -14.61 -17.59 -13.96
N CYS B 144 -14.24 -17.35 -15.22
CA CYS B 144 -14.60 -16.06 -15.85
C CYS B 144 -16.11 -15.85 -15.89
N GLY B 145 -16.85 -16.91 -16.23
CA GLY B 145 -18.30 -16.86 -16.24
C GLY B 145 -18.90 -16.80 -14.85
N GLY B 146 -18.28 -17.49 -13.89
CA GLY B 146 -18.73 -17.42 -12.51
C GLY B 146 -18.62 -16.01 -11.94
N ASP B 147 -17.49 -15.38 -12.19
CA ASP B 147 -17.26 -14.00 -11.76
C ASP B 147 -18.25 -13.04 -12.43
N ALA B 148 -18.43 -13.17 -13.73
CA ALA B 148 -19.28 -12.23 -14.47
C ALA B 148 -20.73 -12.34 -14.02
N GLU B 149 -21.15 -13.56 -13.70
CA GLU B 149 -22.53 -13.89 -13.35
C GLU B 149 -22.80 -13.77 -11.85
N GLY B 150 -21.77 -13.42 -11.08
CA GLY B 150 -21.86 -13.35 -9.63
C GLY B 150 -22.22 -14.66 -8.92
N LEU B 151 -21.73 -15.79 -9.42
CA LEU B 151 -22.01 -17.11 -8.84
C LEU B 151 -21.30 -17.31 -7.51
N ASP B 152 -21.89 -18.14 -6.66
CA ASP B 152 -21.23 -18.56 -5.42
C ASP B 152 -20.27 -19.70 -5.75
N ALA B 153 -18.98 -19.51 -5.43
CA ALA B 153 -17.94 -20.45 -5.87
C ALA B 153 -17.99 -21.80 -5.14
N ALA B 154 -18.16 -21.79 -3.81
CA ALA B 154 -18.21 -23.06 -3.07
C ALA B 154 -19.36 -23.94 -3.60
N THR B 155 -20.55 -23.37 -3.80
CA THR B 155 -21.67 -24.19 -4.27
C THR B 155 -21.53 -24.59 -5.74
N THR B 156 -21.05 -23.66 -6.57
CA THR B 156 -20.83 -23.93 -7.99
C THR B 156 -19.79 -25.04 -8.16
N TYR B 157 -18.67 -24.94 -7.44
CA TYR B 157 -17.64 -25.96 -7.55
C TYR B 157 -18.05 -27.31 -6.93
N LYS B 158 -18.94 -27.29 -5.93
CA LYS B 158 -19.54 -28.54 -5.44
C LYS B 158 -20.32 -29.24 -6.56
N SER B 159 -21.14 -28.48 -7.30
CA SER B 159 -21.88 -29.02 -8.45
C SER B 159 -20.95 -29.61 -9.50
N ILE B 160 -19.87 -28.89 -9.77
CA ILE B 160 -18.93 -29.28 -10.82
C ILE B 160 -18.19 -30.56 -10.43
N SER B 161 -17.74 -30.59 -9.19
CA SER B 161 -17.11 -31.77 -8.59
C SER B 161 -18.02 -33.02 -8.67
N ASP B 162 -19.30 -32.83 -8.35
CA ASP B 162 -20.29 -33.92 -8.47
C ASP B 162 -20.36 -34.46 -9.93
N ALA B 163 -20.39 -33.53 -10.90
CA ALA B 163 -20.45 -33.88 -12.32
C ALA B 163 -19.17 -34.61 -12.79
N VAL B 164 -18.02 -34.16 -12.29
CA VAL B 164 -16.73 -34.84 -12.54
C VAL B 164 -16.79 -36.29 -12.03
N GLY B 165 -17.27 -36.46 -10.80
CA GLY B 165 -17.44 -37.79 -10.21
C GLY B 165 -18.39 -38.64 -11.03
N ARG B 166 -19.51 -38.05 -11.47
CA ARG B 166 -20.49 -38.81 -12.27
C ARG B 166 -19.92 -39.27 -13.63
N ALA B 167 -19.10 -38.41 -14.23
CA ALA B 167 -18.43 -38.73 -15.50
C ALA B 167 -17.43 -39.89 -15.39
N ALA B 168 -16.53 -39.83 -14.41
CA ALA B 168 -15.55 -40.88 -14.16
C ALA B 168 -16.27 -42.21 -13.84
N ALA B 169 -17.37 -42.12 -13.09
CA ALA B 169 -18.14 -43.31 -12.73
C ALA B 169 -18.86 -43.94 -13.94
N THR B 170 -19.24 -43.12 -14.92
CA THR B 170 -19.83 -43.65 -16.16
C THR B 170 -18.80 -44.35 -17.05
N THR B 171 -17.62 -43.74 -17.21
CA THR B 171 -16.66 -44.25 -18.20
C THR B 171 -15.69 -45.26 -17.60
N GLY B 172 -15.43 -45.17 -16.31
CA GLY B 172 -14.35 -45.95 -15.70
C GLY B 172 -12.95 -45.40 -15.92
N ARG B 173 -12.86 -44.16 -16.40
CA ARG B 173 -11.59 -43.45 -16.52
C ARG B 173 -11.54 -42.33 -15.46
N PRO B 174 -10.53 -42.37 -14.56
CA PRO B 174 -10.48 -41.31 -13.54
C PRO B 174 -10.44 -39.92 -14.15
N LEU B 175 -11.04 -38.95 -13.45
CA LEU B 175 -10.99 -37.55 -13.93
C LEU B 175 -10.53 -36.61 -12.82
N THR B 176 -9.34 -36.04 -12.99
CA THR B 176 -8.77 -35.14 -11.98
C THR B 176 -9.25 -33.72 -12.20
N LEU B 177 -9.86 -33.14 -11.18
CA LEU B 177 -10.37 -31.75 -11.28
C LEU B 177 -9.36 -30.75 -10.71
N SER B 178 -9.00 -29.76 -11.52
CA SER B 178 -8.30 -28.58 -11.03
C SER B 178 -9.30 -27.45 -10.99
N ILE B 179 -9.55 -26.91 -9.79
CA ILE B 179 -10.39 -25.73 -9.60
C ILE B 179 -9.56 -24.48 -9.87
N CYS B 180 -10.03 -23.62 -10.78
CA CYS B 180 -9.28 -22.41 -11.16
C CYS B 180 -10.16 -21.16 -10.96
N ASN B 181 -10.19 -20.65 -9.73
CA ASN B 181 -11.01 -19.46 -9.44
C ASN B 181 -10.24 -18.36 -8.72
N TRP B 182 -8.90 -18.45 -8.82
CA TRP B 182 -7.98 -17.31 -8.56
C TRP B 182 -7.91 -16.84 -7.11
N GLY B 183 -8.25 -17.70 -6.17
CA GLY B 183 -8.30 -17.28 -4.75
C GLY B 183 -9.56 -16.50 -4.38
N TYR B 184 -10.47 -16.31 -5.34
CA TYR B 184 -11.68 -15.52 -5.08
C TYR B 184 -12.54 -16.34 -4.16
N GLN B 185 -13.19 -15.67 -3.20
CA GLN B 185 -14.02 -16.33 -2.18
C GLN B 185 -13.28 -17.42 -1.39
N ASN B 186 -11.97 -17.25 -1.22
CA ASN B 186 -11.19 -18.06 -0.26
C ASN B 186 -11.37 -19.58 -0.46
N PRO B 187 -10.89 -20.12 -1.61
CA PRO B 187 -11.05 -21.56 -1.88
C PRO B 187 -10.37 -22.50 -0.91
N TRP B 188 -9.32 -22.05 -0.22
CA TRP B 188 -8.73 -22.83 0.88
C TRP B 188 -9.73 -23.25 1.97
N ASN B 189 -10.82 -22.49 2.10
CA ASN B 189 -11.89 -22.86 3.03
C ASN B 189 -12.72 -24.08 2.62
N TRP B 190 -12.92 -24.29 1.31
CA TRP B 190 -13.94 -25.23 0.87
C TRP B 190 -13.55 -26.22 -0.24
N ALA B 191 -12.42 -25.98 -0.91
CA ALA B 191 -12.06 -26.81 -2.05
C ALA B 191 -11.58 -28.23 -1.70
N ALA B 192 -10.89 -28.39 -0.58
CA ALA B 192 -10.51 -29.73 -0.11
C ALA B 192 -11.76 -30.62 -0.03
N GLY B 193 -11.70 -31.81 -0.63
CA GLY B 193 -12.89 -32.67 -0.67
C GLY B 193 -13.63 -32.51 -1.99
N GLN B 194 -13.59 -31.31 -2.58
CA GLN B 194 -14.16 -31.10 -3.92
C GLN B 194 -13.18 -31.46 -5.04
N ALA B 195 -11.89 -31.19 -4.84
CA ALA B 195 -10.87 -31.36 -5.89
C ALA B 195 -9.49 -31.51 -5.28
N PRO B 196 -8.59 -32.22 -6.00
CA PRO B 196 -7.19 -32.38 -5.54
C PRO B 196 -6.36 -31.09 -5.59
N LEU B 197 -6.78 -30.09 -6.37
CA LEU B 197 -6.06 -28.80 -6.40
C LEU B 197 -6.99 -27.60 -6.68
N TRP B 198 -6.68 -26.44 -6.11
CA TRP B 198 -7.40 -25.17 -6.31
C TRP B 198 -6.40 -24.00 -6.39
N ARG B 199 -6.55 -23.14 -7.40
CA ARG B 199 -5.76 -21.94 -7.55
C ARG B 199 -6.04 -20.98 -6.40
N THR B 200 -4.96 -20.43 -5.86
CA THR B 200 -5.04 -19.60 -4.65
C THR B 200 -4.84 -18.12 -4.96
N SER B 201 -4.48 -17.80 -6.20
CA SER B 201 -4.31 -16.38 -6.56
C SER B 201 -4.58 -16.13 -8.05
N THR B 202 -4.42 -14.88 -8.45
CA THR B 202 -4.46 -14.53 -9.87
C THR B 202 -3.22 -15.06 -10.59
N ASP B 203 -3.15 -14.88 -11.90
CA ASP B 203 -2.19 -15.59 -12.75
C ASP B 203 -0.75 -15.18 -12.47
N ILE B 204 0.17 -16.15 -12.49
CA ILE B 204 1.59 -15.91 -12.23
C ILE B 204 2.25 -15.03 -13.32
N ILE B 205 1.71 -15.08 -14.54
CA ILE B 205 2.18 -14.27 -15.68
C ILE B 205 1.07 -14.01 -16.70
N TYR B 206 1.06 -12.80 -17.25
CA TYR B 206 0.12 -12.39 -18.27
C TYR B 206 0.85 -12.26 -19.62
N TYR B 207 0.19 -12.70 -20.67
CA TYR B 207 0.82 -12.94 -21.97
C TYR B 207 1.35 -11.63 -22.55
N GLY B 208 2.62 -11.64 -22.91
CA GLY B 208 3.28 -10.42 -23.36
C GLY B 208 4.26 -9.89 -22.34
N ASN B 209 4.07 -10.24 -21.06
CA ASN B 209 4.97 -9.81 -19.99
C ASN B 209 6.14 -10.76 -19.76
N GLN B 210 7.20 -10.25 -19.16
CA GLN B 210 8.36 -11.05 -18.78
C GLN B 210 8.09 -11.70 -17.43
N PRO B 211 8.54 -12.95 -17.22
CA PRO B 211 8.45 -13.62 -15.92
C PRO B 211 9.05 -12.74 -14.82
N SER B 212 8.36 -12.67 -13.69
CA SER B 212 8.76 -11.78 -12.60
C SER B 212 8.93 -12.55 -11.29
N MET B 213 10.09 -12.40 -10.64
CA MET B 213 10.30 -12.95 -9.31
C MET B 213 9.33 -12.35 -8.28
N THR B 214 8.99 -11.06 -8.41
CA THR B 214 7.96 -10.45 -7.57
C THR B 214 6.59 -11.17 -7.67
N SER B 215 6.16 -11.41 -8.91
CA SER B 215 4.90 -12.12 -9.16
C SER B 215 4.98 -13.55 -8.62
N LEU B 216 6.11 -14.20 -8.83
CA LEU B 216 6.32 -15.56 -8.35
C LEU B 216 6.19 -15.61 -6.84
N LEU B 217 6.82 -14.65 -6.15
CA LEU B 217 6.83 -14.67 -4.70
C LEU B 217 5.47 -14.34 -4.16
N SER B 218 4.74 -13.46 -4.85
CA SER B 218 3.37 -13.13 -4.46
C SER B 218 2.47 -14.37 -4.55
N ASN B 219 2.59 -15.10 -5.66
CA ASN B 219 1.81 -16.33 -5.81
C ASN B 219 2.16 -17.34 -4.71
N PHE B 220 3.45 -17.48 -4.42
CA PHE B 220 3.91 -18.37 -3.36
C PHE B 220 3.29 -18.01 -2.01
N ASP B 221 3.36 -16.73 -1.62
CA ASP B 221 2.84 -16.26 -0.34
C ASP B 221 1.33 -16.51 -0.22
N GLN B 222 0.61 -16.27 -1.32
CA GLN B 222 -0.85 -16.45 -1.35
C GLN B 222 -1.32 -17.92 -1.32
N THR B 223 -0.40 -18.85 -1.55
CA THR B 223 -0.76 -20.29 -1.56
C THR B 223 -0.57 -20.98 -0.23
N LEU B 224 0.02 -20.26 0.73
CA LEU B 224 0.33 -20.81 2.06
C LEU B 224 -0.94 -20.83 2.94
N HIS B 225 -1.59 -21.98 2.97
CA HIS B 225 -2.79 -22.24 3.79
C HIS B 225 -2.64 -23.66 4.28
N PRO B 226 -1.82 -23.85 5.33
CA PRO B 226 -1.40 -25.23 5.67
C PRO B 226 -2.51 -26.09 6.28
N THR B 227 -3.58 -25.48 6.78
CA THR B 227 -4.70 -26.27 7.35
C THR B 227 -5.59 -26.88 6.27
N ALA B 228 -5.55 -26.30 5.08
CA ALA B 228 -6.43 -26.70 3.99
C ALA B 228 -5.80 -27.75 3.09
N GLN B 229 -4.47 -27.90 3.16
CA GLN B 229 -3.78 -28.89 2.32
C GLN B 229 -3.42 -30.13 3.14
N HIS B 230 -3.85 -31.30 2.66
CA HIS B 230 -3.52 -32.57 3.31
C HIS B 230 -4.17 -33.67 2.51
N THR B 231 -3.72 -34.91 2.73
CA THR B 231 -4.38 -36.11 2.18
C THR B 231 -4.81 -36.02 0.72
N GLY B 232 -3.94 -35.47 -0.15
CA GLY B 232 -4.20 -35.40 -1.59
C GLY B 232 -4.90 -34.15 -2.11
N TYR B 233 -5.07 -33.17 -1.23
CA TYR B 233 -5.71 -31.90 -1.56
C TYR B 233 -4.64 -30.83 -1.44
N TYR B 234 -4.45 -30.07 -2.52
CA TYR B 234 -3.33 -29.14 -2.64
C TYR B 234 -3.68 -27.71 -2.99
N ASN B 235 -3.03 -26.78 -2.28
CA ASN B 235 -2.96 -25.39 -2.70
C ASN B 235 -2.18 -25.27 -4.03
N ASP B 236 -2.68 -24.46 -4.96
CA ASP B 236 -2.09 -24.33 -6.32
C ASP B 236 -1.61 -22.91 -6.61
N PRO B 237 -0.30 -22.64 -6.43
CA PRO B 237 0.25 -21.29 -6.72
C PRO B 237 0.47 -20.97 -8.21
N ASP B 238 0.10 -21.91 -9.09
CA ASP B 238 -0.10 -21.68 -10.54
C ASP B 238 1.00 -22.40 -11.33
N MET B 239 0.85 -22.35 -12.66
CA MET B 239 1.72 -23.08 -13.59
C MET B 239 3.14 -22.51 -13.56
N LEU B 240 4.15 -23.37 -13.75
CA LEU B 240 5.56 -22.94 -13.67
C LEU B 240 5.97 -21.98 -14.80
N MET B 241 6.82 -21.03 -14.44
CA MET B 241 7.46 -20.13 -15.38
C MET B 241 8.89 -20.58 -15.61
N VAL B 242 9.28 -21.70 -15.01
CA VAL B 242 10.64 -22.24 -15.13
C VAL B 242 11.02 -22.37 -16.61
N GLY B 243 12.21 -21.87 -16.97
CA GLY B 243 12.66 -21.95 -18.36
C GLY B 243 12.12 -20.87 -19.29
N MET B 244 11.20 -20.03 -18.83
CA MET B 244 10.71 -18.95 -19.68
C MET B 244 11.75 -17.83 -19.82
N ASP B 245 11.70 -17.13 -20.94
CA ASP B 245 12.72 -16.14 -21.26
C ASP B 245 12.86 -15.07 -20.19
N GLY B 246 14.09 -14.86 -19.71
CA GLY B 246 14.37 -13.84 -18.72
C GLY B 246 14.78 -14.38 -17.36
N PHE B 247 14.32 -15.57 -17.01
CA PHE B 247 14.69 -16.17 -15.73
C PHE B 247 16.04 -16.86 -15.86
N THR B 248 16.93 -16.55 -14.92
CA THR B 248 18.24 -17.18 -14.87
C THR B 248 18.10 -18.60 -14.35
N ALA B 249 19.18 -19.38 -14.48
CA ALA B 249 19.22 -20.74 -13.95
C ALA B 249 18.96 -20.74 -12.45
N ALA B 250 19.48 -19.75 -11.75
CA ALA B 250 19.34 -19.67 -10.30
C ALA B 250 17.90 -19.35 -9.90
N GLN B 251 17.24 -18.51 -10.69
CA GLN B 251 15.83 -18.13 -10.47
C GLN B 251 14.92 -19.32 -10.76
N ASN B 252 15.24 -20.07 -11.82
CA ASN B 252 14.54 -21.33 -12.10
C ASN B 252 14.67 -22.35 -10.95
N ARG B 253 15.87 -22.47 -10.35
CA ARG B 253 16.05 -23.35 -9.17
C ARG B 253 15.18 -22.88 -7.99
N THR B 254 15.24 -21.59 -7.67
CA THR B 254 14.41 -20.99 -6.63
C THR B 254 12.92 -21.23 -6.87
N HIS B 255 12.51 -21.11 -8.13
CA HIS B 255 11.13 -21.42 -8.51
C HIS B 255 10.74 -22.86 -8.15
N MET B 256 11.61 -23.82 -8.47
CA MET B 256 11.36 -25.23 -8.11
C MET B 256 11.33 -25.40 -6.61
N ASN B 257 12.30 -24.78 -5.94
CA ASN B 257 12.43 -24.91 -4.48
C ASN B 257 11.16 -24.52 -3.73
N LEU B 258 10.62 -23.36 -4.09
CA LEU B 258 9.45 -22.82 -3.41
C LEU B 258 8.20 -23.63 -3.74
N TRP B 259 8.06 -24.04 -4.99
CA TRP B 259 6.96 -24.93 -5.34
C TRP B 259 7.09 -26.27 -4.61
N ALA B 260 8.30 -26.84 -4.54
CA ALA B 260 8.52 -28.10 -3.82
C ALA B 260 8.25 -28.02 -2.32
N ILE B 261 8.68 -26.92 -1.68
CA ILE B 261 8.42 -26.78 -0.24
C ILE B 261 6.91 -26.65 0.06
N SER B 262 6.15 -26.09 -0.88
CA SER B 262 4.68 -26.04 -0.75
C SER B 262 4.04 -27.42 -0.97
N GLY B 263 4.70 -28.27 -1.76
CA GLY B 263 4.08 -29.47 -2.31
C GLY B 263 3.17 -29.18 -3.49
N ALA B 264 3.40 -28.02 -4.13
CA ALA B 264 2.60 -27.52 -5.25
C ALA B 264 2.60 -28.46 -6.46
N PRO B 265 1.56 -28.38 -7.31
CA PRO B 265 1.65 -29.02 -8.61
C PRO B 265 2.88 -28.51 -9.36
N LEU B 266 3.50 -29.38 -10.15
CA LEU B 266 4.56 -28.94 -11.04
C LEU B 266 4.08 -29.05 -12.48
N LEU B 267 3.39 -28.03 -12.92
CA LEU B 267 2.87 -28.01 -14.27
C LEU B 267 3.71 -27.02 -15.06
N ALA B 268 4.63 -27.58 -15.86
CA ALA B 268 5.55 -26.75 -16.64
C ALA B 268 4.77 -25.87 -17.63
N GLY B 269 5.30 -24.68 -17.88
CA GLY B 269 4.64 -23.73 -18.81
C GLY B 269 5.55 -23.16 -19.88
N ASN B 270 6.82 -23.59 -19.89
CA ASN B 270 7.78 -23.12 -20.89
C ASN B 270 7.56 -23.80 -22.23
N ASP B 271 8.10 -23.21 -23.29
CA ASP B 271 8.05 -23.84 -24.62
C ASP B 271 9.07 -25.00 -24.64
N LEU B 272 8.59 -26.24 -24.62
CA LEU B 272 9.47 -27.40 -24.46
C LEU B 272 10.38 -27.62 -25.68
N THR B 273 9.94 -27.18 -26.87
CA THR B 273 10.70 -27.40 -28.10
C THR B 273 11.98 -26.54 -28.17
N THR B 274 12.05 -25.46 -27.40
CA THR B 274 13.27 -24.64 -27.35
C THR B 274 13.94 -24.66 -25.98
N MET B 275 13.56 -25.62 -25.15
CA MET B 275 14.11 -25.73 -23.81
C MET B 275 15.53 -26.26 -23.90
N THR B 276 16.42 -25.70 -23.09
CA THR B 276 17.82 -26.11 -23.06
C THR B 276 17.97 -27.32 -22.13
N SER B 277 19.09 -28.05 -22.24
CA SER B 277 19.39 -29.13 -21.29
C SER B 277 19.59 -28.60 -19.86
N GLU B 278 20.13 -27.39 -19.73
CA GLU B 278 20.25 -26.76 -18.41
C GLU B 278 18.86 -26.65 -17.74
N THR B 279 17.89 -26.12 -18.48
CA THR B 279 16.54 -25.95 -17.93
C THR B 279 15.90 -27.30 -17.61
N ALA B 280 16.09 -28.26 -18.51
CA ALA B 280 15.51 -29.58 -18.30
C ALA B 280 16.04 -30.21 -17.01
N GLY B 281 17.33 -30.04 -16.74
CA GLY B 281 17.92 -30.61 -15.52
C GLY B 281 17.31 -30.01 -14.25
N ILE B 282 16.92 -28.74 -14.35
CA ILE B 282 16.32 -28.02 -13.23
C ILE B 282 14.89 -28.51 -12.96
N LEU B 283 14.10 -28.64 -14.01
CA LEU B 283 12.81 -29.34 -13.93
C LEU B 283 12.92 -30.77 -13.40
N LYS B 284 14.01 -31.45 -13.72
CA LYS B 284 14.10 -32.91 -13.43
C LYS B 284 14.84 -33.33 -12.17
N ASN B 285 15.34 -32.38 -11.37
CA ASN B 285 16.10 -32.72 -10.16
C ASN B 285 15.27 -33.67 -9.28
N PRO B 286 15.67 -34.95 -9.17
CA PRO B 286 14.83 -35.94 -8.48
C PRO B 286 14.70 -35.71 -6.96
N GLU B 287 15.69 -35.07 -6.35
CA GLU B 287 15.64 -34.83 -4.89
C GLU B 287 14.61 -33.72 -4.59
N VAL B 288 14.63 -32.67 -5.40
CA VAL B 288 13.65 -31.60 -5.28
C VAL B 288 12.22 -32.10 -5.61
N ILE B 289 12.10 -32.92 -6.65
CA ILE B 289 10.82 -33.54 -7.00
C ILE B 289 10.31 -34.40 -5.85
N ALA B 290 11.20 -35.16 -5.21
CA ALA B 290 10.82 -36.06 -4.12
C ALA B 290 10.29 -35.29 -2.92
N VAL B 291 10.83 -34.09 -2.69
CA VAL B 291 10.27 -33.20 -1.65
C VAL B 291 8.86 -32.72 -2.02
N ASP B 292 8.70 -32.25 -3.26
CA ASP B 292 7.42 -31.78 -3.77
C ASP B 292 6.31 -32.85 -3.66
N GLN B 293 6.68 -34.08 -4.04
CA GLN B 293 5.78 -35.22 -4.16
C GLN B 293 5.75 -36.06 -2.88
N ASP B 294 6.20 -35.49 -1.77
CA ASP B 294 6.34 -36.27 -0.53
C ASP B 294 5.06 -37.02 -0.15
N SER B 295 5.24 -38.26 0.28
CA SER B 295 4.16 -39.20 0.60
C SER B 295 3.19 -38.74 1.69
N ARG B 296 3.66 -37.85 2.55
CA ARG B 296 2.86 -37.35 3.69
C ARG B 296 1.88 -36.23 3.31
N GLY B 297 2.13 -35.57 2.18
CA GLY B 297 1.15 -34.64 1.60
C GLY B 297 0.99 -33.29 2.32
N LEU B 298 1.91 -32.97 3.22
CA LEU B 298 1.81 -31.72 4.01
C LEU B 298 2.37 -30.48 3.31
N GLN B 299 1.84 -29.30 3.64
CA GLN B 299 2.40 -28.05 3.12
C GLN B 299 3.53 -27.50 3.99
N GLY B 300 4.60 -27.03 3.37
CA GLY B 300 5.67 -26.35 4.10
C GLY B 300 5.19 -25.02 4.63
N VAL B 301 5.87 -24.51 5.66
CA VAL B 301 5.45 -23.28 6.34
C VAL B 301 6.68 -22.44 6.69
N LYS B 302 6.51 -21.14 6.88
CA LYS B 302 7.61 -20.32 7.36
C LYS B 302 7.89 -20.70 8.83
N VAL B 303 9.15 -20.94 9.16
CA VAL B 303 9.50 -21.29 10.54
C VAL B 303 10.40 -20.25 11.20
N ALA B 304 10.99 -19.36 10.40
CA ALA B 304 11.82 -18.28 10.95
C ALA B 304 11.98 -17.11 9.99
N GLU B 305 12.08 -15.91 10.58
CA GLU B 305 12.46 -14.69 9.89
C GLU B 305 13.02 -13.72 10.94
N ASP B 306 14.14 -14.10 11.55
CA ASP B 306 14.78 -13.30 12.58
C ASP B 306 15.20 -11.93 12.04
N THR B 307 15.60 -11.90 10.77
CA THR B 307 15.89 -10.66 10.05
C THR B 307 14.91 -10.54 8.89
N THR B 308 14.36 -9.35 8.65
CA THR B 308 13.43 -9.09 7.54
C THR B 308 14.04 -9.55 6.21
N GLY B 309 13.24 -10.31 5.45
CA GLY B 309 13.66 -10.82 4.16
C GLY B 309 14.60 -12.02 4.18
N LEU B 310 15.02 -12.48 5.35
CA LEU B 310 15.86 -13.68 5.44
C LEU B 310 15.01 -14.75 6.11
N GLN B 311 14.59 -15.74 5.33
CA GLN B 311 13.52 -16.65 5.74
C GLN B 311 13.93 -18.13 5.67
N ALA B 312 13.42 -18.91 6.62
CA ALA B 312 13.50 -20.36 6.56
C ALA B 312 12.08 -20.91 6.52
N TYR B 313 11.87 -21.79 5.55
CA TYR B 313 10.62 -22.52 5.38
C TYR B 313 10.90 -23.99 5.65
N GLY B 314 10.06 -24.63 6.44
CA GLY B 314 10.22 -26.06 6.73
C GLY B 314 9.01 -26.88 6.33
N LYS B 315 9.27 -28.09 5.84
CA LYS B 315 8.22 -29.01 5.47
C LYS B 315 8.45 -30.33 6.18
N VAL B 316 7.41 -30.82 6.85
CA VAL B 316 7.44 -32.14 7.50
C VAL B 316 7.31 -33.22 6.44
N LEU B 317 8.33 -34.07 6.34
CA LEU B 317 8.40 -35.15 5.32
C LEU B 317 7.93 -36.50 5.86
N SER B 318 7.77 -37.47 4.97
CA SER B 318 7.38 -38.82 5.35
C SER B 318 8.45 -39.42 6.28
N GLY B 319 8.05 -40.41 7.07
CA GLY B 319 8.95 -41.04 8.03
C GLY B 319 9.05 -40.19 9.29
N THR B 320 10.09 -40.43 10.08
CA THR B 320 10.25 -39.85 11.41
C THR B 320 11.53 -39.01 11.47
N GLY B 321 11.41 -37.77 11.95
CA GLY B 321 12.57 -36.88 12.10
C GLY B 321 13.14 -36.33 10.79
N ASN B 322 12.28 -36.21 9.78
CA ASN B 322 12.70 -35.77 8.44
C ASN B 322 12.00 -34.48 8.02
N ARG B 323 12.81 -33.52 7.56
CA ARG B 323 12.27 -32.22 7.11
C ARG B 323 12.96 -31.83 5.81
N ALA B 324 12.29 -30.98 5.03
CA ALA B 324 12.93 -30.25 3.94
C ALA B 324 12.93 -28.78 4.38
N VAL B 325 13.93 -28.04 3.93
CA VAL B 325 14.11 -26.63 4.31
C VAL B 325 14.48 -25.82 3.08
N VAL B 326 13.79 -24.68 2.90
CA VAL B 326 14.23 -23.69 1.95
C VAL B 326 14.63 -22.43 2.72
N LEU B 327 15.85 -21.98 2.47
CA LEU B 327 16.36 -20.72 2.97
C LEU B 327 16.21 -19.70 1.85
N LEU B 328 15.46 -18.63 2.10
CA LEU B 328 15.10 -17.68 1.06
C LEU B 328 15.54 -16.26 1.42
N ASN B 329 16.27 -15.63 0.50
CA ASN B 329 16.81 -14.29 0.71
C ASN B 329 16.10 -13.26 -0.20
N ARG B 330 15.13 -12.55 0.36
CA ARG B 330 14.38 -11.55 -0.42
C ARG B 330 15.04 -10.16 -0.41
N THR B 331 16.23 -10.04 0.19
CA THR B 331 16.90 -8.73 0.31
C THR B 331 17.79 -8.51 -0.91
N SER B 332 18.44 -7.36 -0.98
CA SER B 332 19.29 -7.06 -2.14
C SER B 332 20.78 -7.39 -1.92
N ALA B 333 21.09 -8.10 -0.84
CA ALA B 333 22.47 -8.52 -0.56
C ALA B 333 22.56 -9.97 -0.08
N ALA B 334 23.66 -10.64 -0.41
CA ALA B 334 23.95 -11.98 0.11
C ALA B 334 24.04 -11.93 1.63
N HIS B 335 23.42 -12.90 2.30
CA HIS B 335 23.47 -13.01 3.78
C HIS B 335 23.39 -14.47 4.24
N ASP B 336 23.97 -14.77 5.39
CA ASP B 336 23.78 -16.06 6.04
C ASP B 336 22.34 -16.19 6.54
N ILE B 337 21.78 -17.37 6.39
CA ILE B 337 20.45 -17.64 6.91
C ILE B 337 20.54 -18.92 7.73
N THR B 338 19.90 -18.92 8.90
CA THR B 338 19.90 -20.04 9.84
C THR B 338 18.52 -20.68 9.98
N VAL B 339 18.49 -22.01 10.07
CA VAL B 339 17.31 -22.74 10.52
C VAL B 339 17.63 -23.52 11.80
N ARG B 340 16.72 -23.45 12.77
CA ARG B 340 16.90 -24.16 14.04
C ARG B 340 16.05 -25.43 14.13
N TRP B 341 16.64 -26.51 14.65
CA TRP B 341 15.87 -27.74 14.85
C TRP B 341 14.59 -27.47 15.65
N SER B 342 14.66 -26.63 16.68
CA SER B 342 13.51 -26.35 17.52
C SER B 342 12.35 -25.75 16.71
N ASP B 343 12.65 -24.85 15.79
CA ASP B 343 11.60 -24.26 14.96
C ASP B 343 10.96 -25.28 14.04
N LEU B 344 11.71 -26.35 13.71
CA LEU B 344 11.20 -27.42 12.86
C LEU B 344 10.37 -28.47 13.60
N GLY B 345 10.34 -28.38 14.93
CA GLY B 345 9.57 -29.37 15.69
C GLY B 345 10.38 -30.63 15.91
N LEU B 346 11.70 -30.48 15.91
CA LEU B 346 12.64 -31.54 16.26
C LEU B 346 13.27 -31.21 17.61
N THR B 347 13.70 -32.24 18.35
CA THR B 347 14.52 -31.99 19.55
C THR B 347 15.94 -31.63 19.11
N ASN B 348 16.75 -31.18 20.07
CA ASN B 348 18.14 -30.88 19.83
C ASN B 348 18.97 -32.16 19.83
N ALA B 349 18.75 -33.01 18.84
CA ALA B 349 19.48 -34.24 18.69
C ALA B 349 20.04 -34.27 17.28
N SER B 350 21.09 -35.07 17.08
CA SER B 350 21.85 -35.04 15.84
C SER B 350 20.97 -35.34 14.61
N ALA B 351 21.20 -34.58 13.55
CA ALA B 351 20.53 -34.78 12.26
C ALA B 351 21.48 -34.45 11.14
N THR B 352 21.23 -35.00 9.96
CA THR B 352 22.10 -34.78 8.81
C THR B 352 21.49 -33.80 7.83
N VAL B 353 22.30 -32.85 7.40
CA VAL B 353 21.86 -31.82 6.45
C VAL B 353 22.37 -32.14 5.03
N ARG B 354 21.47 -32.04 4.04
CA ARG B 354 21.82 -32.31 2.64
C ARG B 354 21.40 -31.13 1.78
N ASP B 355 22.29 -30.69 0.89
CA ASP B 355 21.98 -29.65 -0.08
C ASP B 355 21.55 -30.32 -1.37
N LEU B 356 20.31 -30.05 -1.78
CA LEU B 356 19.68 -30.82 -2.88
C LEU B 356 20.07 -30.36 -4.30
N TRP B 357 20.69 -29.19 -4.40
CA TRP B 357 21.29 -28.78 -5.67
C TRP B 357 22.75 -29.17 -5.81
N ALA B 358 23.50 -29.09 -4.70
CA ALA B 358 24.89 -29.57 -4.65
C ALA B 358 24.97 -31.09 -4.65
N ARG B 359 23.85 -31.76 -4.33
CA ARG B 359 23.75 -33.23 -4.17
C ARG B 359 24.83 -33.73 -3.20
N GLN B 360 24.86 -33.12 -2.02
CA GLN B 360 25.96 -33.30 -1.09
C GLN B 360 25.46 -33.19 0.34
N ASN B 361 25.84 -34.15 1.18
CA ASN B 361 25.65 -34.01 2.62
C ASN B 361 26.60 -32.91 3.12
N VAL B 362 26.08 -31.92 3.82
CA VAL B 362 26.89 -30.77 4.20
C VAL B 362 27.22 -30.67 5.69
N GLY B 363 26.98 -31.75 6.43
CA GLY B 363 27.29 -31.79 7.85
C GLY B 363 26.17 -32.34 8.72
N THR B 364 26.44 -32.47 10.02
CA THR B 364 25.42 -32.88 10.98
C THR B 364 25.39 -31.83 12.09
N SER B 365 24.28 -31.77 12.82
CA SER B 365 24.16 -30.85 13.96
C SER B 365 23.04 -31.35 14.86
N ALA B 366 23.12 -31.00 16.14
CA ALA B 366 22.03 -31.25 17.09
C ALA B 366 21.27 -29.97 17.41
N THR B 367 21.54 -28.87 16.71
CA THR B 367 20.86 -27.60 16.98
C THR B 367 20.32 -26.86 15.74
N GLY B 368 21.10 -26.83 14.66
CA GLY B 368 20.71 -26.04 13.49
C GLY B 368 21.73 -26.02 12.37
N TYR B 369 21.46 -25.23 11.34
CA TYR B 369 22.34 -25.15 10.18
C TYR B 369 22.27 -23.75 9.59
N THR B 370 23.41 -23.27 9.08
CA THR B 370 23.53 -21.92 8.52
C THR B 370 24.20 -22.01 7.16
N ALA B 371 23.67 -21.27 6.18
CA ALA B 371 24.28 -21.22 4.86
C ALA B 371 24.22 -19.81 4.32
N SER B 372 25.19 -19.47 3.47
CA SER B 372 25.19 -18.22 2.73
C SER B 372 24.17 -18.32 1.60
N VAL B 373 23.35 -17.28 1.44
CA VAL B 373 22.32 -17.30 0.40
C VAL B 373 22.43 -16.01 -0.40
N PRO B 374 22.57 -16.11 -1.74
CA PRO B 374 22.74 -14.89 -2.55
C PRO B 374 21.49 -14.01 -2.52
N ALA B 375 21.65 -12.72 -2.78
CA ALA B 375 20.52 -11.80 -2.87
C ALA B 375 19.45 -12.33 -3.85
N GLY B 376 18.20 -12.43 -3.39
CA GLY B 376 17.11 -12.92 -4.26
C GLY B 376 17.17 -14.42 -4.53
N GLY B 377 18.15 -15.09 -3.92
CA GLY B 377 18.37 -16.52 -4.12
C GLY B 377 17.79 -17.41 -3.04
N SER B 378 18.04 -18.71 -3.15
CA SER B 378 17.59 -19.67 -2.16
C SER B 378 18.49 -20.90 -2.08
N VAL B 379 18.45 -21.57 -0.94
CA VAL B 379 19.13 -22.85 -0.76
C VAL B 379 18.06 -23.87 -0.34
N MET B 380 18.14 -25.06 -0.90
CA MET B 380 17.21 -26.12 -0.57
C MET B 380 17.93 -27.27 0.09
N LEU B 381 17.38 -27.68 1.24
CA LEU B 381 18.01 -28.68 2.09
C LEU B 381 17.01 -29.73 2.54
N THR B 382 17.54 -30.90 2.93
CA THR B 382 16.83 -31.78 3.86
C THR B 382 17.63 -31.89 5.15
N VAL B 383 16.89 -32.12 6.23
CA VAL B 383 17.42 -32.40 7.55
C VAL B 383 16.80 -33.74 7.95
N THR B 384 17.62 -34.78 8.02
CA THR B 384 17.07 -36.13 8.17
C THR B 384 17.69 -36.93 9.34
N GLY B 385 16.97 -37.96 9.78
CA GLY B 385 17.43 -38.79 10.92
C GLY B 385 17.43 -38.07 12.25
N GLY B 386 16.67 -36.97 12.36
CA GLY B 386 16.54 -36.22 13.61
C GLY B 386 15.55 -36.85 14.56
N THR B 387 15.32 -36.22 15.71
CA THR B 387 14.38 -36.78 16.67
C THR B 387 13.17 -35.86 16.79
N GLU B 388 11.97 -36.42 16.69
CA GLU B 388 10.75 -35.64 16.79
C GLU B 388 10.57 -35.05 18.20
N ALA B 389 10.08 -33.81 18.26
CA ALA B 389 9.77 -33.17 19.54
C ALA B 389 8.71 -33.97 20.26
N ALA B 390 8.68 -33.84 21.58
CA ALA B 390 7.74 -34.58 22.41
C ALA B 390 6.31 -34.29 21.95
N GLY B 391 5.55 -35.36 21.74
CA GLY B 391 4.17 -35.20 21.32
C GLY B 391 3.21 -35.50 22.44
N GLY B 392 1.92 -35.33 22.15
CA GLY B 392 0.87 -35.79 23.03
C GLY B 392 0.11 -36.87 22.30
N ALA B 393 -0.16 -37.97 22.98
CA ALA B 393 -0.96 -39.04 22.40
C ALA B 393 -2.33 -39.06 23.04
N TYR B 394 -3.36 -39.15 22.21
CA TYR B 394 -4.75 -39.15 22.68
C TYR B 394 -5.50 -40.36 22.19
N ALA B 395 -6.38 -40.85 23.07
N ALA B 395 -6.00 -41.15 23.15
CA ALA B 395 -7.59 -41.62 22.67
CA ALA B 395 -6.44 -42.52 22.91
C ALA B 395 -8.84 -40.71 22.77
C ALA B 395 -7.66 -42.57 22.00
N ALA B 396 -9.89 -41.02 22.01
N ALA B 396 -7.89 -43.75 21.40
CA ALA B 396 -11.10 -40.19 21.94
CA ALA B 396 -9.07 -43.99 20.58
C ALA B 396 -12.02 -40.23 23.17
C ALA B 396 -10.34 -43.49 21.26
N THR B 397 -12.86 -39.21 23.33
N THR B 397 -11.17 -42.82 20.48
CA THR B 397 -13.77 -39.15 24.48
CA THR B 397 -12.43 -42.25 20.96
C THR B 397 -15.24 -39.39 24.12
C THR B 397 -13.58 -43.15 20.54
N SER B 398 -15.57 -39.25 22.84
N SER B 398 -14.65 -43.18 21.33
CA SER B 398 -16.89 -39.62 22.33
CA SER B 398 -15.87 -43.83 20.87
C SER B 398 -16.74 -39.90 20.84
C SER B 398 -16.79 -42.79 20.26
N THR B 399 -17.71 -40.59 20.26
N THR B 399 -16.27 -41.57 20.09
CA THR B 399 -17.57 -41.05 18.88
CA THR B 399 -17.12 -40.43 19.71
C THR B 399 -16.99 -39.94 18.02
C THR B 399 -16.65 -39.58 18.54
N GLY B 400 -15.71 -40.05 17.73
CA GLY B 400 -15.07 -39.20 16.71
C GLY B 400 -14.73 -37.79 17.19
N ARG B 401 -14.48 -37.67 18.50
CA ARG B 401 -14.18 -36.39 19.13
C ARG B 401 -12.97 -36.56 20.06
N TYR B 402 -11.90 -35.81 19.79
CA TYR B 402 -10.72 -35.78 20.67
C TYR B 402 -10.71 -34.47 21.45
N THR B 403 -10.74 -34.56 22.78
CA THR B 403 -10.86 -33.38 23.65
C THR B 403 -9.65 -33.27 24.56
N GLY B 404 -9.50 -32.13 25.22
CA GLY B 404 -8.36 -31.92 26.11
C GLY B 404 -7.03 -31.85 25.35
N VAL B 405 -7.09 -31.56 24.06
CA VAL B 405 -5.88 -31.51 23.23
C VAL B 405 -5.03 -30.28 23.58
N THR B 406 -3.75 -30.54 23.84
CA THR B 406 -2.87 -29.56 24.50
C THR B 406 -1.82 -28.95 23.58
N ALA B 407 -1.68 -27.62 23.66
CA ALA B 407 -0.61 -26.90 22.98
C ALA B 407 0.09 -25.95 23.95
N ALA B 408 1.40 -25.99 23.92
CA ALA B 408 2.26 -25.11 24.74
C ALA B 408 2.11 -23.66 24.29
N SER B 409 1.84 -23.50 23.00
CA SER B 409 1.61 -22.17 22.41
C SER B 409 0.50 -22.24 21.38
N THR B 410 -0.15 -21.11 21.15
CA THR B 410 -0.99 -20.97 19.97
C THR B 410 -0.09 -21.14 18.73
N GLY B 411 -0.53 -21.94 17.76
CA GLY B 411 0.25 -22.13 16.54
C GLY B 411 -0.07 -23.43 15.83
N LEU B 412 0.75 -23.74 14.83
CA LEU B 412 0.51 -24.89 13.96
C LEU B 412 1.10 -26.18 14.51
N ASN B 413 0.35 -27.26 14.33
CA ASN B 413 0.70 -28.57 14.82
C ASN B 413 0.53 -29.61 13.72
N VAL B 414 1.36 -30.65 13.77
CA VAL B 414 1.17 -31.84 12.93
C VAL B 414 0.37 -32.87 13.74
N VAL B 415 -0.73 -33.37 13.17
CA VAL B 415 -1.51 -34.43 13.80
C VAL B 415 -1.49 -35.69 12.95
N ASP B 416 -1.04 -36.80 13.52
CA ASP B 416 -1.12 -38.10 12.86
C ASP B 416 -2.35 -38.84 13.36
N VAL B 417 -3.27 -39.12 12.44
CA VAL B 417 -4.57 -39.68 12.78
C VAL B 417 -4.54 -41.17 12.44
N ALA B 418 -4.57 -42.04 13.47
CA ALA B 418 -4.54 -43.50 13.27
C ALA B 418 -5.92 -44.03 12.91
N TYR B 419 -6.00 -44.98 11.98
CA TYR B 419 -7.30 -45.48 11.51
C TYR B 419 -7.12 -46.79 10.75
N THR B 420 -8.23 -47.46 10.46
CA THR B 420 -8.24 -48.57 9.52
C THR B 420 -9.30 -48.32 8.42
N ASN B 421 -8.89 -48.53 7.18
CA ASN B 421 -9.83 -48.50 6.07
C ASN B 421 -9.55 -49.74 5.27
N ASN B 422 -10.19 -50.84 5.69
CA ASN B 422 -10.02 -52.14 5.07
C ASN B 422 -11.07 -52.36 3.98
N THR B 423 -11.18 -51.37 3.08
CA THR B 423 -12.05 -51.42 1.91
C THR B 423 -11.23 -51.04 0.68
N SER B 424 -11.86 -51.08 -0.49
CA SER B 424 -11.16 -50.84 -1.75
C SER B 424 -10.94 -49.36 -2.06
N SER B 425 -11.67 -48.49 -1.37
CA SER B 425 -11.69 -47.08 -1.74
C SER B 425 -11.37 -46.17 -0.57
N ALA B 426 -10.75 -45.03 -0.88
CA ALA B 426 -10.59 -43.97 0.13
C ALA B 426 -11.96 -43.56 0.67
N ARG B 427 -12.00 -43.25 1.97
CA ARG B 427 -13.19 -42.71 2.60
C ARG B 427 -12.86 -41.32 3.15
N THR B 428 -13.85 -40.43 3.18
CA THR B 428 -13.65 -39.06 3.70
C THR B 428 -14.38 -38.79 5.01
N ALA B 429 -13.81 -37.87 5.80
CA ALA B 429 -14.45 -37.32 7.00
C ALA B 429 -14.36 -35.80 6.96
N THR B 430 -15.27 -35.14 7.67
CA THR B 430 -15.16 -33.70 7.93
C THR B 430 -14.38 -33.57 9.25
N LEU B 431 -13.33 -32.74 9.23
CA LEU B 431 -12.57 -32.44 10.44
C LEU B 431 -12.87 -31.01 10.87
N GLN B 432 -13.18 -30.82 12.15
CA GLN B 432 -13.33 -29.48 12.70
C GLN B 432 -12.50 -29.33 13.97
N VAL B 433 -11.57 -28.37 13.94
CA VAL B 433 -10.77 -28.02 15.10
C VAL B 433 -11.45 -26.86 15.82
N ASN B 434 -11.85 -27.09 17.07
CA ASN B 434 -12.58 -26.08 17.85
C ASN B 434 -13.75 -25.55 17.02
N GLY B 435 -13.93 -24.24 16.97
CA GLY B 435 -15.02 -23.65 16.17
C GLY B 435 -14.53 -23.03 14.87
N GLN B 436 -13.41 -23.53 14.36
CA GLN B 436 -12.84 -23.02 13.10
C GLN B 436 -13.63 -23.56 11.92
N THR B 437 -13.35 -23.03 10.74
CA THR B 437 -13.93 -23.58 9.51
C THR B 437 -13.46 -25.03 9.36
N ALA B 438 -14.40 -25.90 9.00
CA ALA B 438 -14.15 -27.34 8.86
C ALA B 438 -13.37 -27.65 7.57
N THR B 439 -12.70 -28.80 7.53
CA THR B 439 -11.99 -29.24 6.32
C THR B 439 -12.31 -30.72 6.05
N THR B 440 -12.12 -31.16 4.80
CA THR B 440 -12.31 -32.57 4.48
C THR B 440 -10.97 -33.31 4.53
N VAL B 441 -10.99 -34.51 5.09
CA VAL B 441 -9.79 -35.35 5.19
C VAL B 441 -10.07 -36.67 4.47
N SER B 442 -9.14 -37.11 3.63
CA SER B 442 -9.27 -38.39 2.91
C SER B 442 -8.43 -39.49 3.57
N PHE B 443 -9.01 -40.68 3.71
CA PHE B 443 -8.38 -41.83 4.37
C PHE B 443 -8.22 -42.95 3.34
N PRO B 444 -7.01 -43.09 2.77
CA PRO B 444 -6.78 -44.15 1.77
C PRO B 444 -6.97 -45.56 2.34
N PRO B 445 -7.18 -46.56 1.46
CA PRO B 445 -7.19 -47.97 1.88
C PRO B 445 -5.95 -48.35 2.72
N THR B 446 -6.18 -49.06 3.82
CA THR B 446 -5.09 -49.53 4.70
C THR B 446 -4.83 -51.03 4.70
N GLY B 447 -5.79 -51.81 4.22
CA GLY B 447 -5.78 -53.26 4.48
C GLY B 447 -6.23 -53.49 5.92
N ALA B 448 -5.93 -54.66 6.47
CA ALA B 448 -6.48 -55.03 7.79
C ALA B 448 -5.81 -54.29 8.96
N SER B 449 -4.57 -53.88 8.77
CA SER B 449 -3.82 -53.25 9.85
C SER B 449 -3.72 -51.73 9.71
N ALA B 450 -3.83 -51.07 10.85
CA ALA B 450 -3.96 -49.62 10.92
C ALA B 450 -2.79 -48.84 10.32
N GLY B 451 -3.05 -47.58 9.98
CA GLY B 451 -2.00 -46.66 9.58
C GLY B 451 -2.40 -45.27 10.00
N THR B 452 -1.59 -44.28 9.64
CA THR B 452 -1.98 -42.88 9.88
C THR B 452 -1.96 -42.06 8.60
N VAL B 453 -2.78 -41.01 8.57
CA VAL B 453 -2.56 -39.90 7.67
C VAL B 453 -2.27 -38.71 8.57
N SER B 454 -1.66 -37.67 7.99
CA SER B 454 -1.28 -36.48 8.75
C SER B 454 -2.05 -35.25 8.23
N VAL B 455 -2.39 -34.35 9.15
CA VAL B 455 -2.95 -33.05 8.82
C VAL B 455 -2.18 -31.99 9.61
N GLU B 456 -2.16 -30.77 9.09
CA GLU B 456 -1.69 -29.65 9.89
C GLU B 456 -2.89 -28.88 10.40
N VAL B 457 -2.86 -28.56 11.69
CA VAL B 457 -3.94 -27.82 12.33
C VAL B 457 -3.39 -26.67 13.17
N SER B 458 -4.18 -25.61 13.31
CA SER B 458 -3.85 -24.48 14.18
C SER B 458 -4.60 -24.65 15.51
N LEU B 459 -3.89 -24.58 16.63
CA LEU B 459 -4.45 -24.86 17.95
C LEU B 459 -4.26 -23.65 18.86
N SER B 460 -5.13 -23.51 19.85
CA SER B 460 -5.02 -22.44 20.84
C SER B 460 -4.20 -22.92 22.03
N LYS B 461 -3.35 -22.04 22.57
CA LYS B 461 -2.59 -22.34 23.77
C LYS B 461 -3.50 -22.95 24.82
N GLY B 462 -3.02 -24.01 25.46
CA GLY B 462 -3.70 -24.63 26.56
C GLY B 462 -4.27 -25.96 26.19
N SER B 463 -5.26 -26.42 26.95
CA SER B 463 -5.75 -27.79 26.79
C SER B 463 -7.25 -27.88 26.55
N ALA B 464 -7.84 -26.84 25.98
CA ALA B 464 -9.25 -26.82 25.65
C ALA B 464 -9.52 -27.03 24.15
N ASN B 465 -8.54 -27.56 23.42
CA ASN B 465 -8.69 -27.84 21.99
C ASN B 465 -9.45 -29.14 21.73
N THR B 466 -10.35 -29.10 20.75
CA THR B 466 -11.15 -30.25 20.32
C THR B 466 -10.94 -30.52 18.82
N LEU B 467 -10.73 -31.78 18.46
CA LEU B 467 -10.73 -32.20 17.06
C LEU B 467 -11.92 -33.13 16.83
N ALA B 468 -12.87 -32.68 16.01
CA ALA B 468 -14.09 -33.45 15.78
C ALA B 468 -14.16 -33.93 14.34
N LEU B 469 -14.32 -35.24 14.17
CA LEU B 469 -14.49 -35.84 12.85
C LEU B 469 -15.90 -36.36 12.65
N SER B 470 -16.50 -36.07 11.49
CA SER B 470 -17.84 -36.58 11.18
C SER B 470 -17.73 -37.41 9.91
N GLY B 471 -18.30 -38.61 9.93
CA GLY B 471 -18.21 -39.50 8.77
C GLY B 471 -16.86 -40.21 8.73
N GLY B 472 -16.68 -41.09 7.75
CA GLY B 472 -15.41 -41.79 7.55
C GLY B 472 -15.16 -42.91 8.55
N PRO B 473 -13.95 -43.52 8.46
CA PRO B 473 -13.57 -44.66 9.31
C PRO B 473 -13.48 -44.26 10.78
N ALA B 474 -13.70 -45.22 11.68
CA ALA B 474 -13.34 -45.03 13.09
C ALA B 474 -11.84 -44.79 13.16
N THR B 475 -11.46 -43.74 13.88
CA THR B 475 -10.06 -43.43 14.10
C THR B 475 -9.63 -44.04 15.44
N GLU B 476 -8.35 -44.38 15.58
CA GLU B 476 -7.86 -45.20 16.68
C GLU B 476 -6.85 -44.44 17.54
N GLY B 477 -7.02 -43.12 17.63
CA GLY B 477 -6.11 -42.26 18.38
C GLY B 477 -5.37 -41.24 17.52
N ILE B 478 -4.87 -40.18 18.16
CA ILE B 478 -4.09 -39.17 17.47
C ILE B 478 -2.80 -38.89 18.24
N THR B 479 -1.78 -38.47 17.50
CA THR B 479 -0.56 -37.89 18.07
C THR B 479 -0.43 -36.47 17.57
N VAL B 480 -0.15 -35.55 18.48
CA VAL B 480 -0.08 -34.11 18.19
C VAL B 480 1.34 -33.62 18.51
N ARG B 481 1.97 -32.95 17.55
CA ARG B 481 3.31 -32.36 17.75
C ARG B 481 3.40 -30.93 17.20
N PRO B 482 3.96 -30.01 18.00
CA PRO B 482 3.97 -28.62 17.55
C PRO B 482 5.04 -28.35 16.51
N LEU B 483 4.83 -27.28 15.74
CA LEU B 483 5.85 -26.72 14.87
C LEU B 483 6.17 -25.33 15.46
N PRO B 484 7.12 -25.27 16.40
CA PRO B 484 7.28 -24.02 17.15
C PRO B 484 7.68 -22.80 16.32
N GLY B 485 8.24 -23.02 15.14
CA GLY B 485 8.57 -21.89 14.25
C GLY B 485 7.32 -21.08 13.88
N THR B 486 6.16 -21.70 13.98
CA THR B 486 4.88 -21.08 13.59
C THR B 486 4.14 -20.44 14.75
N ASN B 487 4.78 -20.37 15.92
CA ASN B 487 4.08 -19.97 17.14
C ASN B 487 3.55 -18.56 17.04
N GLY B 488 2.34 -18.37 17.54
CA GLY B 488 1.73 -17.04 17.63
C GLY B 488 1.01 -16.95 18.96
N ALA B 489 0.03 -16.05 19.02
CA ALA B 489 -0.76 -15.86 20.21
C ALA B 489 -2.11 -15.32 19.84
N LEU B 490 -3.12 -15.71 20.61
CA LEU B 490 -4.44 -15.12 20.47
C LEU B 490 -4.36 -13.72 21.07
N VAL B 491 -5.05 -12.76 20.47
CA VAL B 491 -5.12 -11.44 21.05
C VAL B 491 -6.56 -11.24 21.50
N THR B 492 -6.79 -11.41 22.81
CA THR B 492 -8.17 -11.54 23.32
C THR B 492 -8.60 -10.29 24.07
N GLY B 493 -9.75 -9.73 23.68
CA GLY B 493 -10.26 -8.53 24.31
C GLY B 493 -10.82 -8.76 25.70
N LYS B 494 -10.46 -7.88 26.62
CA LYS B 494 -10.91 -7.99 28.01
C LYS B 494 -12.44 -7.89 28.13
N GLN B 495 -13.03 -6.85 27.55
CA GLN B 495 -14.49 -6.61 27.67
C GLN B 495 -15.33 -7.69 27.01
N SER B 496 -14.97 -8.07 25.79
CA SER B 496 -15.74 -9.02 24.99
C SER B 496 -15.41 -10.50 25.24
N GLY B 497 -14.17 -10.78 25.63
CA GLY B 497 -13.69 -12.16 25.70
C GLY B 497 -13.50 -12.77 24.31
N ARG B 498 -13.47 -11.92 23.28
CA ARG B 498 -13.28 -12.35 21.89
C ARG B 498 -11.90 -12.01 21.33
N CYS B 499 -11.53 -12.64 20.23
CA CYS B 499 -10.18 -12.59 19.70
C CYS B 499 -10.06 -11.67 18.48
N ALA B 500 -8.89 -11.04 18.30
CA ALA B 500 -8.62 -10.29 17.08
C ALA B 500 -8.58 -11.32 15.93
N ASP B 501 -9.33 -11.03 14.86
CA ASP B 501 -9.74 -12.04 13.88
C ASP B 501 -9.81 -11.38 12.51
N ILE B 502 -9.34 -12.09 11.47
CA ILE B 502 -9.56 -11.61 10.11
C ILE B 502 -10.62 -12.51 9.47
N TYR B 503 -11.73 -11.89 9.05
CA TYR B 503 -12.92 -12.64 8.61
C TYR B 503 -12.65 -13.81 7.62
N ASN B 504 -13.11 -15.00 7.99
CA ASN B 504 -13.19 -16.14 7.05
C ASN B 504 -11.84 -16.50 6.39
N ASN B 505 -10.74 -16.26 7.10
CA ASN B 505 -9.39 -16.57 6.59
C ASN B 505 -9.03 -15.81 5.30
N THR B 506 -9.54 -14.59 5.20
CA THR B 506 -9.18 -13.66 4.11
C THR B 506 -7.74 -13.18 4.23
N ILE B 507 -7.06 -13.01 3.10
CA ILE B 507 -5.67 -12.56 3.10
C ILE B 507 -5.52 -11.19 2.41
N THR B 508 -6.60 -10.69 1.85
CA THR B 508 -6.56 -9.44 1.08
C THR B 508 -6.10 -8.22 1.88
N ASN B 509 -5.12 -7.51 1.32
CA ASN B 509 -4.70 -6.19 1.83
C ASN B 509 -5.93 -5.30 2.11
N GLY B 510 -5.95 -4.69 3.28
CA GLY B 510 -7.01 -3.76 3.66
C GLY B 510 -8.16 -4.38 4.43
N THR B 511 -8.09 -5.69 4.63
CA THR B 511 -9.15 -6.37 5.37
C THR B 511 -9.05 -5.94 6.83
N GLN B 512 -10.15 -5.41 7.37
CA GLN B 512 -10.14 -4.84 8.71
C GLN B 512 -10.32 -5.92 9.77
N ALA B 513 -9.49 -5.86 10.83
CA ALA B 513 -9.62 -6.77 11.97
C ALA B 513 -10.92 -6.55 12.71
N GLU B 514 -11.44 -7.62 13.31
CA GLU B 514 -12.71 -7.64 14.04
C GLU B 514 -12.58 -8.51 15.29
N LEU B 515 -13.53 -8.39 16.21
CA LEU B 515 -13.74 -9.38 17.24
C LEU B 515 -14.45 -10.60 16.64
N TRP B 516 -14.01 -11.78 17.06
CA TRP B 516 -14.72 -13.04 16.79
C TRP B 516 -14.50 -14.04 17.92
N ASP B 517 -15.48 -14.90 18.16
CA ASP B 517 -15.31 -16.05 19.06
C ASP B 517 -13.96 -16.69 18.84
N CYS B 518 -13.23 -16.88 19.94
CA CYS B 518 -11.90 -17.45 19.88
C CYS B 518 -11.96 -18.92 19.43
N ASN B 519 -11.18 -19.25 18.42
CA ASN B 519 -11.16 -20.62 17.88
C ASN B 519 -9.76 -21.15 17.57
N GLY B 520 -8.76 -20.26 17.60
CA GLY B 520 -7.37 -20.67 17.44
C GLY B 520 -6.93 -20.94 16.01
N GLY B 521 -7.75 -20.56 15.04
CA GLY B 521 -7.44 -20.75 13.63
C GLY B 521 -6.32 -19.84 13.20
N PRO B 522 -5.83 -20.01 11.95
CA PRO B 522 -4.67 -19.24 11.46
C PRO B 522 -4.99 -17.74 11.36
N ASN B 523 -6.27 -17.42 11.14
CA ASN B 523 -6.72 -16.04 11.07
C ASN B 523 -6.88 -15.37 12.45
N GLN B 524 -6.40 -16.04 13.51
CA GLN B 524 -6.44 -15.52 14.87
C GLN B 524 -5.10 -15.63 15.60
N SER B 525 -4.10 -16.17 14.92
CA SER B 525 -2.79 -16.47 15.52
C SER B 525 -1.74 -15.43 15.15
N TRP B 526 -1.53 -14.46 16.04
CA TRP B 526 -0.64 -13.32 15.76
C TRP B 526 0.74 -13.55 16.33
N THR B 527 1.77 -13.42 15.48
CA THR B 527 3.16 -13.58 15.90
C THR B 527 3.79 -12.22 16.10
N TYR B 528 4.23 -11.95 17.34
CA TYR B 528 4.86 -10.69 17.69
C TYR B 528 6.36 -10.79 17.43
N THR B 529 6.88 -9.94 16.55
CA THR B 529 8.27 -10.05 16.12
C THR B 529 9.17 -9.09 16.88
N SER B 530 10.48 -9.28 16.73
CA SER B 530 11.47 -8.41 17.37
C SER B 530 11.38 -7.02 16.78
N ARG B 531 10.73 -6.92 15.63
CA ARG B 531 10.49 -5.66 14.95
C ARG B 531 9.18 -4.99 15.42
N LYS B 532 8.53 -5.57 16.42
CA LYS B 532 7.28 -5.08 17.00
C LYS B 532 6.07 -5.23 16.08
N GLU B 533 6.20 -6.09 15.08
CA GLU B 533 5.09 -6.36 14.16
C GLU B 533 4.19 -7.42 14.77
N LEU B 534 2.91 -7.39 14.41
CA LEU B 534 2.00 -8.49 14.72
C LEU B 534 1.57 -9.14 13.40
N VAL B 535 2.08 -10.35 13.20
CA VAL B 535 2.03 -11.00 11.89
C VAL B 535 0.98 -12.12 11.85
N LEU B 536 0.18 -12.12 10.78
CA LEU B 536 -0.81 -13.14 10.55
C LEU B 536 -0.41 -13.96 9.31
N TYR B 537 -0.66 -15.26 9.36
CA TYR B 537 -0.40 -16.17 8.22
C TYR B 537 1.07 -16.25 7.84
N GLY B 538 1.95 -15.73 8.69
CA GLY B 538 3.38 -15.63 8.39
C GLY B 538 3.81 -14.51 7.44
N ASN B 539 2.86 -13.76 6.90
CA ASN B 539 3.20 -12.79 5.85
C ASN B 539 2.34 -11.53 5.75
N LYS B 540 1.45 -11.32 6.74
CA LYS B 540 0.60 -10.12 6.76
C LYS B 540 0.75 -9.39 8.08
N CYS B 541 0.87 -8.06 8.03
CA CYS B 541 1.11 -7.30 9.24
C CYS B 541 -0.14 -6.53 9.66
N LEU B 542 -0.45 -6.56 10.96
CA LEU B 542 -1.47 -5.69 11.55
C LEU B 542 -1.00 -4.26 11.35
N ASP B 543 -1.89 -3.41 10.87
CA ASP B 543 -1.49 -2.16 10.21
C ASP B 543 -2.54 -1.07 10.47
N ALA B 544 -2.08 0.10 10.92
CA ALA B 544 -2.99 1.25 11.06
C ALA B 544 -3.10 1.90 9.69
N TYR B 545 -4.28 1.79 9.09
CA TYR B 545 -4.48 2.00 7.68
C TYR B 545 -4.05 3.39 7.23
N ASN B 546 -3.27 3.40 6.15
CA ASN B 546 -2.71 4.62 5.56
C ASN B 546 -2.06 5.56 6.58
N LEU B 547 -1.39 4.95 7.56
CA LEU B 547 -0.72 5.64 8.65
C LEU B 547 -1.60 6.63 9.40
N GLY B 548 -2.87 6.27 9.62
CA GLY B 548 -3.82 7.16 10.28
C GLY B 548 -3.37 7.42 11.72
N THR B 549 -3.56 8.64 12.19
CA THR B 549 -3.09 9.01 13.52
C THR B 549 -4.22 9.58 14.37
N THR B 550 -5.46 9.48 13.89
CA THR B 550 -6.59 9.99 14.66
C THR B 550 -7.62 8.90 14.98
N ASN B 551 -8.44 9.18 15.98
CA ASN B 551 -9.53 8.32 16.42
C ASN B 551 -10.34 7.75 15.26
N GLY B 552 -10.48 6.43 15.24
CA GLY B 552 -11.27 5.76 14.23
C GLY B 552 -10.48 5.22 13.06
N THR B 553 -9.17 5.47 13.04
CA THR B 553 -8.32 4.88 12.00
C THR B 553 -8.53 3.37 12.00
N LYS B 554 -8.75 2.80 10.81
CA LYS B 554 -9.02 1.38 10.71
C LYS B 554 -7.77 0.57 10.95
N VAL B 555 -7.92 -0.54 11.66
CA VAL B 555 -6.78 -1.44 11.82
C VAL B 555 -7.03 -2.65 10.90
N VAL B 556 -6.09 -2.89 9.99
CA VAL B 556 -6.26 -3.85 8.89
C VAL B 556 -5.07 -4.80 8.85
N ILE B 557 -5.11 -5.81 7.98
CA ILE B 557 -3.89 -6.50 7.62
C ILE B 557 -3.35 -5.90 6.31
N TRP B 558 -2.03 -5.84 6.21
CA TRP B 558 -1.36 -5.37 5.02
C TRP B 558 -0.02 -6.12 4.88
N ASP B 559 0.50 -6.21 3.66
CA ASP B 559 1.86 -6.73 3.44
C ASP B 559 2.82 -5.95 4.33
N CYS B 560 3.73 -6.66 4.99
CA CYS B 560 4.66 -6.04 5.92
C CYS B 560 5.66 -5.16 5.19
N ASN B 561 5.84 -3.92 5.67
CA ASN B 561 6.64 -2.92 4.95
C ASN B 561 7.68 -2.20 5.80
N GLY B 562 7.83 -2.62 7.05
CA GLY B 562 8.81 -2.05 7.97
C GLY B 562 8.43 -0.69 8.54
N GLN B 563 7.24 -0.20 8.23
CA GLN B 563 6.81 1.14 8.69
C GLN B 563 6.32 1.20 10.14
N ALA B 564 6.35 2.41 10.71
CA ALA B 564 5.89 2.64 12.07
C ALA B 564 4.42 2.33 12.33
N ASN B 565 3.56 2.42 11.30
CA ASN B 565 2.13 2.11 11.47
C ASN B 565 1.90 0.61 11.55
N GLN B 566 2.96 -0.16 11.37
CA GLN B 566 2.87 -1.62 11.57
C GLN B 566 3.58 -2.05 12.85
N LYS B 567 3.99 -1.10 13.68
CA LYS B 567 4.71 -1.48 14.91
C LYS B 567 3.81 -1.27 16.11
N TRP B 568 3.90 -2.19 17.08
CA TRP B 568 2.97 -2.19 18.19
C TRP B 568 3.68 -2.42 19.51
N ASN B 569 3.28 -1.66 20.54
CA ASN B 569 3.76 -1.88 21.90
C ASN B 569 2.73 -2.64 22.72
N ILE B 570 3.15 -3.74 23.33
CA ILE B 570 2.31 -4.51 24.23
C ILE B 570 2.64 -4.05 25.65
N ASN B 571 1.74 -3.25 26.21
CA ASN B 571 2.03 -2.51 27.44
C ASN B 571 1.54 -3.19 28.71
N SER B 572 2.19 -2.85 29.82
CA SER B 572 1.94 -3.51 31.11
C SER B 572 0.50 -3.35 31.56
N ASP B 573 -0.12 -2.24 31.16
CA ASP B 573 -1.48 -1.94 31.60
C ASP B 573 -2.57 -2.67 30.78
N GLY B 574 -2.15 -3.53 29.85
CA GLY B 574 -3.10 -4.30 29.05
C GLY B 574 -3.43 -3.69 27.71
N THR B 575 -2.94 -2.47 27.47
CA THR B 575 -3.18 -1.83 26.17
C THR B 575 -2.20 -2.29 25.12
N ILE B 576 -2.62 -2.17 23.87
CA ILE B 576 -1.73 -2.42 22.74
C ILE B 576 -1.73 -1.15 21.88
N THR B 577 -0.58 -0.47 21.84
CA THR B 577 -0.52 0.83 21.15
C THR B 577 0.25 0.78 19.84
N ASN B 578 -0.23 1.57 18.89
CA ASN B 578 0.40 1.71 17.60
C ASN B 578 1.54 2.73 17.74
N VAL B 579 2.73 2.35 17.32
CA VAL B 579 3.91 3.20 17.51
C VAL B 579 3.77 4.54 16.80
N ASN B 580 3.15 4.54 15.61
CA ASN B 580 3.09 5.75 14.78
C ASN B 580 2.56 6.95 15.55
N ALA B 581 1.40 6.82 16.17
CA ALA B 581 0.87 7.98 16.93
C ALA B 581 0.42 7.66 18.35
N GLY B 582 0.73 6.45 18.81
CA GLY B 582 0.51 6.14 20.22
C GLY B 582 -0.93 5.88 20.61
N LEU B 583 -1.81 5.70 19.63
CA LEU B 583 -3.20 5.32 19.94
C LEU B 583 -3.31 3.83 20.26
N CYS B 584 -4.37 3.48 21.00
CA CYS B 584 -4.69 2.13 21.43
C CYS B 584 -5.54 1.33 20.42
N LEU B 585 -5.23 0.04 20.31
CA LEU B 585 -6.10 -0.93 19.63
C LEU B 585 -7.40 -1.01 20.42
N ASP B 586 -8.52 -0.87 19.71
CA ASP B 586 -9.81 -0.51 20.32
C ASP B 586 -10.94 -1.23 19.60
N ALA B 587 -11.83 -1.88 20.36
CA ALA B 587 -13.03 -2.50 19.80
C ALA B 587 -14.09 -1.40 19.73
N TYR B 588 -14.47 -1.06 18.50
CA TYR B 588 -15.16 0.17 18.20
C TYR B 588 -16.50 0.26 18.91
N ASN B 589 -16.67 1.39 19.60
CA ASN B 589 -17.87 1.68 20.39
C ASN B 589 -18.14 0.81 21.59
N ALA B 590 -17.11 0.12 22.05
CA ALA B 590 -17.22 -0.85 23.13
C ALA B 590 -18.25 -1.93 22.86
N ALA B 591 -18.47 -2.24 21.59
CA ALA B 591 -19.29 -3.40 21.24
C ALA B 591 -18.50 -4.68 21.47
N THR B 592 -19.22 -5.78 21.69
CA THR B 592 -18.59 -7.05 22.06
C THR B 592 -18.90 -8.20 21.10
N ALA B 593 -19.79 -7.97 20.14
CA ALA B 593 -20.32 -9.04 19.29
C ALA B 593 -19.32 -9.47 18.22
N ASN B 594 -19.51 -10.68 17.69
CA ASN B 594 -18.77 -11.10 16.51
C ASN B 594 -18.89 -10.03 15.44
N GLY B 595 -17.76 -9.63 14.86
CA GLY B 595 -17.79 -8.67 13.74
C GLY B 595 -17.54 -7.22 14.11
N THR B 596 -17.45 -6.94 15.42
CA THR B 596 -17.06 -5.62 15.91
C THR B 596 -15.69 -5.25 15.35
N SER B 597 -15.64 -4.09 14.68
CA SER B 597 -14.46 -3.59 14.02
C SER B 597 -13.39 -3.12 15.02
N LEU B 598 -12.13 -3.40 14.70
CA LEU B 598 -11.01 -2.87 15.47
C LEU B 598 -10.46 -1.62 14.82
N VAL B 599 -10.24 -0.60 15.64
CA VAL B 599 -9.77 0.71 15.19
C VAL B 599 -8.67 1.19 16.14
N LEU B 600 -8.09 2.34 15.83
CA LEU B 600 -7.26 3.05 16.79
C LEU B 600 -8.09 4.12 17.48
N TRP B 601 -7.85 4.31 18.76
CA TRP B 601 -8.54 5.35 19.52
C TRP B 601 -7.66 5.81 20.66
N SER B 602 -7.78 7.08 21.05
CA SER B 602 -6.98 7.62 22.16
C SER B 602 -7.15 6.71 23.39
N CYS B 603 -6.05 6.38 24.05
CA CYS B 603 -6.06 5.43 25.16
C CYS B 603 -6.78 6.00 26.39
N GLY B 604 -7.64 5.19 27.00
N GLY B 604 -7.63 5.18 27.01
CA GLY B 604 -8.28 5.54 28.26
CA GLY B 604 -8.24 5.51 28.30
C GLY B 604 -8.12 4.38 29.21
C GLY B 604 -9.77 5.53 28.36
N THR B 605 -9.18 4.07 29.95
N THR B 605 -10.43 4.77 27.48
CA THR B 605 -9.15 2.94 30.86
CA THR B 605 -11.89 4.85 27.42
C THR B 605 -10.16 1.88 30.44
C THR B 605 -12.57 3.66 28.07
N GLY B 606 -10.94 2.20 29.40
N GLY B 606 -11.83 2.58 28.29
CA GLY B 606 -12.02 1.33 28.94
CA GLY B 606 -12.44 1.34 28.78
C GLY B 606 -11.53 -0.07 28.65
C GLY B 606 -11.81 0.00 28.39
N ASP B 607 -12.36 -1.07 28.94
CA ASP B 607 -11.90 -2.45 28.76
C ASP B 607 -11.97 -2.94 27.31
N ASN B 608 -12.62 -2.17 26.42
CA ASN B 608 -12.54 -2.41 24.98
C ASN B 608 -11.16 -2.07 24.38
N GLN B 609 -10.24 -1.61 25.24
CA GLN B 609 -8.88 -1.27 24.85
C GLN B 609 -7.87 -2.14 25.60
N LYS B 610 -8.36 -3.13 26.34
CA LYS B 610 -7.49 -4.00 27.11
C LYS B 610 -7.47 -5.36 26.45
N TRP B 611 -6.30 -5.99 26.44
CA TRP B 611 -6.12 -7.19 25.69
C TRP B 611 -5.22 -8.16 26.44
N THR B 612 -5.45 -9.44 26.21
CA THR B 612 -4.56 -10.48 26.70
C THR B 612 -3.92 -11.11 25.48
N VAL B 613 -2.62 -11.35 25.60
CA VAL B 613 -1.89 -12.12 24.61
C VAL B 613 -1.83 -13.56 25.13
N THR B 614 -2.44 -14.50 24.39
CA THR B 614 -2.48 -15.90 24.81
C THR B 614 -1.74 -16.83 23.85
C1 ARA C . -2.00 18.49 17.43
C2 ARA C . -1.29 19.46 16.49
C3 ARA C . 0.17 19.61 16.93
C4 ARA C . 0.17 20.13 18.38
C5 ARA C . -0.64 19.19 19.27
O1 ARA C . -3.34 18.30 16.99
O2 ARA C . -1.42 19.04 15.15
O3 ARA C . 0.87 20.52 16.10
O4 ARA C . -0.46 21.40 18.34
O5 ARA C . -1.96 19.01 18.75
C1 ARA D . -13.81 20.30 -7.88
C2 ARA D . -12.73 20.13 -8.95
C3 ARA D . -13.25 19.25 -10.10
C4 ARA D . -13.84 17.95 -9.54
C5 ARA D . -14.85 18.25 -8.44
O1 ARA D . -13.18 20.92 -6.79
O2 ARA D . -12.29 21.39 -9.44
O3 ARA D . -12.19 18.96 -11.00
O4 ARA D . -12.84 17.11 -9.00
O5 ARA D . -14.28 19.02 -7.43
C1 ARA E . -1.28 -2.37 -2.72
C2 ARA E . -0.53 -2.14 -4.04
C3 ARA E . -0.57 -0.65 -4.42
C4 ARA E . -2.01 -0.13 -4.42
C5 ARA E . -2.63 -0.46 -3.06
O1 ARA E . -1.33 -3.76 -2.46
O2 ARA E . 0.81 -2.55 -3.89
O3 ARA E . 0.03 -0.42 -5.68
O4 ARA E . -2.74 -0.78 -5.45
O5 ARA E . -2.61 -1.86 -2.78
C1 ARA F . -19.95 -2.52 -19.80
C2 ARA F . -19.01 -1.73 -20.71
C3 ARA F . -17.56 -1.99 -20.31
C4 ARA F . -17.35 -1.70 -18.82
C5 ARA F . -18.43 -2.43 -17.99
O1 ARA F . -21.29 -2.26 -20.16
O2 ARA F . -19.18 -2.19 -22.03
O3 ARA F . -16.70 -1.24 -21.13
O4 ARA F . -17.42 -0.31 -18.56
O5 ARA F . -19.74 -2.13 -18.46
C1 ARA G . -19.01 12.75 -4.17
C2 ARA G . -17.94 11.67 -4.31
C3 ARA G . -17.07 11.88 -5.56
C4 ARA G . -17.84 12.42 -6.79
C5 ARA G . -19.03 13.33 -6.46
O1 ARA G . -19.86 12.44 -3.08
O2 ARA G . -17.09 11.64 -3.19
O3 ARA G . -16.42 10.65 -5.82
O4 ARA G . -18.31 11.37 -7.59
O5 ARA G . -19.77 12.81 -5.36
C1 GOL H . 8.48 8.35 -9.21
O1 GOL H . 8.89 7.39 -10.16
C2 GOL H . 7.50 9.29 -9.88
O2 GOL H . 8.10 9.93 -10.99
C3 GOL H . 6.89 10.32 -8.93
O3 GOL H . 7.68 10.56 -7.79
C1 GOL I . 6.10 54.35 -7.34
O1 GOL I . 6.53 53.00 -7.38
C2 GOL I . 4.96 54.42 -6.34
O2 GOL I . 3.88 53.64 -6.80
C3 GOL I . 4.52 55.86 -6.21
O3 GOL I . 3.59 55.93 -5.16
C1 GOL J . -7.45 24.58 -5.08
O1 GOL J . -6.76 23.56 -4.36
C2 GOL J . -6.85 25.96 -4.78
O2 GOL J . -7.79 26.73 -4.06
C3 GOL J . -6.45 26.73 -6.04
O3 GOL J . -7.35 26.71 -7.14
C1 GOL K . 18.21 13.01 -13.16
O1 GOL K . 19.15 14.04 -13.16
C2 GOL K . 17.26 13.21 -11.97
O2 GOL K . 16.39 12.12 -11.84
C3 GOL K . 16.46 14.52 -12.09
O3 GOL K . 15.68 14.47 -13.26
C1 GOL L . 24.00 19.63 -17.25
O1 GOL L . 24.83 19.96 -16.15
C2 GOL L . 24.02 20.75 -18.26
O2 GOL L . 23.00 20.55 -19.20
C3 GOL L . 25.38 20.79 -18.93
O3 GOL L . 25.29 21.38 -20.21
C1 GOL M . -3.06 13.55 15.75
O1 GOL M . -2.68 13.65 14.40
C2 GOL M . -3.86 14.80 16.08
O2 GOL M . -3.06 15.90 15.74
C3 GOL M . -4.21 14.78 17.55
O3 GOL M . -3.78 15.92 18.26
C1 GOL N . -5.85 40.49 9.37
O1 GOL N . -6.25 39.95 8.12
C2 GOL N . -6.40 39.58 10.46
O2 GOL N . -7.80 39.51 10.28
C3 GOL N . -6.09 40.07 11.88
O3 GOL N . -4.89 40.82 11.96
C1 GOL O . 4.73 8.18 6.11
O1 GOL O . 5.76 7.93 5.18
C2 GOL O . 5.16 9.22 7.15
O2 GOL O . 6.07 8.65 8.07
C3 GOL O . 3.96 9.80 7.92
O3 GOL O . 2.82 9.96 7.12
C1 GOL P . -11.86 25.21 -21.02
O1 GOL P . -12.53 25.05 -19.79
C2 GOL P . -10.73 24.19 -21.15
O2 GOL P . -9.55 24.86 -21.52
C3 GOL P . -10.51 23.42 -19.84
O3 GOL P . -9.91 22.16 -20.09
C1 GOL Q . 2.19 52.70 -13.65
O1 GOL Q . 0.87 53.20 -13.62
C2 GOL Q . 3.17 53.76 -14.15
O2 GOL Q . 4.48 53.37 -13.78
C3 GOL Q . 2.85 55.11 -13.53
O3 GOL Q . 3.93 55.99 -13.75
C2 1PG R . 2.26 30.02 -25.42
O1 1PG R . 2.51 29.28 -26.62
O2 1PG R . 1.79 32.39 -25.25
C3 1PG R . 2.81 31.43 -25.54
C4 1PG R . 1.92 33.57 -26.06
C5 1PG R . 0.54 34.08 -26.45
O3 1PG R . -0.23 33.07 -27.11
C6 1PG R . -1.41 33.66 -27.69
C7 1PG R . -1.79 33.02 -29.03
O4 1PG R . -0.71 32.26 -29.58
C8 1PG R . -1.15 31.47 -30.70
C9 1PG R . 0.06 31.03 -31.54
O5 1PG R . 0.73 29.90 -30.98
C10 1PG R . 2.09 29.88 -31.42
C11 1PG R . 3.03 29.41 -30.33
O6 1PG R . 2.51 28.21 -29.75
C2 1PG S . 6.98 7.43 25.60
O1 1PG S . 8.41 7.35 25.55
O2 1PG S . 6.79 6.07 23.60
C3 1PG S . 6.39 6.17 24.96
C4 1PG S . 5.83 5.35 22.82
C5 1PG S . 5.94 5.77 21.35
O3 1PG S . 5.28 7.02 21.16
C6 1PG S . 4.06 6.89 20.43
C7 1PG S . 3.53 8.27 20.06
O4 1PG S . 2.91 8.87 21.19
C8 1PG S . 1.97 9.90 20.87
C9 1PG S . 0.89 9.97 21.93
O5 1PG S . 1.49 9.93 23.21
C10 1PG S . 0.53 9.92 24.27
C11 1PG S . 1.25 9.61 25.58
O6 1PG S . 0.50 10.20 26.66
S SO4 T . 26.54 24.45 -21.26
O1 SO4 T . 25.43 23.95 -22.08
O2 SO4 T . 26.51 23.82 -19.92
O3 SO4 T . 27.81 24.06 -21.89
O4 SO4 T . 26.48 25.89 -21.15
S SO4 U . -10.60 50.15 -8.19
O1 SO4 U . -10.52 49.53 -9.50
O2 SO4 U . -11.68 49.54 -7.40
O3 SO4 U . -9.30 49.98 -7.55
O4 SO4 U . -10.88 51.57 -8.34
C1 ARA V . -7.18 -17.67 -16.74
C2 ARA V . -6.46 -18.74 -15.93
C3 ARA V . -5.14 -19.07 -16.64
C4 ARA V . -5.52 -19.62 -18.01
C5 ARA V . -6.33 -18.58 -18.77
O1 ARA V . -8.37 -17.27 -16.09
O2 ARA V . -6.19 -18.31 -14.60
O3 ARA V . -4.37 -19.99 -15.90
O4 ARA V . -6.31 -20.80 -17.85
O5 ARA V . -7.48 -18.14 -18.05
C1 ARA W . -14.97 -18.24 10.00
C2 ARA W . -13.70 -18.14 10.82
C3 ARA W . -13.95 -17.20 12.00
C4 ARA W . -14.36 -15.83 11.47
C5 ARA W . -15.54 -15.96 10.51
O1 ARA W . -14.71 -19.05 8.90
O2 ARA W . -13.21 -19.40 11.24
O3 ARA W . -12.77 -17.13 12.78
O4 ARA W . -13.24 -15.21 10.85
O5 ARA W . -15.29 -16.94 9.49
C1 ARA X . -0.46 2.69 2.82
C2 ARA X . 0.43 2.32 4.02
C3 ARA X . 0.26 0.84 4.34
C4 ARA X . -1.22 0.52 4.56
C5 ARA X . -2.04 1.01 3.34
O1 ARA X . -0.32 4.07 2.58
O2 ARA X . 1.78 2.60 3.74
O3 ARA X . 1.05 0.49 5.47
O4 ARA X . -1.70 1.18 5.71
O5 ARA X . -1.81 2.39 3.10
C1 ARA Y . -16.53 5.03 21.96
C2 ARA Y . -15.56 4.17 22.81
C3 ARA Y . -14.12 4.29 22.31
C4 ARA Y . -14.05 4.02 20.81
C5 ARA Y . -15.06 4.89 20.05
O1 ARA Y . -17.85 4.70 22.32
O2 ARA Y . -15.64 4.51 24.17
O3 ARA Y . -13.23 3.42 23.00
O4 ARA Y . -14.32 2.65 20.56
O5 ARA Y . -16.37 4.76 20.58
C1 GOL Z . 18.54 -15.35 10.23
O1 GOL Z . 19.34 -16.51 10.05
C2 GOL Z . 17.36 -15.33 9.25
O2 GOL Z . 16.57 -14.18 9.41
C3 GOL Z . 16.47 -16.56 9.40
O3 GOL Z . 15.67 -16.43 10.54
C1 GOL AA . 21.79 -26.95 -24.57
O1 GOL AA . 20.70 -27.78 -24.32
C2 GOL AA . 22.77 -26.98 -23.41
O2 GOL AA . 23.47 -28.20 -23.39
C3 GOL AA . 22.04 -26.75 -22.09
O3 GOL AA . 22.02 -25.38 -21.77
C1 GOL BA . 6.61 -11.02 7.84
O1 GOL BA . 6.85 -11.43 6.52
C2 GOL BA . 7.95 -10.59 8.43
O2 GOL BA . 7.89 -10.65 9.83
C3 GOL BA . 8.35 -9.20 7.89
O3 GOL BA . 9.25 -8.56 8.78
C1 GOL CA . -2.55 -27.71 -38.10
O1 GOL CA . -3.04 -26.41 -37.86
C2 GOL CA . -3.47 -28.70 -37.40
O2 GOL CA . -3.47 -28.49 -36.01
C3 GOL CA . -3.00 -30.12 -37.69
O3 GOL CA . -3.41 -30.45 -39.01
C1 GOL DA . -7.98 -37.59 -2.33
O1 GOL DA . -6.73 -37.87 -1.77
C2 GOL DA . -7.89 -36.74 -3.60
O2 GOL DA . -6.61 -36.72 -4.22
C3 GOL DA . -8.94 -37.27 -4.58
O3 GOL DA . -9.64 -36.15 -5.09
C1 GOL EA . -9.06 -13.92 -16.24
O1 GOL EA . -8.64 -14.77 -17.29
C2 GOL EA . -8.16 -13.97 -15.00
O2 GOL EA . -7.24 -15.04 -15.01
C3 GOL EA . -7.38 -12.67 -14.88
O3 GOL EA . -6.71 -12.72 -13.64
C1 GOL FA . -23.42 -6.98 -13.80
O1 GOL FA . -24.31 -8.03 -14.12
C2 GOL FA . -23.07 -6.95 -12.31
O2 GOL FA . -24.10 -7.55 -11.52
C3 GOL FA . -22.98 -5.51 -11.89
O3 GOL FA . -24.28 -4.97 -11.92
C1 GOL GA . 11.56 -9.63 -12.10
O1 GOL GA . 12.25 -10.79 -11.67
C2 GOL GA . 11.59 -8.56 -11.03
O2 GOL GA . 10.89 -9.02 -9.91
C3 GOL GA . 10.89 -7.34 -11.59
O3 GOL GA . 9.49 -7.46 -11.38
N1 EPE HA . 15.76 -31.75 -23.79
C2 EPE HA . 15.96 -32.57 -25.02
C3 EPE HA . 14.79 -32.36 -25.99
N4 EPE HA . 14.51 -30.93 -26.22
C5 EPE HA . 14.58 -30.02 -25.09
C6 EPE HA . 15.71 -30.31 -24.10
C7 EPE HA . 13.71 -30.49 -27.35
C8 EPE HA . 13.30 -31.57 -28.33
O8 EPE HA . 12.46 -30.96 -29.28
C9 EPE HA . 16.88 -31.92 -22.85
C10 EPE HA . 16.85 -33.28 -22.16
S EPE HA . 18.31 -33.50 -21.13
O1S EPE HA . 18.40 -32.46 -20.11
O2S EPE HA . 18.22 -34.82 -20.50
O3S EPE HA . 19.51 -33.39 -21.96
C2 1PG IA . -7.44 -38.40 -38.87
O1 1PG IA . -6.66 -39.16 -39.81
O2 1PG IA . -6.24 -37.05 -37.29
C3 1PG IA . -6.72 -38.36 -37.54
C4 1PG IA . -5.06 -37.05 -36.50
C5 1PG IA . -4.34 -35.72 -36.66
O3 1PG IA . -4.19 -35.38 -38.05
C6 1PG IA . -2.99 -34.67 -38.30
C7 1PG IA . -3.06 -33.99 -39.67
O4 1PG IA . -3.61 -34.87 -40.64
C8 1PG IA . -2.72 -35.12 -41.73
C9 1PG IA . -3.42 -35.94 -42.80
O5 1PG IA . -3.09 -37.33 -42.66
C10 1PG IA . -2.01 -37.73 -43.50
C11 1PG IA . -1.09 -38.67 -42.73
O6 1PG IA . -1.87 -39.74 -42.20
C2 1PG JA . -22.15 4.16 16.49
O1 1PG JA . -23.45 4.58 16.07
O2 1PG JA . -20.20 5.54 16.61
C3 1PG JA . -21.48 5.32 17.19
C4 1PG JA . -19.14 5.67 17.55
C5 1PG JA . -18.85 7.11 17.92
O3 1PG JA . -17.51 7.26 18.37
C6 1PG JA . -17.12 8.65 18.37
C7 1PG JA . -17.01 9.17 16.94
O4 1PG JA . -16.59 10.53 16.90
C8 1PG JA . -16.35 10.97 15.55
C9 1PG JA . -14.99 10.49 15.10
O5 1PG JA . -14.97 10.40 13.69
C10 1PG JA . -13.72 9.91 13.19
C11 1PG JA . -13.75 8.40 12.97
O6 1PG JA . -14.88 8.04 12.16
S SO4 KA . -18.37 -43.15 5.39
O1 SO4 KA . -19.37 -43.36 4.35
O2 SO4 KA . -18.65 -44.03 6.52
O3 SO4 KA . -17.05 -43.46 4.84
O4 SO4 KA . -18.45 -41.76 5.83
#